data_2KQ1
#
_entry.id   2KQ1
#
_entity_poly.entity_id   1
_entity_poly.type   'polypeptide(L)'
_entity_poly.pdbx_seq_one_letter_code
;MPTFDHGNLSLGELELTVLYDEERYDIVEQTETVQVDLEGPRGVLTVFRFARPSYEVFVDLTEAGEGSHTVDVEHRGFPG
DLAVTVEPRMARVQLEERQTVSVPVTVEMINLEHHHHHH
;
_entity_poly.pdbx_strand_id   A
#
# COMPACT_ATOMS: atom_id res chain seq x y z
N MET A 1 -3.54 -8.44 -40.12
CA MET A 1 -2.87 -8.97 -38.92
C MET A 1 -3.09 -8.03 -37.74
N PRO A 2 -3.41 -8.57 -36.56
CA PRO A 2 -3.63 -7.76 -35.36
C PRO A 2 -2.31 -7.35 -34.71
N THR A 3 -2.33 -6.30 -33.92
CA THR A 3 -1.15 -5.88 -33.21
C THR A 3 -1.50 -5.35 -31.83
N PHE A 4 -0.62 -5.61 -30.89
CA PHE A 4 -0.79 -5.18 -29.54
C PHE A 4 0.49 -4.52 -29.04
N ASP A 5 0.37 -3.47 -28.27
CA ASP A 5 1.51 -2.79 -27.71
C ASP A 5 1.59 -3.07 -26.22
N HIS A 6 1.92 -4.31 -25.88
CA HIS A 6 1.96 -4.79 -24.51
C HIS A 6 0.56 -4.72 -23.88
N GLY A 7 0.51 -4.82 -22.57
CA GLY A 7 -0.74 -4.66 -21.87
C GLY A 7 -0.55 -3.97 -20.54
N ASN A 8 -1.59 -3.33 -20.06
CA ASN A 8 -1.54 -2.65 -18.77
C ASN A 8 -2.91 -2.65 -18.10
N LEU A 9 -2.90 -2.76 -16.79
CA LEU A 9 -4.12 -2.80 -16.01
C LEU A 9 -3.87 -2.16 -14.65
N SER A 10 -4.72 -1.21 -14.30
CA SER A 10 -4.64 -0.58 -13.00
C SER A 10 -5.30 -1.46 -11.94
N LEU A 11 -4.59 -1.71 -10.84
CA LEU A 11 -5.13 -2.52 -9.76
C LEU A 11 -6.03 -1.66 -8.88
N GLY A 12 -5.83 -0.34 -8.96
CA GLY A 12 -6.65 0.57 -8.20
C GLY A 12 -5.87 1.23 -7.07
N GLU A 13 -6.57 1.99 -6.25
CA GLU A 13 -5.95 2.63 -5.11
C GLU A 13 -6.09 1.75 -3.87
N LEU A 14 -4.97 1.35 -3.31
CA LEU A 14 -4.96 0.42 -2.19
C LEU A 14 -4.86 1.15 -0.86
N GLU A 15 -5.38 0.50 0.18
CA GLU A 15 -5.28 1.01 1.53
C GLU A 15 -3.86 0.86 2.04
N LEU A 16 -3.32 1.90 2.66
CA LEU A 16 -1.97 1.85 3.19
C LEU A 16 -1.99 1.20 4.57
N THR A 17 -1.42 0.01 4.65
CA THR A 17 -1.40 -0.73 5.90
C THR A 17 -0.08 -0.52 6.64
N VAL A 18 -0.18 -0.02 7.86
CA VAL A 18 0.99 0.19 8.69
C VAL A 18 1.02 -0.84 9.80
N LEU A 19 2.10 -1.62 9.84
CA LEU A 19 2.25 -2.65 10.85
C LEU A 19 2.96 -2.11 12.08
N TYR A 20 2.28 -2.14 13.20
CA TYR A 20 2.82 -1.66 14.46
C TYR A 20 2.12 -2.36 15.61
N ASP A 21 2.50 -2.03 16.83
CA ASP A 21 1.85 -2.58 18.01
C ASP A 21 1.37 -1.43 18.89
N GLU A 22 0.30 -1.68 19.65
CA GLU A 22 -0.37 -0.62 20.39
C GLU A 22 0.30 -0.33 21.73
N GLU A 23 1.41 -0.99 21.99
CA GLU A 23 2.19 -0.73 23.18
C GLU A 23 3.35 0.20 22.84
N ARG A 24 3.52 0.47 21.56
CA ARG A 24 4.66 1.26 21.09
C ARG A 24 4.25 2.70 20.85
N TYR A 25 3.61 2.96 19.72
CA TYR A 25 3.24 4.32 19.33
C TYR A 25 1.88 4.32 18.68
N ASP A 26 1.40 5.52 18.37
CA ASP A 26 0.13 5.68 17.66
C ASP A 26 0.36 6.46 16.37
N ILE A 27 -0.59 6.37 15.46
CA ILE A 27 -0.45 6.99 14.16
C ILE A 27 -0.93 8.44 14.20
N VAL A 28 0.01 9.36 14.02
CA VAL A 28 -0.33 10.77 13.94
C VAL A 28 -0.52 11.18 12.48
N GLU A 29 0.43 10.79 11.64
CA GLU A 29 0.39 11.09 10.22
C GLU A 29 0.74 9.85 9.42
N GLN A 30 0.22 9.79 8.19
CA GLN A 30 0.51 8.69 7.28
C GLN A 30 -0.04 9.03 5.89
N THR A 31 0.11 8.09 4.97
CA THR A 31 -0.51 8.21 3.66
C THR A 31 -1.88 7.54 3.65
N GLU A 32 -2.82 8.14 2.96
CA GLU A 32 -4.18 7.60 2.89
C GLU A 32 -4.25 6.42 1.93
N THR A 33 -3.99 6.68 0.65
CA THR A 33 -4.12 5.67 -0.39
C THR A 33 -3.01 5.79 -1.42
N VAL A 34 -2.60 4.68 -1.99
CA VAL A 34 -1.63 4.68 -3.08
C VAL A 34 -2.15 3.85 -4.25
N GLN A 35 -1.78 4.23 -5.46
CA GLN A 35 -2.28 3.55 -6.65
C GLN A 35 -1.20 2.65 -7.24
N VAL A 36 -1.60 1.47 -7.67
CA VAL A 36 -0.67 0.54 -8.28
C VAL A 36 -1.15 0.13 -9.68
N ASP A 37 -0.29 0.35 -10.65
CA ASP A 37 -0.58 0.05 -12.04
C ASP A 37 0.39 -1.03 -12.52
N LEU A 38 -0.10 -1.97 -13.31
CA LEU A 38 0.75 -3.03 -13.83
C LEU A 38 0.77 -3.01 -15.35
N GLU A 39 1.96 -2.92 -15.92
CA GLU A 39 2.13 -3.10 -17.36
C GLU A 39 3.00 -4.31 -17.59
N GLY A 40 2.84 -4.89 -18.75
CA GLY A 40 3.58 -6.08 -19.08
C GLY A 40 2.89 -6.94 -20.13
N PRO A 41 3.16 -8.25 -20.12
CA PRO A 41 2.60 -9.19 -21.11
C PRO A 41 1.10 -9.38 -20.98
N ARG A 42 0.42 -9.35 -22.12
CA ARG A 42 -1.02 -9.60 -22.20
C ARG A 42 -1.41 -10.90 -21.50
N GLY A 43 -0.62 -11.94 -21.73
CA GLY A 43 -0.92 -13.25 -21.19
C GLY A 43 -1.02 -13.27 -19.67
N VAL A 44 -0.06 -12.61 -19.01
CA VAL A 44 -0.02 -12.59 -17.56
C VAL A 44 -1.23 -11.87 -16.98
N LEU A 45 -1.63 -10.79 -17.64
CA LEU A 45 -2.80 -10.01 -17.22
C LEU A 45 -4.04 -10.87 -17.25
N THR A 46 -4.11 -11.79 -18.22
CA THR A 46 -5.25 -12.68 -18.35
C THR A 46 -5.27 -13.67 -17.19
N VAL A 47 -4.10 -14.21 -16.85
CA VAL A 47 -3.98 -15.18 -15.78
C VAL A 47 -4.39 -14.57 -14.44
N PHE A 48 -3.85 -13.39 -14.16
CA PHE A 48 -4.15 -12.70 -12.90
C PHE A 48 -5.62 -12.32 -12.82
N ARG A 49 -6.22 -12.06 -13.98
CA ARG A 49 -7.62 -11.66 -14.05
C ARG A 49 -8.58 -12.77 -13.59
N PHE A 50 -8.07 -13.99 -13.49
CA PHE A 50 -8.87 -15.11 -13.01
C PHE A 50 -9.03 -15.06 -11.49
N ALA A 51 -8.08 -14.41 -10.83
CA ALA A 51 -8.10 -14.32 -9.38
C ALA A 51 -8.64 -12.99 -8.92
N ARG A 52 -9.56 -13.02 -7.97
CA ARG A 52 -10.10 -11.82 -7.38
C ARG A 52 -9.04 -11.11 -6.54
N PRO A 53 -9.18 -9.78 -6.37
CA PRO A 53 -8.21 -8.96 -5.63
C PRO A 53 -7.84 -9.52 -4.26
N SER A 54 -6.55 -9.73 -4.09
CA SER A 54 -6.00 -10.17 -2.83
C SER A 54 -4.66 -9.47 -2.58
N TYR A 55 -4.48 -8.35 -3.26
CA TYR A 55 -3.23 -7.61 -3.20
C TYR A 55 -3.30 -6.50 -2.16
N GLU A 56 -2.24 -6.34 -1.39
CA GLU A 56 -2.21 -5.38 -0.31
C GLU A 56 -0.83 -4.73 -0.20
N VAL A 57 -0.80 -3.48 0.24
CA VAL A 57 0.46 -2.78 0.46
C VAL A 57 0.61 -2.44 1.95
N PHE A 58 1.75 -2.82 2.51
CA PHE A 58 1.96 -2.67 3.94
C PHE A 58 3.43 -2.44 4.24
N VAL A 59 3.70 -1.83 5.39
CA VAL A 59 5.07 -1.65 5.86
C VAL A 59 5.12 -1.90 7.37
N ASP A 60 6.13 -2.63 7.80
CA ASP A 60 6.33 -2.91 9.22
C ASP A 60 7.18 -1.82 9.83
N LEU A 61 6.57 -1.01 10.68
CA LEU A 61 7.23 0.18 11.22
C LEU A 61 7.33 0.10 12.73
N THR A 62 7.45 -1.10 13.24
CA THR A 62 7.58 -1.32 14.68
C THR A 62 8.94 -0.85 15.20
N GLU A 63 9.83 -0.48 14.29
CA GLU A 63 11.14 0.04 14.64
C GLU A 63 11.10 1.57 14.75
N ALA A 64 10.11 2.17 14.13
CA ALA A 64 10.04 3.63 14.06
C ALA A 64 9.51 4.21 15.36
N GLY A 65 10.08 5.34 15.76
CA GLY A 65 9.65 6.01 16.96
C GLY A 65 9.07 7.36 16.66
N GLU A 66 9.34 8.32 17.53
CA GLU A 66 8.76 9.65 17.43
C GLU A 66 9.31 10.41 16.24
N GLY A 67 8.49 11.29 15.69
CA GLY A 67 8.89 12.05 14.52
C GLY A 67 8.30 11.46 13.26
N SER A 68 8.47 12.15 12.15
CA SER A 68 7.98 11.65 10.88
C SER A 68 9.08 10.91 10.17
N HIS A 69 8.73 9.77 9.63
CA HIS A 69 9.68 8.92 8.94
C HIS A 69 9.13 8.50 7.59
N THR A 70 9.98 8.48 6.58
CA THR A 70 9.57 8.04 5.27
C THR A 70 10.15 6.65 4.97
N VAL A 71 9.33 5.79 4.40
CA VAL A 71 9.74 4.46 4.03
C VAL A 71 9.15 4.08 2.68
N ASP A 72 9.75 3.11 2.03
CA ASP A 72 9.24 2.61 0.77
C ASP A 72 8.19 1.53 1.05
N VAL A 73 7.07 1.64 0.36
CA VAL A 73 5.95 0.73 0.57
C VAL A 73 6.21 -0.63 -0.07
N GLU A 74 6.04 -1.69 0.71
CA GLU A 74 6.27 -3.04 0.25
C GLU A 74 5.02 -3.60 -0.41
N HIS A 75 5.21 -4.54 -1.32
CA HIS A 75 4.08 -5.05 -2.09
C HIS A 75 3.91 -6.54 -1.83
N ARG A 76 2.67 -6.99 -1.90
CA ARG A 76 2.34 -8.39 -1.61
C ARG A 76 0.99 -8.73 -2.25
N GLY A 77 0.76 -10.01 -2.49
CA GLY A 77 -0.52 -10.45 -3.00
C GLY A 77 -0.49 -10.74 -4.49
N PHE A 78 -0.22 -9.71 -5.27
CA PHE A 78 -0.12 -9.86 -6.72
C PHE A 78 1.29 -10.27 -7.11
N PRO A 79 1.43 -11.11 -8.14
CA PRO A 79 2.74 -11.51 -8.66
C PRO A 79 3.45 -10.35 -9.34
N GLY A 80 4.48 -9.85 -8.68
CA GLY A 80 5.21 -8.71 -9.20
C GLY A 80 6.19 -9.08 -10.30
N ASP A 81 5.70 -9.83 -11.27
CA ASP A 81 6.50 -10.23 -12.43
C ASP A 81 6.48 -9.14 -13.48
N LEU A 82 5.37 -8.41 -13.52
CA LEU A 82 5.18 -7.35 -14.50
C LEU A 82 5.88 -6.07 -14.04
N ALA A 83 5.72 -5.00 -14.80
CA ALA A 83 6.26 -3.72 -14.40
C ALA A 83 5.32 -3.07 -13.40
N VAL A 84 5.78 -2.92 -12.17
CA VAL A 84 4.93 -2.42 -11.11
C VAL A 84 5.07 -0.91 -10.99
N THR A 85 4.02 -0.20 -11.36
CA THR A 85 4.02 1.24 -11.31
C THR A 85 3.21 1.67 -10.10
N VAL A 86 3.73 2.60 -9.34
CA VAL A 86 3.09 2.99 -8.10
C VAL A 86 3.04 4.50 -8.00
N GLU A 87 1.95 4.99 -7.44
CA GLU A 87 1.84 6.39 -7.10
C GLU A 87 2.07 6.47 -5.61
N PRO A 88 2.63 7.59 -5.16
CA PRO A 88 3.72 7.63 -4.22
C PRO A 88 4.09 6.30 -3.58
N ARG A 89 5.37 5.99 -3.68
CA ARG A 89 5.90 4.71 -3.21
C ARG A 89 6.67 4.94 -1.92
N MET A 90 6.95 6.20 -1.66
CA MET A 90 7.56 6.61 -0.44
C MET A 90 6.49 7.28 0.41
N ALA A 91 6.31 6.79 1.61
CA ALA A 91 5.24 7.25 2.43
C ALA A 91 5.77 7.91 3.68
N ARG A 92 5.02 8.86 4.20
CA ARG A 92 5.40 9.56 5.40
C ARG A 92 4.55 9.05 6.56
N VAL A 93 5.19 8.58 7.60
CA VAL A 93 4.49 8.08 8.77
C VAL A 93 5.06 8.70 10.02
N GLN A 94 4.21 9.35 10.78
CA GLN A 94 4.63 9.93 12.05
C GLN A 94 4.08 9.10 13.19
N LEU A 95 4.98 8.55 13.99
CA LEU A 95 4.60 7.77 15.14
C LEU A 95 4.95 8.54 16.40
N GLU A 96 3.99 8.66 17.27
CA GLU A 96 4.15 9.46 18.47
C GLU A 96 3.29 8.87 19.57
N GLU A 97 3.76 8.96 20.81
CA GLU A 97 3.03 8.41 21.96
C GLU A 97 1.52 8.65 21.81
N ARG A 98 0.76 7.56 21.98
CA ARG A 98 -0.63 7.50 21.55
C ARG A 98 -1.48 8.64 22.08
N GLN A 99 -2.46 9.00 21.26
CA GLN A 99 -3.38 10.07 21.59
C GLN A 99 -4.81 9.56 21.38
N THR A 100 -5.25 9.59 20.12
CA THR A 100 -6.58 9.09 19.72
C THR A 100 -6.70 9.06 18.21
N VAL A 101 -6.39 7.93 17.61
CA VAL A 101 -6.42 7.79 16.16
C VAL A 101 -7.83 7.44 15.68
N SER A 102 -8.18 7.94 14.50
CA SER A 102 -9.44 7.60 13.87
C SER A 102 -9.17 6.94 12.52
N VAL A 103 -10.02 6.00 12.12
CA VAL A 103 -9.80 5.25 10.89
C VAL A 103 -10.56 5.87 9.71
N PRO A 104 -9.82 6.47 8.76
CA PRO A 104 -10.38 7.01 7.54
C PRO A 104 -10.26 6.02 6.40
N VAL A 105 -10.93 4.89 6.54
CA VAL A 105 -10.84 3.81 5.58
C VAL A 105 -11.86 3.97 4.44
N THR A 106 -11.35 4.16 3.24
CA THR A 106 -12.19 4.21 2.06
C THR A 106 -12.09 2.90 1.29
N VAL A 107 -13.12 2.07 1.40
CA VAL A 107 -13.13 0.76 0.79
C VAL A 107 -13.22 0.87 -0.73
N GLU A 108 -14.31 1.47 -1.21
CA GLU A 108 -14.57 1.66 -2.64
C GLU A 108 -14.84 0.33 -3.34
N MET A 109 -15.69 0.37 -4.35
CA MET A 109 -16.04 -0.85 -5.11
C MET A 109 -16.04 -0.56 -6.60
N ILE A 110 -15.51 -1.50 -7.37
CA ILE A 110 -15.45 -1.35 -8.81
C ILE A 110 -16.60 -2.07 -9.50
N ASN A 111 -16.80 -1.77 -10.78
CA ASN A 111 -17.84 -2.44 -11.57
C ASN A 111 -17.27 -2.88 -12.91
N LEU A 112 -17.55 -4.12 -13.29
CA LEU A 112 -16.99 -4.67 -14.50
C LEU A 112 -17.89 -4.38 -15.71
N GLU A 113 -17.59 -3.31 -16.42
CA GLU A 113 -18.28 -3.02 -17.67
C GLU A 113 -17.45 -3.51 -18.85
N HIS A 114 -18.13 -4.03 -19.86
CA HIS A 114 -17.47 -4.52 -21.08
C HIS A 114 -18.52 -4.97 -22.08
N HIS A 115 -19.63 -5.51 -21.57
CA HIS A 115 -20.74 -5.94 -22.41
C HIS A 115 -21.28 -4.75 -23.20
N HIS A 116 -21.05 -4.77 -24.51
CA HIS A 116 -21.42 -3.65 -25.35
C HIS A 116 -22.86 -3.77 -25.82
N HIS A 117 -23.78 -3.45 -24.92
CA HIS A 117 -25.22 -3.40 -25.20
C HIS A 117 -25.96 -3.02 -23.93
N HIS A 118 -25.82 -1.76 -23.54
CA HIS A 118 -26.42 -1.26 -22.32
C HIS A 118 -27.86 -0.85 -22.58
N HIS A 119 -28.15 -0.50 -23.83
CA HIS A 119 -29.49 -0.14 -24.25
C HIS A 119 -29.80 -0.78 -25.59
N MET A 1 9.69 5.00 -31.00
CA MET A 1 9.54 4.41 -29.65
C MET A 1 9.04 2.98 -29.75
N PRO A 2 9.43 2.12 -28.80
CA PRO A 2 9.04 0.71 -28.81
C PRO A 2 7.55 0.51 -28.49
N THR A 3 6.73 0.49 -29.52
CA THR A 3 5.31 0.25 -29.36
C THR A 3 4.98 -1.22 -29.55
N PHE A 4 4.76 -1.90 -28.45
CA PHE A 4 4.45 -3.32 -28.47
C PHE A 4 2.99 -3.53 -28.09
N ASP A 5 2.55 -4.78 -28.12
CA ASP A 5 1.18 -5.10 -27.71
C ASP A 5 1.14 -5.37 -26.21
N HIS A 6 1.70 -4.43 -25.45
CA HIS A 6 1.73 -4.53 -24.00
C HIS A 6 0.49 -3.89 -23.42
N GLY A 7 0.01 -4.43 -22.31
CA GLY A 7 -1.19 -3.91 -21.71
C GLY A 7 -0.95 -3.38 -20.32
N ASN A 8 -1.92 -2.64 -19.82
CA ASN A 8 -1.89 -2.13 -18.46
C ASN A 8 -3.08 -2.68 -17.69
N LEU A 9 -2.97 -2.65 -16.39
CA LEU A 9 -4.06 -3.05 -15.53
C LEU A 9 -4.03 -2.20 -14.27
N SER A 10 -5.11 -1.49 -14.02
CA SER A 10 -5.17 -0.58 -12.90
C SER A 10 -5.94 -1.20 -11.75
N LEU A 11 -5.24 -1.48 -10.65
CA LEU A 11 -5.87 -2.01 -9.47
C LEU A 11 -6.57 -0.90 -8.71
N GLY A 12 -6.23 0.34 -9.07
CA GLY A 12 -6.81 1.49 -8.45
C GLY A 12 -5.99 1.95 -7.27
N GLU A 13 -6.58 2.72 -6.38
CA GLU A 13 -5.92 3.11 -5.17
C GLU A 13 -6.22 2.12 -4.05
N LEU A 14 -5.17 1.50 -3.55
CA LEU A 14 -5.30 0.55 -2.47
C LEU A 14 -5.04 1.21 -1.14
N GLU A 15 -5.66 0.71 -0.09
CA GLU A 15 -5.46 1.24 1.24
C GLU A 15 -4.06 0.86 1.74
N LEU A 16 -3.34 1.84 2.25
CA LEU A 16 -1.99 1.63 2.70
C LEU A 16 -2.00 1.06 4.12
N THR A 17 -1.57 -0.17 4.24
CA THR A 17 -1.57 -0.85 5.52
C THR A 17 -0.27 -0.58 6.26
N VAL A 18 -0.38 -0.05 7.47
CA VAL A 18 0.80 0.27 8.26
C VAL A 18 0.99 -0.73 9.37
N LEU A 19 2.07 -1.49 9.30
CA LEU A 19 2.40 -2.45 10.33
C LEU A 19 3.42 -1.83 11.28
N TYR A 20 3.06 -1.69 12.53
CA TYR A 20 3.89 -0.98 13.48
C TYR A 20 3.77 -1.59 14.86
N ASP A 21 4.46 -1.01 15.83
CA ASP A 21 4.33 -1.43 17.21
C ASP A 21 3.20 -0.65 17.86
N GLU A 22 2.09 -1.32 18.11
CA GLU A 22 0.89 -0.67 18.60
C GLU A 22 0.80 -0.67 20.12
N GLU A 23 1.89 -1.10 20.76
CA GLU A 23 1.97 -1.12 22.22
C GLU A 23 1.98 0.28 22.81
N ARG A 24 2.87 1.15 22.33
CA ARG A 24 3.02 2.50 22.89
C ARG A 24 2.51 3.56 21.93
N TYR A 25 3.01 3.55 20.70
CA TYR A 25 2.71 4.60 19.75
C TYR A 25 1.40 4.34 19.02
N ASP A 26 0.85 5.41 18.44
CA ASP A 26 -0.36 5.32 17.64
C ASP A 26 -0.17 6.12 16.35
N ILE A 27 -0.91 5.75 15.32
CA ILE A 27 -0.79 6.40 14.02
C ILE A 27 -1.49 7.74 14.01
N VAL A 28 -0.71 8.81 13.91
CA VAL A 28 -1.29 10.14 13.84
C VAL A 28 -1.49 10.54 12.38
N GLU A 29 -0.47 10.33 11.57
CA GLU A 29 -0.52 10.68 10.16
C GLU A 29 0.02 9.53 9.34
N GLN A 30 -0.42 9.43 8.09
CA GLN A 30 0.06 8.38 7.19
C GLN A 30 -0.47 8.60 5.78
N THR A 31 0.09 7.87 4.84
CA THR A 31 -0.44 7.82 3.49
C THR A 31 -1.72 6.96 3.49
N GLU A 32 -2.78 7.49 2.90
CA GLU A 32 -4.06 6.78 2.89
C GLU A 32 -4.08 5.70 1.81
N THR A 33 -4.05 6.13 0.56
CA THR A 33 -4.15 5.21 -0.56
C THR A 33 -3.03 5.44 -1.56
N VAL A 34 -2.70 4.40 -2.32
CA VAL A 34 -1.72 4.53 -3.39
C VAL A 34 -2.34 4.07 -4.70
N GLN A 35 -1.95 4.71 -5.78
CA GLN A 35 -2.38 4.30 -7.09
C GLN A 35 -1.40 3.28 -7.65
N VAL A 36 -1.92 2.10 -7.97
CA VAL A 36 -1.10 1.01 -8.48
C VAL A 36 -1.62 0.53 -9.84
N ASP A 37 -0.71 0.50 -10.80
CA ASP A 37 -1.02 0.04 -12.15
C ASP A 37 0.06 -0.95 -12.58
N LEU A 38 -0.35 -2.00 -13.27
CA LEU A 38 0.58 -3.03 -13.66
C LEU A 38 0.72 -3.08 -15.17
N GLU A 39 1.95 -3.27 -15.65
CA GLU A 39 2.19 -3.42 -17.07
C GLU A 39 2.72 -4.80 -17.36
N GLY A 40 2.64 -5.19 -18.61
CA GLY A 40 3.19 -6.46 -19.03
C GLY A 40 2.44 -7.04 -20.21
N PRO A 41 2.58 -8.36 -20.43
CA PRO A 41 1.89 -9.05 -21.51
C PRO A 41 0.43 -9.32 -21.18
N ARG A 42 -0.41 -9.18 -22.19
CA ARG A 42 -1.85 -9.35 -22.04
C ARG A 42 -2.21 -10.74 -21.52
N GLY A 43 -1.41 -11.74 -21.88
CA GLY A 43 -1.66 -13.10 -21.44
C GLY A 43 -1.60 -13.24 -19.93
N VAL A 44 -0.53 -12.74 -19.33
CA VAL A 44 -0.33 -12.83 -17.89
C VAL A 44 -1.37 -11.98 -17.16
N LEU A 45 -1.67 -10.81 -17.71
CA LEU A 45 -2.69 -9.93 -17.14
C LEU A 45 -4.04 -10.62 -17.07
N THR A 46 -4.32 -11.46 -18.06
CA THR A 46 -5.56 -12.22 -18.10
C THR A 46 -5.59 -13.25 -16.97
N VAL A 47 -4.44 -13.87 -16.72
CA VAL A 47 -4.31 -14.85 -15.64
C VAL A 47 -4.57 -14.18 -14.29
N PHE A 48 -3.99 -13.00 -14.11
CA PHE A 48 -4.15 -12.23 -12.88
C PHE A 48 -5.61 -11.79 -12.71
N ARG A 49 -6.30 -11.62 -13.84
CA ARG A 49 -7.69 -11.20 -13.85
C ARG A 49 -8.61 -12.25 -13.21
N PHE A 50 -8.18 -13.51 -13.21
CA PHE A 50 -8.98 -14.59 -12.64
C PHE A 50 -8.94 -14.56 -11.12
N ALA A 51 -7.79 -14.18 -10.58
CA ALA A 51 -7.59 -14.17 -9.15
C ALA A 51 -8.24 -12.96 -8.50
N ARG A 52 -8.93 -13.20 -7.39
CA ARG A 52 -9.53 -12.13 -6.62
C ARG A 52 -8.45 -11.36 -5.87
N PRO A 53 -8.77 -10.16 -5.35
CA PRO A 53 -7.80 -9.31 -4.68
C PRO A 53 -7.04 -10.03 -3.57
N SER A 54 -5.73 -10.04 -3.73
CA SER A 54 -4.81 -10.53 -2.73
C SER A 54 -3.60 -9.60 -2.69
N TYR A 55 -3.76 -8.45 -3.34
CA TYR A 55 -2.69 -7.48 -3.47
C TYR A 55 -2.80 -6.42 -2.40
N GLU A 56 -1.75 -6.30 -1.60
CA GLU A 56 -1.71 -5.33 -0.52
C GLU A 56 -0.46 -4.47 -0.60
N VAL A 57 -0.59 -3.23 -0.18
CA VAL A 57 0.55 -2.34 -0.04
C VAL A 57 0.72 -1.98 1.45
N PHE A 58 1.90 -2.23 1.97
CA PHE A 58 2.11 -2.08 3.40
C PHE A 58 3.49 -1.51 3.70
N VAL A 59 3.60 -0.91 4.88
CA VAL A 59 4.86 -0.38 5.37
C VAL A 59 5.10 -0.88 6.79
N ASP A 60 6.34 -1.27 7.07
CA ASP A 60 6.71 -1.76 8.39
C ASP A 60 7.49 -0.72 9.15
N LEU A 61 6.90 -0.25 10.25
CA LEU A 61 7.54 0.74 11.08
C LEU A 61 7.44 0.33 12.55
N THR A 62 8.10 -0.77 12.88
CA THR A 62 8.07 -1.32 14.23
C THR A 62 8.95 -0.51 15.18
N GLU A 63 10.08 -0.03 14.67
CA GLU A 63 11.01 0.77 15.47
C GLU A 63 10.59 2.22 15.45
N ALA A 64 10.32 2.72 14.24
CA ALA A 64 9.95 4.12 14.03
C ALA A 64 11.06 5.06 14.47
N GLY A 65 10.74 6.33 14.57
CA GLY A 65 11.69 7.32 15.01
C GLY A 65 11.00 8.59 15.46
N GLU A 66 11.52 9.72 15.02
CA GLU A 66 10.97 11.01 15.40
C GLU A 66 9.92 11.45 14.39
N GLY A 67 8.86 12.08 14.87
CA GLY A 67 7.84 12.63 14.01
C GLY A 67 7.31 11.63 13.02
N SER A 68 7.37 12.02 11.77
CA SER A 68 7.01 11.15 10.68
C SER A 68 8.26 10.75 9.93
N HIS A 69 8.29 9.51 9.46
CA HIS A 69 9.45 9.01 8.75
C HIS A 69 9.04 8.31 7.47
N THR A 70 9.82 8.50 6.42
CA THR A 70 9.48 7.97 5.12
C THR A 70 10.40 6.80 4.72
N VAL A 71 9.80 5.72 4.24
CA VAL A 71 10.52 4.56 3.73
C VAL A 71 9.77 3.99 2.53
N ASP A 72 10.42 3.12 1.77
CA ASP A 72 9.80 2.51 0.58
C ASP A 72 8.60 1.65 0.97
N VAL A 73 7.64 1.54 0.07
CA VAL A 73 6.42 0.78 0.32
C VAL A 73 6.56 -0.66 -0.18
N GLU A 74 6.28 -1.61 0.71
CA GLU A 74 6.34 -3.02 0.37
C GLU A 74 5.00 -3.49 -0.18
N HIS A 75 5.03 -4.50 -1.02
CA HIS A 75 3.82 -4.95 -1.70
C HIS A 75 3.73 -6.47 -1.73
N ARG A 76 2.50 -6.96 -1.74
CA ARG A 76 2.25 -8.40 -1.73
C ARG A 76 1.19 -8.74 -2.77
N GLY A 77 1.29 -9.93 -3.36
CA GLY A 77 0.30 -10.37 -4.33
C GLY A 77 0.90 -10.60 -5.69
N PHE A 78 0.96 -9.54 -6.49
CA PHE A 78 1.55 -9.61 -7.82
C PHE A 78 3.06 -9.84 -7.76
N PRO A 79 3.61 -10.61 -8.71
CA PRO A 79 5.03 -10.93 -8.77
C PRO A 79 5.85 -9.83 -9.44
N GLY A 80 7.16 -10.01 -9.46
CA GLY A 80 8.04 -9.02 -10.06
C GLY A 80 8.25 -9.24 -11.54
N ASP A 81 7.57 -10.26 -12.08
CA ASP A 81 7.60 -10.53 -13.51
C ASP A 81 6.82 -9.46 -14.25
N LEU A 82 5.78 -8.96 -13.61
CA LEU A 82 5.01 -7.86 -14.15
C LEU A 82 5.65 -6.54 -13.76
N ALA A 83 5.28 -5.47 -14.44
CA ALA A 83 5.78 -4.16 -14.09
C ALA A 83 4.88 -3.53 -13.04
N VAL A 84 5.41 -3.38 -11.84
CA VAL A 84 4.63 -2.90 -10.72
C VAL A 84 4.77 -1.39 -10.56
N THR A 85 3.70 -0.66 -10.83
CA THR A 85 3.73 0.78 -10.66
C THR A 85 2.86 1.18 -9.49
N VAL A 86 3.49 1.80 -8.53
CA VAL A 86 2.84 2.32 -7.34
C VAL A 86 3.48 3.65 -7.09
N GLU A 87 2.75 4.71 -6.79
CA GLU A 87 3.54 5.88 -6.48
C GLU A 87 3.03 6.82 -5.39
N PRO A 88 3.51 6.56 -4.19
CA PRO A 88 4.59 7.26 -3.57
C PRO A 88 5.70 6.22 -3.40
N ARG A 89 6.89 6.49 -3.86
CA ARG A 89 7.86 5.41 -3.87
C ARG A 89 8.45 5.29 -2.48
N MET A 90 8.41 6.40 -1.76
CA MET A 90 8.79 6.46 -0.38
C MET A 90 7.67 7.14 0.39
N ALA A 91 7.11 6.47 1.37
CA ALA A 91 5.92 6.96 2.06
C ALA A 91 6.21 7.19 3.53
N ARG A 92 5.43 8.05 4.17
CA ARG A 92 5.70 8.50 5.52
C ARG A 92 4.53 8.26 6.45
N VAL A 93 4.85 7.79 7.65
CA VAL A 93 3.86 7.57 8.69
C VAL A 93 4.36 8.19 9.99
N GLN A 94 3.47 8.86 10.72
CA GLN A 94 3.83 9.51 11.97
C GLN A 94 3.30 8.75 13.16
N LEU A 95 4.20 8.36 14.06
CA LEU A 95 3.81 7.67 15.28
C LEU A 95 4.08 8.55 16.49
N GLU A 96 3.05 8.72 17.30
CA GLU A 96 3.14 9.56 18.49
C GLU A 96 2.69 8.78 19.71
N GLU A 97 3.30 9.06 20.86
CA GLU A 97 3.03 8.32 22.09
C GLU A 97 1.60 8.59 22.62
N ARG A 98 0.65 7.92 21.97
CA ARG A 98 -0.76 7.85 22.36
C ARG A 98 -1.36 9.14 22.89
N GLN A 99 -2.05 9.78 21.97
CA GLN A 99 -2.87 10.98 22.18
C GLN A 99 -2.20 12.13 22.95
N THR A 100 -1.90 11.90 24.24
CA THR A 100 -1.31 12.90 25.14
C THR A 100 -2.41 13.78 25.77
N VAL A 101 -3.65 13.55 25.36
CA VAL A 101 -4.78 14.31 25.89
C VAL A 101 -5.82 13.37 26.49
N SER A 102 -6.06 13.48 27.79
CA SER A 102 -7.08 12.67 28.44
C SER A 102 -8.45 13.25 28.17
N VAL A 103 -9.03 12.86 27.04
CA VAL A 103 -10.34 13.35 26.65
C VAL A 103 -11.44 12.36 27.04
N PRO A 104 -12.45 12.84 27.79
CA PRO A 104 -13.59 12.03 28.19
C PRO A 104 -14.58 11.84 27.04
N VAL A 105 -15.21 10.67 26.98
CA VAL A 105 -16.18 10.39 25.95
C VAL A 105 -17.55 10.93 26.34
N THR A 106 -18.37 11.22 25.34
CA THR A 106 -19.70 11.74 25.56
C THR A 106 -20.68 11.16 24.55
N VAL A 107 -21.90 10.91 24.99
CA VAL A 107 -22.90 10.34 24.11
C VAL A 107 -24.12 11.24 24.02
N GLU A 108 -24.67 11.39 22.82
CA GLU A 108 -25.88 12.15 22.62
C GLU A 108 -27.08 11.21 22.68
N MET A 109 -27.58 10.97 23.89
CA MET A 109 -28.72 10.11 24.09
C MET A 109 -29.98 10.88 23.77
N ILE A 110 -30.58 10.58 22.63
CA ILE A 110 -31.75 11.32 22.19
C ILE A 110 -33.02 10.47 22.28
N ASN A 111 -33.76 10.67 23.36
CA ASN A 111 -35.11 10.13 23.45
C ASN A 111 -36.08 11.27 23.22
N LEU A 112 -36.45 11.45 21.97
CA LEU A 112 -37.28 12.59 21.59
C LEU A 112 -38.69 12.12 21.32
N GLU A 113 -39.44 11.93 22.39
CA GLU A 113 -40.83 11.55 22.29
C GLU A 113 -41.69 12.68 22.79
N HIS A 114 -41.32 13.22 23.96
CA HIS A 114 -41.93 14.42 24.56
C HIS A 114 -43.35 14.14 25.08
N HIS A 115 -44.03 13.18 24.50
CA HIS A 115 -45.35 12.79 24.95
C HIS A 115 -45.23 11.99 26.24
N HIS A 116 -45.01 12.71 27.34
CA HIS A 116 -44.75 12.09 28.63
C HIS A 116 -44.93 13.11 29.75
N HIS A 117 -46.00 12.95 30.52
CA HIS A 117 -46.27 13.84 31.64
C HIS A 117 -46.42 13.04 32.92
N HIS A 118 -45.81 13.53 33.99
CA HIS A 118 -45.92 12.89 35.29
C HIS A 118 -46.52 13.86 36.29
N HIS A 119 -47.34 13.35 37.18
CA HIS A 119 -47.98 14.20 38.18
C HIS A 119 -47.03 14.41 39.36
N MET A 1 -3.93 6.72 -34.42
CA MET A 1 -4.24 5.72 -33.39
C MET A 1 -2.97 5.02 -32.96
N PRO A 2 -2.69 5.02 -31.64
CA PRO A 2 -1.42 4.51 -31.11
C PRO A 2 -1.22 3.01 -31.32
N THR A 3 -0.12 2.65 -31.95
CA THR A 3 0.28 1.26 -32.04
C THR A 3 1.04 0.87 -30.78
N PHE A 4 0.34 0.18 -29.90
CA PHE A 4 0.86 -0.12 -28.58
C PHE A 4 1.78 -1.34 -28.59
N ASP A 5 2.27 -1.70 -27.42
CA ASP A 5 3.15 -2.82 -27.25
C ASP A 5 2.97 -3.36 -25.86
N HIS A 6 2.33 -4.51 -25.80
CA HIS A 6 1.92 -5.16 -24.54
C HIS A 6 0.71 -4.43 -23.97
N GLY A 7 0.32 -4.79 -22.76
CA GLY A 7 -0.85 -4.19 -22.17
C GLY A 7 -0.57 -3.65 -20.79
N ASN A 8 -1.60 -3.09 -20.16
CA ASN A 8 -1.49 -2.63 -18.79
C ASN A 8 -2.84 -2.67 -18.10
N LEU A 9 -2.80 -2.92 -16.80
CA LEU A 9 -3.99 -3.07 -15.99
C LEU A 9 -3.82 -2.24 -14.72
N SER A 10 -4.79 -1.40 -14.43
CA SER A 10 -4.73 -0.56 -13.25
C SER A 10 -5.54 -1.18 -12.12
N LEU A 11 -4.87 -1.52 -11.04
CA LEU A 11 -5.54 -2.08 -9.87
C LEU A 11 -6.38 -1.02 -9.20
N GLY A 12 -5.78 0.15 -9.02
CA GLY A 12 -6.49 1.26 -8.42
C GLY A 12 -5.96 1.60 -7.04
N GLU A 13 -6.85 2.02 -6.16
CA GLU A 13 -6.48 2.41 -4.80
C GLU A 13 -6.28 1.17 -3.93
N LEU A 14 -5.05 0.94 -3.50
CA LEU A 14 -4.78 -0.14 -2.56
C LEU A 14 -4.52 0.42 -1.17
N GLU A 15 -4.92 -0.34 -0.16
CA GLU A 15 -4.80 0.09 1.24
C GLU A 15 -3.37 -0.03 1.73
N LEU A 16 -2.84 1.05 2.31
CA LEU A 16 -1.53 1.00 2.95
C LEU A 16 -1.67 0.55 4.40
N THR A 17 -1.17 -0.63 4.70
CA THR A 17 -1.16 -1.12 6.07
C THR A 17 0.23 -0.92 6.68
N VAL A 18 0.28 -0.23 7.81
CA VAL A 18 1.55 0.03 8.46
C VAL A 18 1.70 -0.85 9.70
N LEU A 19 2.81 -1.57 9.77
CA LEU A 19 3.07 -2.45 10.89
C LEU A 19 3.80 -1.68 11.98
N TYR A 20 3.16 -1.57 13.14
CA TYR A 20 3.72 -0.85 14.27
C TYR A 20 3.27 -1.51 15.56
N ASP A 21 3.69 -0.95 16.69
CA ASP A 21 3.29 -1.48 17.98
C ASP A 21 2.28 -0.53 18.64
N GLU A 22 1.10 -1.06 18.95
CA GLU A 22 0.00 -0.25 19.45
C GLU A 22 0.14 0.05 20.95
N GLU A 23 1.35 -0.14 21.46
CA GLU A 23 1.66 0.20 22.84
C GLU A 23 1.56 1.70 23.09
N ARG A 24 2.44 2.47 22.45
CA ARG A 24 2.51 3.90 22.68
C ARG A 24 2.05 4.70 21.46
N TYR A 25 2.48 4.29 20.28
CA TYR A 25 2.28 5.09 19.09
C TYR A 25 1.07 4.61 18.29
N ASP A 26 0.35 5.54 17.70
CA ASP A 26 -0.76 5.21 16.81
C ASP A 26 -0.69 6.08 15.57
N ILE A 27 -1.38 5.66 14.52
CA ILE A 27 -1.32 6.35 13.23
C ILE A 27 -2.15 7.62 13.24
N VAL A 28 -1.48 8.75 13.30
CA VAL A 28 -2.16 10.04 13.27
C VAL A 28 -2.35 10.51 11.82
N GLU A 29 -1.26 10.46 11.06
CA GLU A 29 -1.29 10.82 9.65
C GLU A 29 -0.44 9.83 8.86
N GLN A 30 -0.77 9.65 7.58
CA GLN A 30 -0.09 8.67 6.74
C GLN A 30 -0.47 8.84 5.29
N THR A 31 0.06 7.97 4.44
CA THR A 31 -0.35 7.91 3.05
C THR A 31 -1.44 6.84 2.92
N GLU A 32 -2.69 7.29 2.93
CA GLU A 32 -3.84 6.40 3.04
C GLU A 32 -3.84 5.29 2.00
N THR A 33 -3.72 5.68 0.74
CA THR A 33 -3.82 4.73 -0.37
C THR A 33 -2.65 4.89 -1.33
N VAL A 34 -2.46 3.90 -2.20
CA VAL A 34 -1.39 3.92 -3.17
C VAL A 34 -1.94 3.78 -4.58
N GLN A 35 -1.27 4.41 -5.54
CA GLN A 35 -1.60 4.23 -6.95
C GLN A 35 -0.82 3.05 -7.50
N VAL A 36 -1.53 1.99 -7.85
CA VAL A 36 -0.88 0.79 -8.37
C VAL A 36 -1.36 0.46 -9.78
N ASP A 37 -0.41 0.43 -10.70
CA ASP A 37 -0.67 0.17 -12.10
C ASP A 37 0.35 -0.83 -12.62
N LEU A 38 -0.09 -1.81 -13.40
CA LEU A 38 0.80 -2.87 -13.86
C LEU A 38 0.82 -2.96 -15.37
N GLU A 39 2.01 -2.96 -15.97
CA GLU A 39 2.13 -3.10 -17.41
C GLU A 39 2.91 -4.37 -17.73
N GLY A 40 2.82 -4.76 -18.99
CA GLY A 40 3.51 -5.97 -19.42
C GLY A 40 2.63 -6.87 -20.25
N PRO A 41 2.92 -8.19 -20.27
CA PRO A 41 2.12 -9.17 -21.00
C PRO A 41 0.66 -9.19 -20.57
N ARG A 42 -0.22 -8.95 -21.54
CA ARG A 42 -1.67 -8.89 -21.29
C ARG A 42 -2.19 -10.18 -20.67
N GLY A 43 -1.60 -11.31 -21.06
CA GLY A 43 -2.06 -12.58 -20.54
C GLY A 43 -1.90 -12.69 -19.05
N VAL A 44 -0.71 -12.37 -18.56
CA VAL A 44 -0.42 -12.43 -17.12
C VAL A 44 -1.31 -11.47 -16.36
N LEU A 45 -1.54 -10.29 -16.95
CA LEU A 45 -2.43 -9.29 -16.37
C LEU A 45 -3.83 -9.85 -16.18
N THR A 46 -4.28 -10.60 -17.18
CA THR A 46 -5.59 -11.22 -17.15
C THR A 46 -5.63 -12.36 -16.12
N VAL A 47 -4.53 -13.11 -16.00
CA VAL A 47 -4.47 -14.26 -15.10
C VAL A 47 -4.81 -13.87 -13.66
N PHE A 48 -4.15 -12.85 -13.12
CA PHE A 48 -4.40 -12.46 -11.74
C PHE A 48 -5.79 -11.84 -11.59
N ARG A 49 -6.30 -11.26 -12.67
CA ARG A 49 -7.62 -10.65 -12.68
C ARG A 49 -8.72 -11.70 -12.62
N PHE A 50 -8.38 -12.93 -12.96
CA PHE A 50 -9.32 -14.05 -12.87
C PHE A 50 -9.40 -14.57 -11.45
N ALA A 51 -8.46 -14.15 -10.62
CA ALA A 51 -8.44 -14.55 -9.23
C ALA A 51 -9.00 -13.44 -8.34
N ARG A 52 -9.15 -13.74 -7.07
CA ARG A 52 -9.67 -12.77 -6.12
C ARG A 52 -8.53 -11.87 -5.64
N PRO A 53 -8.83 -10.74 -4.99
CA PRO A 53 -7.80 -9.82 -4.53
C PRO A 53 -6.90 -10.45 -3.47
N SER A 54 -5.61 -10.48 -3.77
CA SER A 54 -4.62 -10.97 -2.86
C SER A 54 -3.55 -9.91 -2.65
N TYR A 55 -3.89 -8.70 -3.05
CA TYR A 55 -2.94 -7.60 -3.10
C TYR A 55 -2.96 -6.82 -1.80
N GLU A 56 -1.96 -7.03 -0.97
CA GLU A 56 -1.85 -6.32 0.28
C GLU A 56 -0.63 -5.41 0.24
N VAL A 57 -0.74 -4.25 0.84
CA VAL A 57 0.36 -3.31 0.90
C VAL A 57 0.72 -3.06 2.35
N PHE A 58 1.98 -3.28 2.71
CA PHE A 58 2.40 -3.19 4.10
C PHE A 58 3.86 -2.78 4.23
N VAL A 59 4.18 -2.09 5.31
CA VAL A 59 5.55 -1.74 5.64
C VAL A 59 5.75 -1.91 7.14
N ASP A 60 6.88 -2.46 7.53
CA ASP A 60 7.17 -2.65 8.95
C ASP A 60 7.95 -1.44 9.47
N LEU A 61 7.35 -0.73 10.40
CA LEU A 61 7.97 0.48 10.94
C LEU A 61 7.93 0.46 12.46
N THR A 62 8.08 -0.73 13.01
CA THR A 62 8.09 -0.91 14.45
C THR A 62 9.32 -0.26 15.08
N GLU A 63 10.36 -0.09 14.28
CA GLU A 63 11.60 0.53 14.73
C GLU A 63 11.46 2.04 14.88
N ALA A 64 10.79 2.66 13.93
CA ALA A 64 10.66 4.11 13.90
C ALA A 64 9.28 4.54 14.42
N GLY A 65 9.28 5.22 15.56
CA GLY A 65 8.03 5.60 16.18
C GLY A 65 7.60 7.00 15.84
N GLU A 66 8.04 7.95 16.66
CA GLU A 66 7.56 9.32 16.61
C GLU A 66 7.99 10.04 15.33
N GLY A 67 7.32 11.17 15.07
CA GLY A 67 7.62 11.97 13.90
C GLY A 67 7.14 11.31 12.62
N SER A 68 7.16 12.06 11.55
CA SER A 68 6.86 11.51 10.25
C SER A 68 8.11 10.87 9.68
N HIS A 69 7.94 9.69 9.15
CA HIS A 69 9.05 8.93 8.58
C HIS A 69 8.68 8.40 7.20
N THR A 70 9.55 8.68 6.24
CA THR A 70 9.31 8.35 4.85
C THR A 70 10.14 7.13 4.44
N VAL A 71 9.47 6.06 4.02
CA VAL A 71 10.15 4.82 3.68
C VAL A 71 9.60 4.21 2.40
N ASP A 72 10.31 3.20 1.88
CA ASP A 72 9.89 2.48 0.69
C ASP A 72 8.63 1.66 0.98
N VAL A 73 7.76 1.55 -0.01
CA VAL A 73 6.51 0.82 0.14
C VAL A 73 6.58 -0.53 -0.58
N GLU A 74 6.46 -1.61 0.18
CA GLU A 74 6.48 -2.95 -0.39
C GLU A 74 5.08 -3.57 -0.35
N HIS A 75 4.82 -4.50 -1.25
CA HIS A 75 3.48 -5.06 -1.42
C HIS A 75 3.53 -6.57 -1.62
N ARG A 76 2.38 -7.21 -1.45
CA ARG A 76 2.26 -8.64 -1.68
C ARG A 76 1.10 -8.90 -2.64
N GLY A 77 1.11 -10.05 -3.30
CA GLY A 77 0.03 -10.41 -4.20
C GLY A 77 0.53 -10.78 -5.57
N PHE A 78 0.76 -9.78 -6.40
CA PHE A 78 1.30 -9.99 -7.73
C PHE A 78 2.83 -9.98 -7.68
N PRO A 79 3.48 -10.83 -8.48
CA PRO A 79 4.94 -10.94 -8.52
C PRO A 79 5.59 -9.76 -9.24
N GLY A 80 6.86 -9.55 -8.97
CA GLY A 80 7.61 -8.47 -9.61
C GLY A 80 8.13 -8.87 -10.98
N ASP A 81 7.27 -9.51 -11.75
CA ASP A 81 7.62 -9.91 -13.11
C ASP A 81 7.20 -8.82 -14.08
N LEU A 82 6.05 -8.25 -13.80
CA LEU A 82 5.47 -7.21 -14.65
C LEU A 82 6.10 -5.86 -14.34
N ALA A 83 5.70 -4.85 -15.11
CA ALA A 83 6.11 -3.48 -14.82
C ALA A 83 5.21 -2.93 -13.72
N VAL A 84 5.72 -2.90 -12.51
CA VAL A 84 4.93 -2.55 -11.34
C VAL A 84 5.05 -1.07 -11.00
N THR A 85 3.96 -0.34 -11.16
CA THR A 85 3.94 1.04 -10.76
C THR A 85 3.21 1.20 -9.43
N VAL A 86 3.91 1.81 -8.52
CA VAL A 86 3.40 2.15 -7.21
C VAL A 86 3.74 3.59 -6.99
N GLU A 87 2.82 4.46 -6.61
CA GLU A 87 3.36 5.75 -6.30
C GLU A 87 2.71 6.51 -5.18
N PRO A 88 3.31 6.32 -4.03
CA PRO A 88 4.22 7.24 -3.43
C PRO A 88 5.59 6.56 -3.53
N ARG A 89 6.58 7.21 -4.05
CA ARG A 89 7.84 6.51 -4.28
C ARG A 89 8.43 6.08 -2.95
N MET A 90 8.44 7.04 -2.06
CA MET A 90 8.57 6.76 -0.65
C MET A 90 7.37 7.40 0.04
N ALA A 91 6.89 6.77 1.09
CA ALA A 91 5.67 7.23 1.72
C ALA A 91 5.93 7.65 3.16
N ARG A 92 5.28 8.71 3.58
CA ARG A 92 5.49 9.24 4.90
C ARG A 92 4.29 8.91 5.80
N VAL A 93 4.61 8.45 6.99
CA VAL A 93 3.60 8.16 7.98
C VAL A 93 4.06 8.67 9.34
N GLN A 94 3.14 9.27 10.08
CA GLN A 94 3.46 9.81 11.37
C GLN A 94 2.84 8.97 12.48
N LEU A 95 3.68 8.45 13.34
CA LEU A 95 3.21 7.74 14.52
C LEU A 95 3.47 8.61 15.74
N GLU A 96 2.44 8.90 16.49
CA GLU A 96 2.56 9.76 17.64
C GLU A 96 2.19 9.00 18.91
N GLU A 97 2.90 9.27 19.99
CA GLU A 97 2.61 8.63 21.25
C GLU A 97 1.30 9.15 21.80
N ARG A 98 0.43 8.23 22.21
CA ARG A 98 -0.88 8.55 22.76
C ARG A 98 -1.84 8.96 21.65
N GLN A 99 -3.06 8.46 21.75
CA GLN A 99 -4.00 8.55 20.66
C GLN A 99 -4.85 9.82 20.75
N THR A 100 -4.70 10.69 19.76
CA THR A 100 -5.53 11.88 19.66
C THR A 100 -6.75 11.62 18.79
N VAL A 101 -6.62 10.62 17.95
CA VAL A 101 -7.67 10.29 16.99
C VAL A 101 -8.42 9.04 17.41
N SER A 102 -9.59 8.84 16.84
CA SER A 102 -10.40 7.67 17.13
C SER A 102 -10.81 7.00 15.81
N VAL A 103 -10.38 5.77 15.62
CA VAL A 103 -10.68 5.04 14.39
C VAL A 103 -11.92 4.19 14.55
N PRO A 104 -12.98 4.52 13.78
CA PRO A 104 -14.20 3.72 13.74
C PRO A 104 -14.02 2.49 12.86
N VAL A 105 -13.87 1.32 13.49
CA VAL A 105 -13.64 0.09 12.76
C VAL A 105 -14.90 -0.35 12.02
N THR A 106 -14.77 -0.51 10.71
CA THR A 106 -15.89 -0.92 9.87
C THR A 106 -15.38 -1.55 8.58
N VAL A 107 -15.96 -2.66 8.19
CA VAL A 107 -15.59 -3.33 6.96
C VAL A 107 -16.75 -3.32 5.99
N GLU A 108 -16.55 -2.72 4.83
CA GLU A 108 -17.59 -2.65 3.82
C GLU A 108 -17.53 -3.89 2.93
N MET A 109 -18.68 -4.47 2.65
CA MET A 109 -18.75 -5.64 1.77
C MET A 109 -18.58 -5.21 0.32
N ILE A 110 -19.49 -4.35 -0.13
CA ILE A 110 -19.47 -3.81 -1.48
C ILE A 110 -19.50 -4.94 -2.52
N ASN A 111 -20.66 -5.55 -2.66
CA ASN A 111 -20.84 -6.61 -3.65
C ASN A 111 -21.30 -6.00 -4.97
N LEU A 112 -20.35 -5.50 -5.73
CA LEU A 112 -20.65 -4.90 -7.02
C LEU A 112 -20.71 -5.97 -8.09
N GLU A 113 -21.86 -6.61 -8.21
CA GLU A 113 -22.07 -7.65 -9.20
C GLU A 113 -22.15 -7.05 -10.60
N HIS A 114 -21.01 -6.94 -11.26
CA HIS A 114 -20.94 -6.41 -12.60
C HIS A 114 -20.88 -7.55 -13.62
N HIS A 115 -22.04 -7.96 -14.11
CA HIS A 115 -22.11 -8.99 -15.13
C HIS A 115 -22.19 -8.32 -16.50
N HIS A 116 -21.10 -8.37 -17.24
CA HIS A 116 -21.00 -7.62 -18.49
C HIS A 116 -21.19 -8.55 -19.69
N HIS A 117 -21.96 -8.10 -20.67
CA HIS A 117 -22.21 -8.88 -21.87
C HIS A 117 -21.42 -8.31 -23.04
N HIS A 118 -21.53 -8.95 -24.21
CA HIS A 118 -20.89 -8.44 -25.41
C HIS A 118 -21.92 -8.16 -26.47
N HIS A 119 -22.38 -6.93 -26.52
CA HIS A 119 -23.34 -6.50 -27.53
C HIS A 119 -22.62 -5.69 -28.60
N MET A 1 -4.55 -10.50 -34.35
CA MET A 1 -3.59 -9.39 -34.54
C MET A 1 -2.33 -9.62 -33.72
N PRO A 2 -1.15 -9.56 -34.36
CA PRO A 2 0.13 -9.77 -33.71
C PRO A 2 0.82 -8.47 -33.25
N THR A 3 0.24 -7.33 -33.61
CA THR A 3 0.88 -6.03 -33.41
C THR A 3 0.68 -5.51 -31.99
N PHE A 4 0.28 -6.40 -31.11
CA PHE A 4 0.12 -6.07 -29.71
C PHE A 4 1.47 -5.96 -29.02
N ASP A 5 1.57 -5.01 -28.09
CA ASP A 5 2.80 -4.74 -27.38
C ASP A 5 2.53 -4.65 -25.89
N HIS A 6 2.68 -5.79 -25.22
CA HIS A 6 2.52 -5.88 -23.78
C HIS A 6 1.05 -5.75 -23.39
N GLY A 7 0.81 -5.69 -22.09
CA GLY A 7 -0.49 -5.42 -21.55
C GLY A 7 -0.38 -4.76 -20.20
N ASN A 8 -1.45 -4.13 -19.75
CA ASN A 8 -1.44 -3.50 -18.44
C ASN A 8 -2.82 -3.48 -17.82
N LEU A 9 -2.83 -3.52 -16.49
CA LEU A 9 -4.06 -3.61 -15.72
C LEU A 9 -4.03 -2.60 -14.59
N SER A 10 -5.16 -1.95 -14.36
CA SER A 10 -5.27 -0.97 -13.31
C SER A 10 -5.95 -1.58 -12.08
N LEU A 11 -5.21 -1.66 -10.97
CA LEU A 11 -5.75 -2.20 -9.74
C LEU A 11 -6.55 -1.12 -9.02
N GLY A 12 -6.08 0.11 -9.12
CA GLY A 12 -6.77 1.23 -8.52
C GLY A 12 -6.16 1.62 -7.20
N GLU A 13 -6.96 2.23 -6.33
CA GLU A 13 -6.50 2.67 -5.04
C GLU A 13 -6.68 1.57 -4.00
N LEU A 14 -5.57 1.01 -3.56
CA LEU A 14 -5.58 -0.07 -2.58
C LEU A 14 -5.31 0.48 -1.19
N GLU A 15 -5.78 -0.24 -0.18
CA GLU A 15 -5.62 0.18 1.20
C GLU A 15 -4.18 -0.03 1.67
N LEU A 16 -3.54 1.04 2.12
CA LEU A 16 -2.19 0.95 2.64
C LEU A 16 -2.20 0.56 4.10
N THR A 17 -1.58 -0.56 4.42
CA THR A 17 -1.51 -1.03 5.79
C THR A 17 -0.16 -0.70 6.41
N VAL A 18 -0.17 -0.18 7.63
CA VAL A 18 1.07 0.09 8.35
C VAL A 18 1.26 -0.96 9.44
N LEU A 19 2.34 -1.71 9.33
CA LEU A 19 2.57 -2.81 10.25
C LEU A 19 3.35 -2.32 11.48
N TYR A 20 2.69 -2.39 12.62
CA TYR A 20 3.27 -2.04 13.91
C TYR A 20 2.21 -2.29 14.99
N ASP A 21 2.64 -2.77 16.15
CA ASP A 21 1.70 -3.04 17.23
C ASP A 21 1.54 -1.82 18.12
N GLU A 22 0.40 -1.71 18.76
CA GLU A 22 0.06 -0.57 19.61
C GLU A 22 0.78 -0.67 20.97
N GLU A 23 2.01 -1.17 20.92
CA GLU A 23 2.80 -1.44 22.11
C GLU A 23 3.46 -0.19 22.67
N ARG A 24 3.72 0.80 21.82
CA ARG A 24 4.51 1.95 22.23
C ARG A 24 4.04 3.25 21.57
N TYR A 25 3.88 3.23 20.26
CA TYR A 25 3.54 4.44 19.52
C TYR A 25 2.19 4.30 18.85
N ASP A 26 1.54 5.43 18.61
CA ASP A 26 0.23 5.47 17.95
C ASP A 26 0.33 6.23 16.64
N ILE A 27 -0.68 6.05 15.80
CA ILE A 27 -0.66 6.62 14.46
C ILE A 27 -1.14 8.07 14.45
N VAL A 28 -0.30 8.96 13.96
CA VAL A 28 -0.69 10.36 13.80
C VAL A 28 -1.04 10.65 12.34
N GLU A 29 -0.18 10.22 11.43
CA GLU A 29 -0.46 10.39 10.01
C GLU A 29 -0.03 9.17 9.23
N GLN A 30 -0.67 8.97 8.08
CA GLN A 30 -0.35 7.88 7.18
C GLN A 30 -1.06 8.09 5.86
N THR A 31 -0.74 7.28 4.87
CA THR A 31 -1.40 7.37 3.58
C THR A 31 -2.59 6.42 3.55
N GLU A 32 -3.73 6.91 3.09
CA GLU A 32 -4.97 6.14 3.10
C GLU A 32 -4.92 5.04 2.03
N THR A 33 -4.97 5.45 0.78
CA THR A 33 -4.95 4.52 -0.33
C THR A 33 -3.89 4.90 -1.35
N VAL A 34 -3.39 3.91 -2.07
CA VAL A 34 -2.39 4.13 -3.11
C VAL A 34 -2.87 3.57 -4.43
N GLN A 35 -2.49 4.22 -5.52
CA GLN A 35 -2.93 3.80 -6.83
C GLN A 35 -1.90 2.87 -7.48
N VAL A 36 -2.30 1.63 -7.69
CA VAL A 36 -1.42 0.62 -8.24
C VAL A 36 -1.83 0.25 -9.66
N ASP A 37 -0.88 0.38 -10.59
CA ASP A 37 -1.09 -0.01 -11.97
C ASP A 37 0.03 -0.97 -12.39
N LEU A 38 -0.31 -2.03 -13.10
CA LEU A 38 0.67 -3.05 -13.46
C LEU A 38 0.78 -3.20 -14.97
N GLU A 39 2.01 -3.23 -15.46
CA GLU A 39 2.27 -3.52 -16.88
C GLU A 39 3.13 -4.76 -17.01
N GLY A 40 3.24 -5.23 -18.23
CA GLY A 40 4.05 -6.39 -18.50
C GLY A 40 3.39 -7.32 -19.50
N PRO A 41 3.72 -8.61 -19.45
CA PRO A 41 3.06 -9.61 -20.30
C PRO A 41 1.56 -9.68 -20.04
N ARG A 42 0.78 -9.42 -21.08
CA ARG A 42 -0.67 -9.39 -20.96
C ARG A 42 -1.21 -10.74 -20.53
N GLY A 43 -0.52 -11.81 -20.91
CA GLY A 43 -0.94 -13.15 -20.56
C GLY A 43 -1.08 -13.33 -19.06
N VAL A 44 -0.17 -12.72 -18.31
CA VAL A 44 -0.21 -12.77 -16.86
C VAL A 44 -1.36 -11.92 -16.32
N LEU A 45 -1.43 -10.68 -16.78
CA LEU A 45 -2.38 -9.70 -16.24
C LEU A 45 -3.83 -10.06 -16.57
N THR A 46 -4.09 -10.53 -17.77
CA THR A 46 -5.45 -10.88 -18.17
C THR A 46 -5.98 -12.05 -17.35
N VAL A 47 -5.13 -13.05 -17.10
CA VAL A 47 -5.51 -14.19 -16.29
C VAL A 47 -5.63 -13.77 -14.82
N PHE A 48 -4.74 -12.87 -14.40
CA PHE A 48 -4.79 -12.31 -13.06
C PHE A 48 -6.09 -11.53 -12.86
N ARG A 49 -6.54 -10.88 -13.93
CA ARG A 49 -7.77 -10.12 -13.91
C ARG A 49 -8.98 -11.02 -13.70
N PHE A 50 -8.85 -12.29 -14.07
CA PHE A 50 -9.92 -13.25 -13.92
C PHE A 50 -10.09 -13.67 -12.47
N ALA A 51 -8.99 -13.65 -11.73
CA ALA A 51 -8.99 -14.11 -10.35
C ALA A 51 -9.25 -12.94 -9.40
N ARG A 52 -9.81 -13.28 -8.24
CA ARG A 52 -10.07 -12.32 -7.19
C ARG A 52 -8.77 -11.85 -6.54
N PRO A 53 -8.77 -10.65 -5.94
CA PRO A 53 -7.57 -10.06 -5.36
C PRO A 53 -7.09 -10.77 -4.10
N SER A 54 -5.84 -11.21 -4.14
CA SER A 54 -5.19 -11.81 -3.00
C SER A 54 -4.04 -10.93 -2.52
N TYR A 55 -3.95 -9.75 -3.10
CA TYR A 55 -2.82 -8.86 -2.87
C TYR A 55 -3.09 -7.86 -1.76
N GLU A 56 -2.02 -7.40 -1.12
CA GLU A 56 -2.09 -6.45 -0.03
C GLU A 56 -0.91 -5.49 -0.09
N VAL A 57 -1.13 -4.25 0.29
CA VAL A 57 -0.08 -3.24 0.33
C VAL A 57 0.19 -2.84 1.77
N PHE A 58 1.47 -2.85 2.16
CA PHE A 58 1.83 -2.63 3.55
C PHE A 58 3.24 -2.05 3.68
N VAL A 59 3.50 -1.40 4.81
CA VAL A 59 4.84 -0.93 5.13
C VAL A 59 5.23 -1.40 6.52
N ASP A 60 6.46 -1.86 6.66
CA ASP A 60 6.94 -2.34 7.96
C ASP A 60 7.65 -1.21 8.69
N LEU A 61 7.04 -0.76 9.78
CA LEU A 61 7.59 0.35 10.54
C LEU A 61 7.78 -0.05 11.99
N THR A 62 8.28 -1.25 12.19
CA THR A 62 8.51 -1.79 13.53
C THR A 62 9.58 -1.01 14.29
N GLU A 63 10.45 -0.35 13.54
CA GLU A 63 11.54 0.43 14.14
C GLU A 63 11.18 1.91 14.17
N ALA A 64 9.96 2.25 13.80
CA ALA A 64 9.54 3.64 13.73
C ALA A 64 9.16 4.16 15.12
N GLY A 65 9.95 5.10 15.61
CA GLY A 65 9.67 5.74 16.88
C GLY A 65 10.30 7.11 16.94
N GLU A 66 9.63 8.06 16.32
CA GLU A 66 10.16 9.41 16.15
C GLU A 66 9.09 10.26 15.47
N GLY A 67 9.46 11.42 14.95
CA GLY A 67 8.52 12.22 14.21
C GLY A 67 8.14 11.59 12.87
N SER A 68 7.57 12.39 11.98
CA SER A 68 7.15 11.92 10.68
C SER A 68 8.34 11.43 9.88
N HIS A 69 8.17 10.29 9.24
CA HIS A 69 9.23 9.68 8.44
C HIS A 69 8.71 9.26 7.08
N THR A 70 9.46 9.61 6.05
CA THR A 70 9.10 9.27 4.68
C THR A 70 9.87 8.02 4.23
N VAL A 71 9.13 6.97 3.91
CA VAL A 71 9.72 5.70 3.50
C VAL A 71 9.07 5.18 2.22
N ASP A 72 9.68 4.17 1.61
CA ASP A 72 9.12 3.57 0.41
C ASP A 72 8.07 2.53 0.79
N VAL A 73 7.07 2.38 -0.06
CA VAL A 73 5.96 1.46 0.19
C VAL A 73 6.23 0.07 -0.39
N GLU A 74 5.99 -0.96 0.41
CA GLU A 74 6.18 -2.34 -0.02
C GLU A 74 4.86 -3.00 -0.41
N HIS A 75 4.95 -4.00 -1.27
CA HIS A 75 3.77 -4.60 -1.86
C HIS A 75 3.91 -6.12 -1.96
N ARG A 76 2.79 -6.82 -1.86
CA ARG A 76 2.75 -8.28 -2.03
C ARG A 76 1.45 -8.69 -2.69
N GLY A 77 1.41 -9.92 -3.21
CA GLY A 77 0.22 -10.42 -3.87
C GLY A 77 0.39 -10.46 -5.37
N PHE A 78 0.44 -9.29 -5.99
CA PHE A 78 0.69 -9.20 -7.41
C PHE A 78 2.18 -9.37 -7.69
N PRO A 79 2.52 -10.00 -8.82
CA PRO A 79 3.91 -10.33 -9.18
C PRO A 79 4.79 -9.12 -9.40
N GLY A 80 5.92 -9.08 -8.72
CA GLY A 80 6.92 -8.04 -8.93
C GLY A 80 7.70 -8.28 -10.20
N ASP A 81 7.39 -9.40 -10.86
CA ASP A 81 7.96 -9.74 -12.16
C ASP A 81 7.46 -8.75 -13.20
N LEU A 82 6.30 -8.17 -12.94
CA LEU A 82 5.67 -7.23 -13.84
C LEU A 82 6.15 -5.82 -13.53
N ALA A 83 5.70 -4.86 -14.32
CA ALA A 83 5.98 -3.46 -14.04
C ALA A 83 5.00 -2.96 -12.99
N VAL A 84 5.47 -2.86 -11.77
CA VAL A 84 4.62 -2.53 -10.64
C VAL A 84 4.66 -1.03 -10.36
N THR A 85 3.55 -0.37 -10.60
CA THR A 85 3.46 1.04 -10.33
C THR A 85 2.60 1.32 -9.11
N VAL A 86 3.18 1.97 -8.15
CA VAL A 86 2.51 2.43 -6.96
C VAL A 86 2.80 3.88 -6.83
N GLU A 87 1.84 4.79 -6.90
CA GLU A 87 2.31 6.13 -6.75
C GLU A 87 1.67 6.95 -5.65
N PRO A 88 2.29 6.83 -4.49
CA PRO A 88 3.17 7.80 -3.91
C PRO A 88 4.54 7.12 -3.85
N ARG A 89 5.56 7.72 -4.37
CA ARG A 89 6.82 7.00 -4.48
C ARG A 89 7.39 6.74 -3.10
N MET A 90 7.38 7.79 -2.32
CA MET A 90 7.76 7.71 -0.93
C MET A 90 6.63 8.31 -0.09
N ALA A 91 6.24 7.63 0.95
CA ALA A 91 5.12 8.05 1.77
C ALA A 91 5.56 8.30 3.20
N ARG A 92 4.96 9.27 3.85
CA ARG A 92 5.32 9.59 5.21
C ARG A 92 4.27 9.09 6.19
N VAL A 93 4.74 8.36 7.18
CA VAL A 93 3.89 7.86 8.25
C VAL A 93 4.49 8.30 9.58
N GLN A 94 3.65 8.78 10.48
CA GLN A 94 4.12 9.27 11.76
C GLN A 94 3.57 8.43 12.90
N LEU A 95 4.48 7.81 13.64
CA LEU A 95 4.11 7.10 14.85
C LEU A 95 4.63 7.89 16.05
N GLU A 96 3.74 8.23 16.95
CA GLU A 96 4.05 9.20 17.99
C GLU A 96 3.68 8.67 19.36
N GLU A 97 4.49 9.03 20.36
CA GLU A 97 4.24 8.63 21.74
C GLU A 97 3.04 9.37 22.32
N ARG A 98 1.86 9.05 21.81
CA ARG A 98 0.63 9.68 22.23
C ARG A 98 -0.52 8.71 22.05
N GLN A 99 -1.69 9.06 22.55
CA GLN A 99 -2.86 8.24 22.40
C GLN A 99 -3.79 8.82 21.33
N THR A 100 -4.59 7.95 20.72
CA THR A 100 -5.66 8.35 19.81
C THR A 100 -5.13 8.85 18.46
N VAL A 101 -5.52 8.16 17.40
CA VAL A 101 -5.18 8.57 16.04
C VAL A 101 -5.82 9.92 15.73
N SER A 102 -5.02 10.96 15.82
CA SER A 102 -5.49 12.31 15.55
C SER A 102 -4.71 12.93 14.40
N VAL A 103 -5.29 12.85 13.21
CA VAL A 103 -4.64 13.37 12.02
C VAL A 103 -5.18 14.74 11.65
N PRO A 104 -4.29 15.74 11.55
CA PRO A 104 -4.66 17.08 11.15
C PRO A 104 -4.75 17.22 9.64
N VAL A 105 -5.22 18.37 9.18
CA VAL A 105 -5.28 18.64 7.75
C VAL A 105 -3.89 19.02 7.28
N THR A 106 -3.25 18.10 6.58
CA THR A 106 -1.88 18.30 6.12
C THR A 106 -1.83 19.29 4.97
N VAL A 107 -0.81 20.13 4.98
CA VAL A 107 -0.63 21.13 3.95
C VAL A 107 0.78 21.03 3.38
N GLU A 108 0.91 21.13 2.06
CA GLU A 108 2.19 21.00 1.40
C GLU A 108 2.83 22.38 1.22
N MET A 109 2.23 23.17 0.32
CA MET A 109 2.70 24.52 0.02
C MET A 109 4.08 24.53 -0.64
N ILE A 110 4.28 25.48 -1.54
CA ILE A 110 5.57 25.62 -2.20
C ILE A 110 6.22 26.92 -1.75
N ASN A 111 7.46 26.81 -1.27
CA ASN A 111 8.18 27.97 -0.78
C ASN A 111 9.60 27.98 -1.33
N LEU A 112 9.98 29.09 -1.93
CA LEU A 112 11.31 29.22 -2.51
C LEU A 112 11.75 30.67 -2.45
N GLU A 113 12.87 30.91 -1.78
CA GLU A 113 13.43 32.24 -1.68
C GLU A 113 14.88 32.18 -1.25
N HIS A 114 15.78 32.34 -2.20
CA HIS A 114 17.20 32.42 -1.91
C HIS A 114 17.73 33.78 -2.34
N HIS A 115 17.58 34.77 -1.46
CA HIS A 115 17.92 36.14 -1.79
C HIS A 115 19.11 36.61 -0.95
N HIS A 116 19.99 35.68 -0.58
CA HIS A 116 21.19 36.03 0.15
C HIS A 116 22.18 36.76 -0.76
N HIS A 117 22.36 38.05 -0.51
CA HIS A 117 23.31 38.84 -1.27
C HIS A 117 24.19 39.64 -0.31
N HIS A 118 25.47 39.34 -0.31
CA HIS A 118 26.39 39.99 0.61
C HIS A 118 27.14 41.12 -0.05
N HIS A 119 27.87 41.90 0.74
CA HIS A 119 28.65 43.00 0.22
C HIS A 119 29.99 43.05 0.94
N MET A 1 -5.55 -7.21 -30.69
CA MET A 1 -4.93 -5.88 -30.89
C MET A 1 -3.86 -5.94 -31.98
N PRO A 2 -3.74 -4.89 -32.79
CA PRO A 2 -2.78 -4.81 -33.89
C PRO A 2 -1.44 -4.22 -33.45
N THR A 3 -1.05 -4.53 -32.23
CA THR A 3 0.19 -4.04 -31.65
C THR A 3 0.67 -5.07 -30.63
N PHE A 4 1.90 -4.91 -30.13
CA PHE A 4 2.42 -5.78 -29.09
C PHE A 4 1.42 -5.93 -27.96
N ASP A 5 1.21 -7.15 -27.50
CA ASP A 5 0.19 -7.44 -26.51
C ASP A 5 0.67 -7.12 -25.11
N HIS A 6 1.44 -6.06 -25.00
CA HIS A 6 1.89 -5.54 -23.72
C HIS A 6 1.07 -4.31 -23.36
N GLY A 7 0.18 -4.47 -22.40
CA GLY A 7 -0.70 -3.39 -22.03
C GLY A 7 -0.58 -3.02 -20.58
N ASN A 8 -1.43 -2.10 -20.15
CA ASN A 8 -1.41 -1.64 -18.77
C ASN A 8 -2.73 -1.94 -18.09
N LEU A 9 -2.68 -2.08 -16.79
CA LEU A 9 -3.86 -2.36 -16.00
C LEU A 9 -3.71 -1.70 -14.64
N SER A 10 -4.67 -0.86 -14.30
CA SER A 10 -4.65 -0.16 -13.03
C SER A 10 -5.41 -0.93 -11.96
N LEU A 11 -4.85 -0.96 -10.76
CA LEU A 11 -5.50 -1.62 -9.63
C LEU A 11 -6.35 -0.62 -8.87
N GLY A 12 -6.37 0.61 -9.37
CA GLY A 12 -7.04 1.67 -8.66
C GLY A 12 -6.25 2.11 -7.46
N GLU A 13 -6.94 2.38 -6.37
CA GLU A 13 -6.28 2.70 -5.13
C GLU A 13 -6.32 1.50 -4.18
N LEU A 14 -5.14 1.12 -3.70
CA LEU A 14 -5.03 -0.04 -2.81
C LEU A 14 -4.84 0.42 -1.38
N GLU A 15 -5.19 -0.45 -0.44
CA GLU A 15 -5.09 -0.14 0.97
C GLU A 15 -3.65 -0.30 1.45
N LEU A 16 -3.09 0.78 1.96
CA LEU A 16 -1.77 0.74 2.57
C LEU A 16 -1.90 0.36 4.04
N THR A 17 -1.44 -0.83 4.36
CA THR A 17 -1.47 -1.32 5.71
C THR A 17 -0.15 -1.02 6.41
N VAL A 18 -0.23 -0.52 7.63
CA VAL A 18 0.97 -0.16 8.37
C VAL A 18 1.23 -1.16 9.48
N LEU A 19 2.44 -1.70 9.49
CA LEU A 19 2.88 -2.54 10.59
C LEU A 19 3.57 -1.64 11.60
N TYR A 20 3.01 -1.57 12.79
CA TYR A 20 3.46 -0.59 13.78
C TYR A 20 3.62 -1.22 15.15
N ASP A 21 3.95 -0.39 16.13
CA ASP A 21 4.07 -0.84 17.50
C ASP A 21 2.81 -0.45 18.27
N GLU A 22 1.99 -1.44 18.57
CA GLU A 22 0.72 -1.18 19.26
C GLU A 22 0.90 -1.20 20.77
N GLU A 23 2.13 -1.11 21.23
CA GLU A 23 2.41 -1.03 22.65
C GLU A 23 2.29 0.40 23.14
N ARG A 24 3.11 1.30 22.57
CA ARG A 24 3.13 2.68 23.04
C ARG A 24 2.80 3.68 21.94
N TYR A 25 3.00 3.30 20.68
CA TYR A 25 2.93 4.29 19.61
C TYR A 25 1.55 4.35 18.96
N ASP A 26 1.03 5.56 18.83
CA ASP A 26 -0.23 5.81 18.15
C ASP A 26 0.03 6.53 16.85
N ILE A 27 -0.85 6.31 15.88
CA ILE A 27 -0.70 6.92 14.56
C ILE A 27 -1.44 8.24 14.49
N VAL A 28 -0.70 9.32 14.27
CA VAL A 28 -1.31 10.64 14.13
C VAL A 28 -1.84 10.81 12.70
N GLU A 29 -0.99 10.48 11.74
CA GLU A 29 -1.37 10.51 10.33
C GLU A 29 -0.55 9.49 9.56
N GLN A 30 -1.11 9.00 8.47
CA GLN A 30 -0.47 7.96 7.67
C GLN A 30 -0.88 8.09 6.21
N THR A 31 -0.40 7.20 5.37
CA THR A 31 -0.83 7.14 3.99
C THR A 31 -1.87 6.04 3.85
N GLU A 32 -3.05 6.39 3.35
CA GLU A 32 -4.18 5.47 3.36
C GLU A 32 -4.19 4.60 2.11
N THR A 33 -4.10 5.24 0.97
CA THR A 33 -4.26 4.55 -0.31
C THR A 33 -3.15 4.92 -1.28
N VAL A 34 -2.83 3.99 -2.16
CA VAL A 34 -1.87 4.24 -3.23
C VAL A 34 -2.51 3.92 -4.58
N GLN A 35 -2.11 4.65 -5.60
CA GLN A 35 -2.53 4.34 -6.94
C GLN A 35 -1.48 3.45 -7.59
N VAL A 36 -1.91 2.28 -8.05
CA VAL A 36 -0.99 1.27 -8.59
C VAL A 36 -1.41 0.87 -10.00
N ASP A 37 -0.43 0.86 -10.90
CA ASP A 37 -0.67 0.52 -12.30
C ASP A 37 0.38 -0.47 -12.79
N LEU A 38 -0.06 -1.55 -13.42
CA LEU A 38 0.86 -2.59 -13.87
C LEU A 38 0.90 -2.66 -15.38
N GLU A 39 2.04 -3.10 -15.90
CA GLU A 39 2.24 -3.27 -17.33
C GLU A 39 2.81 -4.65 -17.63
N GLY A 40 2.33 -5.27 -18.69
CA GLY A 40 2.83 -6.57 -19.07
C GLY A 40 2.00 -7.21 -20.16
N PRO A 41 2.24 -8.50 -20.47
CA PRO A 41 1.49 -9.21 -21.49
C PRO A 41 0.05 -9.45 -21.08
N ARG A 42 -0.87 -9.21 -22.02
CA ARG A 42 -2.30 -9.42 -21.78
C ARG A 42 -2.58 -10.85 -21.31
N GLY A 43 -1.75 -11.79 -21.75
CA GLY A 43 -1.90 -13.18 -21.34
C GLY A 43 -1.78 -13.35 -19.84
N VAL A 44 -0.79 -12.68 -19.26
CA VAL A 44 -0.60 -12.71 -17.81
C VAL A 44 -1.71 -11.93 -17.13
N LEU A 45 -2.08 -10.79 -17.71
CA LEU A 45 -3.14 -9.95 -17.17
C LEU A 45 -4.48 -10.69 -17.13
N THR A 46 -4.69 -11.58 -18.10
CA THR A 46 -5.91 -12.38 -18.14
C THR A 46 -5.94 -13.36 -16.97
N VAL A 47 -4.82 -14.03 -16.72
CA VAL A 47 -4.71 -14.94 -15.59
C VAL A 47 -4.90 -14.17 -14.28
N PHE A 48 -4.35 -12.96 -14.25
CA PHE A 48 -4.49 -12.06 -13.11
C PHE A 48 -5.96 -11.64 -12.93
N ARG A 49 -6.66 -11.51 -14.05
CA ARG A 49 -8.06 -11.15 -14.03
C ARG A 49 -8.94 -12.31 -13.59
N PHE A 50 -8.45 -13.54 -13.81
CA PHE A 50 -9.17 -14.74 -13.39
C PHE A 50 -9.16 -14.86 -11.87
N ALA A 51 -8.17 -14.24 -11.23
CA ALA A 51 -8.06 -14.28 -9.79
C ALA A 51 -8.70 -13.06 -9.18
N ARG A 52 -9.17 -13.19 -7.96
CA ARG A 52 -9.72 -12.09 -7.21
C ARG A 52 -8.59 -11.31 -6.55
N PRO A 53 -8.85 -10.06 -6.12
CA PRO A 53 -7.85 -9.26 -5.41
C PRO A 53 -7.25 -10.03 -4.22
N SER A 54 -5.93 -10.13 -4.23
CA SER A 54 -5.21 -10.88 -3.23
C SER A 54 -3.95 -10.12 -2.87
N TYR A 55 -3.94 -8.85 -3.27
CA TYR A 55 -2.77 -8.01 -3.14
C TYR A 55 -3.00 -6.89 -2.13
N GLU A 56 -2.01 -6.67 -1.28
CA GLU A 56 -2.09 -5.64 -0.25
C GLU A 56 -0.77 -4.89 -0.17
N VAL A 57 -0.84 -3.63 0.19
CA VAL A 57 0.35 -2.79 0.33
C VAL A 57 0.67 -2.63 1.80
N PHE A 58 1.96 -2.62 2.16
CA PHE A 58 2.34 -2.54 3.57
C PHE A 58 3.68 -1.85 3.76
N VAL A 59 3.86 -1.26 4.94
CA VAL A 59 5.13 -0.64 5.32
C VAL A 59 5.55 -1.11 6.71
N ASP A 60 6.86 -1.24 6.94
CA ASP A 60 7.37 -1.71 8.22
C ASP A 60 7.77 -0.53 9.10
N LEU A 61 6.98 -0.29 10.13
CA LEU A 61 7.24 0.81 11.05
C LEU A 61 7.17 0.33 12.50
N THR A 62 7.50 -0.94 12.71
CA THR A 62 7.46 -1.52 14.04
C THR A 62 8.64 -1.04 14.89
N GLU A 63 9.72 -0.65 14.23
CA GLU A 63 10.89 -0.12 14.92
C GLU A 63 10.83 1.39 14.99
N ALA A 64 9.83 1.97 14.34
CA ALA A 64 9.67 3.41 14.32
C ALA A 64 9.14 3.91 15.66
N GLY A 65 9.88 4.81 16.28
CA GLY A 65 9.50 5.32 17.57
C GLY A 65 9.92 6.75 17.77
N GLU A 66 9.34 7.61 16.97
CA GLU A 66 9.66 9.03 16.99
C GLU A 66 8.69 9.75 16.05
N GLY A 67 8.99 10.99 15.70
CA GLY A 67 8.14 11.73 14.79
C GLY A 67 8.12 11.15 13.39
N SER A 68 7.58 11.92 12.46
CA SER A 68 7.36 11.45 11.09
C SER A 68 8.62 10.84 10.51
N HIS A 69 8.43 9.70 9.88
CA HIS A 69 9.52 8.95 9.30
C HIS A 69 9.17 8.56 7.87
N THR A 70 10.12 8.71 6.96
CA THR A 70 9.88 8.39 5.57
C THR A 70 10.50 7.03 5.22
N VAL A 71 9.64 6.08 4.83
CA VAL A 71 10.08 4.72 4.54
C VAL A 71 9.67 4.29 3.15
N ASP A 72 10.22 3.17 2.70
CA ASP A 72 9.89 2.59 1.40
C ASP A 72 8.58 1.83 1.49
N VAL A 73 7.81 1.85 0.42
CA VAL A 73 6.49 1.22 0.40
C VAL A 73 6.58 -0.16 -0.24
N GLU A 74 6.29 -1.20 0.54
CA GLU A 74 6.35 -2.56 0.03
C GLU A 74 4.98 -3.01 -0.44
N HIS A 75 4.97 -3.91 -1.41
CA HIS A 75 3.75 -4.37 -2.04
C HIS A 75 3.87 -5.86 -2.33
N ARG A 76 2.74 -6.57 -2.30
CA ARG A 76 2.76 -8.01 -2.51
C ARG A 76 1.37 -8.49 -2.94
N GLY A 77 1.32 -9.67 -3.52
CA GLY A 77 0.05 -10.25 -3.93
C GLY A 77 0.02 -10.55 -5.41
N PHE A 78 0.19 -9.52 -6.21
CA PHE A 78 0.26 -9.67 -7.66
C PHE A 78 1.60 -10.28 -8.06
N PRO A 79 1.64 -10.99 -9.20
CA PRO A 79 2.86 -11.64 -9.70
C PRO A 79 4.03 -10.68 -9.81
N GLY A 80 5.13 -11.03 -9.13
CA GLY A 80 6.32 -10.21 -9.14
C GLY A 80 7.12 -10.37 -10.41
N ASP A 81 6.44 -10.19 -11.53
CA ASP A 81 7.07 -10.30 -12.84
C ASP A 81 6.63 -9.14 -13.75
N LEU A 82 5.46 -8.61 -13.50
CA LEU A 82 4.93 -7.51 -14.30
C LEU A 82 5.59 -6.20 -13.88
N ALA A 83 5.47 -5.18 -14.72
CA ALA A 83 6.00 -3.87 -14.39
C ALA A 83 5.03 -3.15 -13.48
N VAL A 84 5.34 -3.11 -12.20
CA VAL A 84 4.45 -2.53 -11.21
C VAL A 84 4.81 -1.08 -10.93
N THR A 85 3.84 -0.19 -11.08
CA THR A 85 4.05 1.20 -10.79
C THR A 85 3.20 1.63 -9.60
N VAL A 86 3.87 2.20 -8.63
CA VAL A 86 3.25 2.73 -7.44
C VAL A 86 3.50 4.20 -7.41
N GLU A 87 2.67 5.00 -6.76
CA GLU A 87 3.26 6.21 -6.27
C GLU A 87 2.67 6.75 -4.98
N PRO A 88 3.34 6.36 -3.91
CA PRO A 88 4.15 7.21 -3.10
C PRO A 88 5.57 6.73 -3.29
N ARG A 89 6.48 7.59 -3.58
CA ARG A 89 7.81 7.11 -3.91
C ARG A 89 8.44 6.63 -2.61
N MET A 90 8.24 7.43 -1.58
CA MET A 90 8.51 7.05 -0.21
C MET A 90 7.37 7.62 0.63
N ALA A 91 7.07 7.00 1.77
CA ALA A 91 5.89 7.39 2.52
C ALA A 91 6.25 7.88 3.91
N ARG A 92 5.54 8.92 4.34
CA ARG A 92 5.76 9.50 5.65
C ARG A 92 4.60 9.17 6.59
N VAL A 93 4.93 8.81 7.82
CA VAL A 93 3.92 8.53 8.83
C VAL A 93 4.28 9.23 10.14
N GLN A 94 3.29 9.83 10.78
CA GLN A 94 3.50 10.55 12.03
C GLN A 94 3.12 9.65 13.21
N LEU A 95 4.07 9.39 14.09
CA LEU A 95 3.84 8.52 15.23
C LEU A 95 4.08 9.27 16.54
N GLU A 96 3.21 9.01 17.50
CA GLU A 96 3.34 9.59 18.83
C GLU A 96 3.49 8.48 19.86
N GLU A 97 4.34 8.71 20.86
CA GLU A 97 4.53 7.73 21.93
C GLU A 97 3.41 7.90 22.95
N ARG A 98 2.18 7.67 22.49
CA ARG A 98 0.98 7.81 23.29
C ARG A 98 0.74 9.26 23.72
N GLN A 99 -0.52 9.60 23.92
CA GLN A 99 -0.88 10.90 24.44
C GLN A 99 -0.29 11.10 25.84
N THR A 100 0.36 12.23 26.05
CA THR A 100 1.00 12.52 27.33
C THR A 100 -0.04 12.66 28.43
N VAL A 101 -0.11 11.66 29.29
CA VAL A 101 -1.04 11.68 30.41
C VAL A 101 -0.27 11.86 31.72
N SER A 102 -0.76 12.74 32.58
CA SER A 102 -0.10 13.02 33.85
C SER A 102 -0.72 12.20 34.98
N VAL A 103 -1.60 11.28 34.61
CA VAL A 103 -2.26 10.41 35.57
C VAL A 103 -1.86 8.96 35.32
N PRO A 104 -1.36 8.26 36.34
CA PRO A 104 -0.90 6.87 36.22
C PRO A 104 -2.06 5.88 36.05
N VAL A 105 -2.83 6.05 34.99
CA VAL A 105 -3.90 5.13 34.65
C VAL A 105 -3.37 4.05 33.71
N THR A 106 -2.30 4.37 33.01
CA THR A 106 -1.66 3.42 32.11
C THR A 106 -0.46 2.77 32.80
N VAL A 107 -0.59 1.48 33.08
CA VAL A 107 0.44 0.75 33.81
C VAL A 107 1.45 0.13 32.83
N GLU A 108 0.92 -0.31 31.69
CA GLU A 108 1.74 -0.91 30.63
C GLU A 108 2.35 -2.24 31.05
N MET A 109 1.84 -3.33 30.50
CA MET A 109 2.39 -4.63 30.77
C MET A 109 3.60 -4.87 29.85
N ILE A 110 4.78 -4.66 30.40
CA ILE A 110 6.01 -4.85 29.65
C ILE A 110 6.86 -5.92 30.32
N ASN A 111 7.80 -6.47 29.58
CA ASN A 111 8.72 -7.44 30.15
C ASN A 111 9.84 -6.69 30.87
N LEU A 112 9.95 -6.90 32.17
CA LEU A 112 10.84 -6.13 33.01
C LEU A 112 12.29 -6.58 32.87
N GLU A 113 12.84 -6.38 31.69
CA GLU A 113 14.27 -6.59 31.47
C GLU A 113 15.00 -5.28 31.77
N HIS A 114 14.48 -4.22 31.17
CA HIS A 114 15.04 -2.90 31.34
C HIS A 114 14.45 -2.21 32.56
N HIS A 115 15.32 -1.81 33.48
CA HIS A 115 14.90 -1.09 34.67
C HIS A 115 15.45 0.33 34.62
N HIS A 116 14.60 1.31 34.82
CA HIS A 116 15.01 2.71 34.67
C HIS A 116 15.69 3.20 35.94
N HIS A 117 16.95 3.60 35.80
CA HIS A 117 17.71 4.13 36.92
C HIS A 117 17.25 5.55 37.25
N HIS A 118 17.70 6.06 38.39
CA HIS A 118 17.31 7.38 38.82
C HIS A 118 18.54 8.28 38.87
N HIS A 119 19.30 8.19 39.97
CA HIS A 119 20.57 8.88 40.10
C HIS A 119 21.26 8.41 41.37
N MET A 1 -3.82 -16.17 -30.64
CA MET A 1 -3.61 -14.88 -31.34
C MET A 1 -2.13 -14.49 -31.29
N PRO A 2 -1.67 -13.69 -32.27
CA PRO A 2 -0.25 -13.30 -32.38
C PRO A 2 0.19 -12.28 -31.32
N THR A 3 0.08 -12.66 -30.05
CA THR A 3 0.50 -11.84 -28.91
C THR A 3 -0.10 -10.42 -28.95
N PHE A 4 0.47 -9.53 -28.15
CA PHE A 4 0.06 -8.13 -28.13
C PHE A 4 1.19 -7.32 -27.51
N ASP A 5 1.35 -6.08 -27.93
CA ASP A 5 2.49 -5.29 -27.54
C ASP A 5 2.16 -4.46 -26.30
N HIS A 6 2.33 -5.11 -25.17
CA HIS A 6 2.16 -4.51 -23.83
C HIS A 6 0.68 -4.32 -23.49
N GLY A 7 0.40 -4.35 -22.21
CA GLY A 7 -0.92 -4.06 -21.71
C GLY A 7 -0.86 -3.55 -20.29
N ASN A 8 -1.95 -2.99 -19.80
CA ASN A 8 -1.97 -2.47 -18.44
C ASN A 8 -3.10 -3.07 -17.64
N LEU A 9 -2.89 -3.11 -16.35
CA LEU A 9 -3.91 -3.55 -15.41
C LEU A 9 -3.92 -2.57 -14.25
N SER A 10 -5.07 -2.00 -13.98
CA SER A 10 -5.17 -0.97 -12.98
C SER A 10 -5.69 -1.52 -11.66
N LEU A 11 -4.79 -1.63 -10.68
CA LEU A 11 -5.17 -2.01 -9.34
C LEU A 11 -5.72 -0.79 -8.62
N GLY A 12 -5.25 0.38 -9.06
CA GLY A 12 -5.69 1.62 -8.45
C GLY A 12 -4.83 1.97 -7.26
N GLU A 13 -5.39 2.70 -6.32
CA GLU A 13 -4.69 3.05 -5.11
C GLU A 13 -5.08 2.10 -3.97
N LEU A 14 -4.10 1.41 -3.43
CA LEU A 14 -4.34 0.42 -2.39
C LEU A 14 -4.04 0.99 -1.02
N GLU A 15 -4.71 0.46 -0.01
CA GLU A 15 -4.57 0.94 1.35
C GLU A 15 -3.23 0.52 1.94
N LEU A 16 -2.58 1.46 2.61
CA LEU A 16 -1.31 1.19 3.28
C LEU A 16 -1.56 0.55 4.65
N THR A 17 -1.01 -0.64 4.85
CA THR A 17 -1.11 -1.32 6.13
C THR A 17 0.18 -1.17 6.91
N VAL A 18 0.12 -0.49 8.04
CA VAL A 18 1.30 -0.23 8.85
C VAL A 18 1.28 -1.09 10.12
N LEU A 19 2.39 -1.74 10.41
CA LEU A 19 2.50 -2.56 11.60
C LEU A 19 3.23 -1.80 12.71
N TYR A 20 2.56 -1.63 13.85
CA TYR A 20 3.17 -1.05 15.02
C TYR A 20 2.36 -1.43 16.26
N ASP A 21 2.73 -0.92 17.42
CA ASP A 21 2.05 -1.26 18.66
C ASP A 21 1.45 -0.03 19.32
N GLU A 22 0.14 -0.10 19.57
CA GLU A 22 -0.61 1.01 20.17
C GLU A 22 -0.12 1.29 21.59
N GLU A 23 0.52 0.29 22.18
CA GLU A 23 1.03 0.37 23.54
C GLU A 23 2.07 1.46 23.71
N ARG A 24 2.76 1.80 22.63
CA ARG A 24 3.85 2.74 22.69
C ARG A 24 3.51 4.03 21.96
N TYR A 25 3.31 3.93 20.65
CA TYR A 25 2.97 5.08 19.83
C TYR A 25 1.91 4.68 18.82
N ASP A 26 1.09 5.64 18.43
CA ASP A 26 0.01 5.37 17.50
C ASP A 26 0.20 6.19 16.24
N ILE A 27 -0.50 5.80 15.19
CA ILE A 27 -0.37 6.44 13.90
C ILE A 27 -1.12 7.77 13.88
N VAL A 28 -0.38 8.87 13.93
CA VAL A 28 -0.96 10.20 13.93
C VAL A 28 -1.11 10.72 12.50
N GLU A 29 -0.20 10.27 11.63
CA GLU A 29 -0.24 10.66 10.23
C GLU A 29 0.25 9.47 9.39
N GLN A 30 -0.20 9.40 8.14
CA GLN A 30 0.07 8.23 7.30
C GLN A 30 -0.35 8.52 5.86
N THR A 31 0.34 7.89 4.93
CA THR A 31 -0.07 7.93 3.53
C THR A 31 -1.27 7.01 3.34
N GLU A 32 -2.40 7.61 2.98
CA GLU A 32 -3.67 6.90 2.89
C GLU A 32 -3.61 5.76 1.87
N THR A 33 -3.46 6.11 0.61
CA THR A 33 -3.44 5.13 -0.46
C THR A 33 -2.40 5.50 -1.52
N VAL A 34 -1.79 4.49 -2.11
CA VAL A 34 -0.85 4.71 -3.21
C VAL A 34 -1.26 3.90 -4.43
N GLN A 35 -0.96 4.45 -5.61
CA GLN A 35 -1.42 3.89 -6.87
C GLN A 35 -0.43 2.88 -7.43
N VAL A 36 -0.93 1.72 -7.82
CA VAL A 36 -0.12 0.71 -8.47
C VAL A 36 -0.78 0.25 -9.78
N ASP A 37 -0.06 0.44 -10.88
CA ASP A 37 -0.53 0.01 -12.19
C ASP A 37 0.45 -1.02 -12.74
N LEU A 38 -0.05 -2.01 -13.43
CA LEU A 38 0.79 -3.08 -13.94
C LEU A 38 0.85 -3.07 -15.45
N GLU A 39 2.06 -2.98 -15.97
CA GLU A 39 2.29 -2.99 -17.41
C GLU A 39 3.17 -4.19 -17.77
N GLY A 40 2.81 -4.87 -18.84
CA GLY A 40 3.63 -5.98 -19.28
C GLY A 40 2.91 -6.92 -20.21
N PRO A 41 3.37 -8.17 -20.29
CA PRO A 41 2.77 -9.21 -21.13
C PRO A 41 1.29 -9.42 -20.83
N ARG A 42 0.45 -9.11 -21.82
CA ARG A 42 -0.99 -9.28 -21.73
C ARG A 42 -1.40 -10.66 -21.20
N GLY A 43 -0.58 -11.68 -21.46
CA GLY A 43 -0.89 -13.03 -21.02
C GLY A 43 -1.05 -13.14 -19.52
N VAL A 44 -0.08 -12.60 -18.79
CA VAL A 44 -0.10 -12.63 -17.34
C VAL A 44 -1.26 -11.81 -16.81
N LEU A 45 -1.52 -10.68 -17.45
CA LEU A 45 -2.60 -9.78 -17.06
C LEU A 45 -3.96 -10.43 -17.26
N THR A 46 -4.07 -11.26 -18.30
CA THR A 46 -5.30 -11.99 -18.58
C THR A 46 -5.60 -12.99 -17.46
N VAL A 47 -4.57 -13.71 -17.04
CA VAL A 47 -4.71 -14.68 -15.95
C VAL A 47 -5.10 -13.95 -14.67
N PHE A 48 -4.44 -12.83 -14.40
CA PHE A 48 -4.70 -12.05 -13.21
C PHE A 48 -6.11 -11.45 -13.24
N ARG A 49 -6.61 -11.19 -14.45
CA ARG A 49 -7.93 -10.60 -14.63
C ARG A 49 -9.04 -11.57 -14.26
N PHE A 50 -8.71 -12.85 -14.13
CA PHE A 50 -9.68 -13.86 -13.73
C PHE A 50 -9.59 -14.12 -12.24
N ALA A 51 -8.50 -13.70 -11.63
CA ALA A 51 -8.28 -13.91 -10.21
C ALA A 51 -8.81 -12.74 -9.39
N ARG A 52 -9.58 -13.07 -8.37
CA ARG A 52 -10.09 -12.07 -7.45
C ARG A 52 -8.96 -11.51 -6.59
N PRO A 53 -9.13 -10.28 -6.06
CA PRO A 53 -8.09 -9.57 -5.31
C PRO A 53 -7.51 -10.40 -4.17
N SER A 54 -6.19 -10.48 -4.15
CA SER A 54 -5.45 -11.19 -3.11
C SER A 54 -4.17 -10.45 -2.82
N TYR A 55 -4.11 -9.22 -3.32
CA TYR A 55 -2.93 -8.37 -3.21
C TYR A 55 -3.10 -7.38 -2.05
N GLU A 56 -2.00 -7.08 -1.37
CA GLU A 56 -2.02 -6.15 -0.25
C GLU A 56 -0.79 -5.24 -0.24
N VAL A 57 -0.91 -4.12 0.45
CA VAL A 57 0.20 -3.20 0.63
C VAL A 57 0.53 -3.07 2.11
N PHE A 58 1.79 -3.32 2.47
CA PHE A 58 2.17 -3.38 3.87
C PHE A 58 3.52 -2.75 4.11
N VAL A 59 3.69 -2.18 5.30
CA VAL A 59 4.97 -1.63 5.75
C VAL A 59 5.16 -1.91 7.24
N ASP A 60 6.35 -2.38 7.60
CA ASP A 60 6.66 -2.64 9.00
C ASP A 60 7.56 -1.54 9.53
N LEU A 61 7.09 -0.84 10.54
CA LEU A 61 7.82 0.29 11.09
C LEU A 61 7.97 0.13 12.60
N THR A 62 8.18 -1.11 13.02
CA THR A 62 8.26 -1.44 14.44
C THR A 62 9.53 -0.87 15.08
N GLU A 63 10.51 -0.54 14.25
CA GLU A 63 11.75 0.03 14.73
C GLU A 63 11.75 1.55 14.56
N ALA A 64 10.63 2.08 14.12
CA ALA A 64 10.48 3.53 13.97
C ALA A 64 10.05 4.14 15.29
N GLY A 65 10.30 5.43 15.46
CA GLY A 65 9.99 6.08 16.71
C GLY A 65 9.10 7.29 16.54
N GLU A 66 9.43 8.35 17.26
CA GLU A 66 8.60 9.55 17.30
C GLU A 66 8.75 10.34 16.00
N GLY A 67 7.66 10.95 15.56
CA GLY A 67 7.71 11.75 14.36
C GLY A 67 7.35 10.95 13.13
N SER A 68 7.24 11.64 12.00
CA SER A 68 6.94 10.97 10.75
C SER A 68 8.20 10.33 10.17
N HIS A 69 8.03 9.14 9.66
CA HIS A 69 9.12 8.37 9.09
C HIS A 69 8.74 7.94 7.67
N THR A 70 9.68 8.08 6.74
CA THR A 70 9.38 7.81 5.34
C THR A 70 10.19 6.61 4.84
N VAL A 71 9.49 5.64 4.24
CA VAL A 71 10.13 4.44 3.71
C VAL A 71 9.52 4.06 2.38
N ASP A 72 10.17 3.14 1.67
CA ASP A 72 9.68 2.65 0.39
C ASP A 72 8.53 1.68 0.61
N VAL A 73 7.57 1.69 -0.29
CA VAL A 73 6.39 0.85 -0.16
C VAL A 73 6.47 -0.38 -1.06
N GLU A 74 6.53 -1.55 -0.45
CA GLU A 74 6.53 -2.80 -1.19
C GLU A 74 5.11 -3.34 -1.33
N HIS A 75 4.87 -4.10 -2.38
CA HIS A 75 3.56 -4.65 -2.65
C HIS A 75 3.66 -6.17 -2.69
N ARG A 76 2.60 -6.86 -2.31
CA ARG A 76 2.63 -8.32 -2.28
C ARG A 76 1.34 -8.89 -2.86
N GLY A 77 1.46 -10.01 -3.55
CA GLY A 77 0.31 -10.67 -4.13
C GLY A 77 0.57 -11.06 -5.57
N PHE A 78 0.98 -10.09 -6.36
CA PHE A 78 1.37 -10.32 -7.74
C PHE A 78 2.89 -10.40 -7.84
N PRO A 79 3.42 -11.18 -8.79
CA PRO A 79 4.86 -11.29 -9.01
C PRO A 79 5.43 -10.00 -9.60
N GLY A 80 6.54 -9.53 -9.04
CA GLY A 80 7.14 -8.31 -9.51
C GLY A 80 7.97 -8.51 -10.76
N ASP A 81 7.40 -9.22 -11.72
CA ASP A 81 8.09 -9.50 -12.98
C ASP A 81 7.54 -8.58 -14.06
N LEU A 82 6.44 -7.94 -13.76
CA LEU A 82 5.83 -6.96 -14.65
C LEU A 82 6.40 -5.58 -14.37
N ALA A 83 6.01 -4.59 -15.16
CA ALA A 83 6.40 -3.23 -14.92
C ALA A 83 5.43 -2.58 -13.96
N VAL A 84 5.90 -2.29 -12.76
CA VAL A 84 5.04 -1.74 -11.72
C VAL A 84 5.11 -0.22 -11.73
N THR A 85 4.02 0.41 -12.13
CA THR A 85 3.93 1.86 -12.12
C THR A 85 3.32 2.31 -10.80
N VAL A 86 3.95 3.27 -10.16
CA VAL A 86 3.56 3.65 -8.81
C VAL A 86 3.44 5.16 -8.67
N GLU A 87 2.44 5.58 -7.90
CA GLU A 87 2.32 6.96 -7.48
C GLU A 87 2.78 6.96 -6.05
N PRO A 88 3.38 8.06 -5.58
CA PRO A 88 4.54 8.07 -4.71
C PRO A 88 4.87 6.73 -4.07
N ARG A 89 6.12 6.34 -4.22
CA ARG A 89 6.57 4.99 -3.84
C ARG A 89 7.02 4.97 -2.41
N MET A 90 7.21 6.14 -1.85
CA MET A 90 7.61 6.26 -0.47
C MET A 90 6.47 6.82 0.35
N ALA A 91 6.24 6.23 1.51
CA ALA A 91 5.12 6.62 2.34
C ALA A 91 5.62 7.11 3.68
N ARG A 92 4.97 8.15 4.19
CA ARG A 92 5.37 8.73 5.45
C ARG A 92 4.33 8.38 6.52
N VAL A 93 4.82 8.01 7.69
CA VAL A 93 3.94 7.66 8.81
C VAL A 93 4.46 8.30 10.08
N GLN A 94 3.61 9.07 10.73
CA GLN A 94 4.00 9.75 11.96
C GLN A 94 3.53 8.97 13.17
N LEU A 95 4.48 8.57 14.00
CA LEU A 95 4.15 7.80 15.20
C LEU A 95 4.29 8.67 16.43
N GLU A 96 3.21 8.77 17.20
CA GLU A 96 3.20 9.50 18.45
C GLU A 96 2.19 8.88 19.39
N GLU A 97 2.51 8.88 20.67
CA GLU A 97 1.61 8.33 21.69
C GLU A 97 0.24 8.98 21.61
N ARG A 98 -0.80 8.15 21.62
CA ARG A 98 -2.20 8.58 21.52
C ARG A 98 -2.55 9.00 20.10
N GLN A 99 -3.75 8.64 19.69
CA GLN A 99 -4.15 8.75 18.30
C GLN A 99 -5.20 9.85 18.08
N THR A 100 -5.27 10.34 16.85
CA THR A 100 -6.32 11.24 16.42
C THR A 100 -6.43 11.19 14.89
N VAL A 101 -7.32 10.34 14.39
CA VAL A 101 -7.42 10.10 12.96
C VAL A 101 -8.87 10.16 12.48
N SER A 102 -9.20 11.25 11.80
CA SER A 102 -10.51 11.38 11.16
C SER A 102 -10.33 11.54 9.66
N VAL A 103 -9.15 11.15 9.17
CA VAL A 103 -8.84 11.24 7.75
C VAL A 103 -9.47 10.09 6.98
N PRO A 104 -9.89 10.34 5.73
CA PRO A 104 -10.50 9.32 4.89
C PRO A 104 -9.46 8.48 4.17
N VAL A 105 -9.91 7.38 3.59
CA VAL A 105 -9.05 6.55 2.77
C VAL A 105 -9.36 6.79 1.30
N THR A 106 -8.33 6.77 0.46
CA THR A 106 -8.47 7.00 -0.97
C THR A 106 -8.59 8.50 -1.29
N VAL A 107 -7.72 8.97 -2.16
CA VAL A 107 -7.71 10.37 -2.56
C VAL A 107 -8.19 10.51 -4.02
N GLU A 108 -8.21 9.36 -4.69
CA GLU A 108 -8.66 9.23 -6.07
C GLU A 108 -7.63 9.78 -7.05
N MET A 109 -6.76 8.89 -7.49
CA MET A 109 -5.73 9.21 -8.46
C MET A 109 -6.20 8.97 -9.88
N ILE A 110 -5.29 9.16 -10.83
CA ILE A 110 -5.57 8.90 -12.24
C ILE A 110 -4.33 8.30 -12.93
N ASN A 111 -4.55 7.27 -13.71
CA ASN A 111 -3.49 6.67 -14.50
C ASN A 111 -3.72 6.98 -15.99
N LEU A 112 -2.68 7.48 -16.65
CA LEU A 112 -2.83 7.93 -18.03
C LEU A 112 -1.53 7.79 -18.82
N GLU A 113 -1.59 6.99 -19.88
CA GLU A 113 -0.50 6.88 -20.83
C GLU A 113 -1.07 7.01 -22.24
N HIS A 114 -1.00 8.22 -22.79
CA HIS A 114 -1.63 8.51 -24.06
C HIS A 114 -0.67 9.25 -25.00
N HIS A 115 0.44 8.59 -25.30
CA HIS A 115 1.40 9.15 -26.25
C HIS A 115 1.33 8.42 -27.58
N HIS A 116 1.73 9.09 -28.65
CA HIS A 116 1.73 8.49 -29.98
C HIS A 116 3.05 8.76 -30.67
N HIS A 117 3.75 7.70 -31.05
CA HIS A 117 5.06 7.85 -31.67
C HIS A 117 4.92 8.47 -33.06
N HIS A 118 5.33 9.72 -33.18
CA HIS A 118 5.37 10.39 -34.47
C HIS A 118 6.66 11.18 -34.58
N HIS A 119 7.13 11.36 -35.81
CA HIS A 119 8.39 12.07 -36.05
C HIS A 119 8.16 13.57 -35.97
N MET A 1 -3.37 -13.29 -34.54
CA MET A 1 -2.93 -12.59 -33.32
C MET A 1 -1.53 -12.01 -33.53
N PRO A 2 -1.36 -10.71 -33.22
CA PRO A 2 -0.06 -10.02 -33.35
C PRO A 2 0.96 -10.52 -32.33
N THR A 3 2.11 -9.86 -32.27
CA THR A 3 3.16 -10.23 -31.32
C THR A 3 2.82 -9.74 -29.92
N PHE A 4 3.80 -9.79 -29.02
CA PHE A 4 3.59 -9.36 -27.64
C PHE A 4 3.20 -7.89 -27.57
N ASP A 5 2.35 -7.58 -26.60
CA ASP A 5 1.84 -6.24 -26.43
C ASP A 5 1.73 -5.93 -24.95
N HIS A 6 2.70 -5.18 -24.46
CA HIS A 6 2.70 -4.74 -23.08
C HIS A 6 1.46 -3.89 -22.79
N GLY A 7 0.58 -4.42 -21.97
CA GLY A 7 -0.63 -3.72 -21.62
C GLY A 7 -0.58 -3.21 -20.21
N ASN A 8 -1.61 -2.50 -19.79
CA ASN A 8 -1.67 -1.98 -18.43
C ASN A 8 -2.86 -2.56 -17.70
N LEU A 9 -2.69 -2.75 -16.41
CA LEU A 9 -3.75 -3.26 -15.56
C LEU A 9 -3.72 -2.49 -14.25
N SER A 10 -4.83 -1.87 -13.90
CA SER A 10 -4.88 -1.04 -12.71
C SER A 10 -5.54 -1.77 -11.56
N LEU A 11 -4.86 -1.78 -10.42
CA LEU A 11 -5.42 -2.33 -9.20
C LEU A 11 -6.26 -1.26 -8.51
N GLY A 12 -6.09 -0.03 -8.98
CA GLY A 12 -6.80 1.11 -8.41
C GLY A 12 -5.99 1.74 -7.31
N GLU A 13 -6.64 2.54 -6.49
CA GLU A 13 -5.98 3.10 -5.32
C GLU A 13 -6.37 2.30 -4.07
N LEU A 14 -5.41 1.56 -3.55
CA LEU A 14 -5.67 0.63 -2.47
C LEU A 14 -5.31 1.25 -1.13
N GLU A 15 -6.03 0.82 -0.09
CA GLU A 15 -5.74 1.25 1.27
C GLU A 15 -4.51 0.49 1.77
N LEU A 16 -3.55 1.21 2.34
CA LEU A 16 -2.36 0.59 2.86
C LEU A 16 -2.32 0.71 4.39
N THR A 17 -1.78 -0.30 5.04
CA THR A 17 -1.71 -0.31 6.49
C THR A 17 -0.25 -0.29 6.95
N VAL A 18 0.04 0.50 7.98
CA VAL A 18 1.36 0.52 8.57
C VAL A 18 1.36 -0.24 9.88
N LEU A 19 2.30 -1.17 10.02
CA LEU A 19 2.37 -2.02 11.18
C LEU A 19 3.19 -1.38 12.27
N TYR A 20 2.65 -1.40 13.48
CA TYR A 20 3.25 -0.72 14.63
C TYR A 20 2.84 -1.43 15.90
N ASP A 21 3.63 -1.29 16.95
CA ASP A 21 3.24 -1.73 18.28
C ASP A 21 2.20 -0.77 18.83
N GLU A 22 1.00 -1.27 19.09
CA GLU A 22 -0.13 -0.42 19.40
C GLU A 22 -0.09 0.08 20.85
N GLU A 23 0.95 -0.29 21.59
CA GLU A 23 1.14 0.21 22.92
C GLU A 23 2.12 1.38 22.92
N ARG A 24 3.09 1.31 22.01
CA ARG A 24 4.16 2.30 21.95
C ARG A 24 3.71 3.58 21.25
N TYR A 25 3.13 3.44 20.07
CA TYR A 25 2.77 4.60 19.24
C TYR A 25 1.36 4.47 18.71
N ASP A 26 0.85 5.56 18.17
CA ASP A 26 -0.41 5.56 17.46
C ASP A 26 -0.25 6.39 16.19
N ILE A 27 -1.15 6.21 15.25
CA ILE A 27 -1.03 6.82 13.93
C ILE A 27 -1.70 8.19 13.89
N VAL A 28 -0.88 9.23 13.74
CA VAL A 28 -1.39 10.58 13.62
C VAL A 28 -1.72 10.87 12.16
N GLU A 29 -0.77 10.56 11.27
CA GLU A 29 -0.98 10.70 9.84
C GLU A 29 -0.38 9.50 9.11
N GLN A 30 -0.91 9.23 7.94
CA GLN A 30 -0.45 8.12 7.12
C GLN A 30 -0.97 8.29 5.70
N THR A 31 -0.25 7.74 4.74
CA THR A 31 -0.75 7.68 3.37
C THR A 31 -2.03 6.85 3.34
N GLU A 32 -3.07 7.39 2.74
CA GLU A 32 -4.39 6.76 2.79
C GLU A 32 -4.54 5.69 1.72
N THR A 33 -4.57 6.10 0.45
CA THR A 33 -4.68 5.16 -0.64
C THR A 33 -3.59 5.41 -1.66
N VAL A 34 -3.11 4.34 -2.29
CA VAL A 34 -2.08 4.46 -3.30
C VAL A 34 -2.52 3.82 -4.61
N GLN A 35 -2.09 4.41 -5.70
CA GLN A 35 -2.49 3.95 -7.02
C GLN A 35 -1.44 3.01 -7.60
N VAL A 36 -1.88 1.80 -7.92
CA VAL A 36 -0.99 0.78 -8.47
C VAL A 36 -1.48 0.34 -9.85
N ASP A 37 -0.61 0.48 -10.84
CA ASP A 37 -0.90 0.03 -12.19
C ASP A 37 0.23 -0.88 -12.66
N LEU A 38 -0.12 -1.96 -13.33
CA LEU A 38 0.86 -2.96 -13.72
C LEU A 38 1.02 -3.02 -15.23
N GLU A 39 2.24 -3.20 -15.67
CA GLU A 39 2.53 -3.39 -17.08
C GLU A 39 3.09 -4.78 -17.34
N GLY A 40 2.83 -5.30 -18.51
CA GLY A 40 3.36 -6.59 -18.88
C GLY A 40 2.55 -7.24 -19.98
N PRO A 41 2.82 -8.51 -20.29
CA PRO A 41 2.08 -9.23 -21.31
C PRO A 41 0.59 -9.31 -20.97
N ARG A 42 -0.25 -8.91 -21.92
CA ARG A 42 -1.70 -8.94 -21.73
C ARG A 42 -2.19 -10.31 -21.27
N GLY A 43 -1.51 -11.36 -21.72
CA GLY A 43 -1.86 -12.70 -21.32
C GLY A 43 -1.79 -12.89 -19.82
N VAL A 44 -0.69 -12.47 -19.22
CA VAL A 44 -0.49 -12.59 -17.78
C VAL A 44 -1.51 -11.73 -17.03
N LEU A 45 -1.73 -10.52 -17.53
CA LEU A 45 -2.67 -9.59 -16.93
C LEU A 45 -4.07 -10.18 -16.90
N THR A 46 -4.44 -10.86 -17.97
CA THR A 46 -5.75 -11.47 -18.08
C THR A 46 -5.88 -12.66 -17.10
N VAL A 47 -4.86 -13.51 -17.09
CA VAL A 47 -4.86 -14.68 -16.21
C VAL A 47 -4.92 -14.27 -14.74
N PHE A 48 -4.15 -13.24 -14.39
CA PHE A 48 -4.12 -12.72 -13.03
C PHE A 48 -5.48 -12.13 -12.65
N ARG A 49 -6.13 -11.49 -13.62
CA ARG A 49 -7.42 -10.85 -13.38
C ARG A 49 -8.54 -11.86 -13.19
N PHE A 50 -8.30 -13.11 -13.54
CA PHE A 50 -9.26 -14.16 -13.33
C PHE A 50 -9.36 -14.51 -11.85
N ALA A 51 -8.30 -14.23 -11.12
CA ALA A 51 -8.23 -14.55 -9.70
C ALA A 51 -8.73 -13.36 -8.87
N ARG A 52 -9.19 -13.68 -7.67
CA ARG A 52 -9.65 -12.68 -6.73
C ARG A 52 -8.46 -12.02 -6.03
N PRO A 53 -8.64 -10.78 -5.55
CA PRO A 53 -7.57 -10.05 -4.86
C PRO A 53 -7.01 -10.82 -3.68
N SER A 54 -5.71 -11.04 -3.73
CA SER A 54 -4.99 -11.73 -2.68
C SER A 54 -3.68 -11.00 -2.40
N TYR A 55 -3.68 -9.73 -2.74
CA TYR A 55 -2.50 -8.89 -2.59
C TYR A 55 -2.75 -7.80 -1.57
N GLU A 56 -1.83 -7.69 -0.62
CA GLU A 56 -1.95 -6.69 0.43
C GLU A 56 -0.83 -5.67 0.33
N VAL A 57 -1.15 -4.42 0.65
CA VAL A 57 -0.16 -3.36 0.68
C VAL A 57 0.01 -2.85 2.11
N PHE A 58 1.23 -2.90 2.61
CA PHE A 58 1.48 -2.52 3.99
C PHE A 58 2.93 -2.09 4.16
N VAL A 59 3.18 -1.37 5.25
CA VAL A 59 4.53 -0.99 5.61
C VAL A 59 4.79 -1.37 7.07
N ASP A 60 5.93 -1.95 7.34
CA ASP A 60 6.26 -2.34 8.70
C ASP A 60 7.26 -1.36 9.28
N LEU A 61 6.78 -0.46 10.13
CA LEU A 61 7.62 0.58 10.69
C LEU A 61 7.44 0.67 12.20
N THR A 62 7.29 -0.49 12.82
CA THR A 62 7.12 -0.57 14.26
C THR A 62 8.44 -0.28 14.99
N GLU A 63 9.54 -0.31 14.25
CA GLU A 63 10.84 0.02 14.81
C GLU A 63 11.12 1.51 14.72
N ALA A 64 10.20 2.24 14.10
CA ALA A 64 10.36 3.68 13.95
C ALA A 64 9.89 4.40 15.21
N GLY A 65 10.63 5.43 15.61
CA GLY A 65 10.28 6.15 16.81
C GLY A 65 9.59 7.47 16.52
N GLU A 66 9.97 8.49 17.26
CA GLU A 66 9.33 9.80 17.19
C GLU A 66 9.67 10.48 15.87
N GLY A 67 8.71 11.23 15.34
CA GLY A 67 8.91 11.94 14.09
C GLY A 67 8.34 11.19 12.91
N SER A 68 8.16 11.88 11.79
CA SER A 68 7.63 11.24 10.59
C SER A 68 8.74 10.48 9.90
N HIS A 69 8.38 9.31 9.40
CA HIS A 69 9.34 8.43 8.75
C HIS A 69 8.86 8.07 7.36
N THR A 70 9.70 8.32 6.38
CA THR A 70 9.33 8.13 4.99
C THR A 70 10.20 7.06 4.33
N VAL A 71 9.57 5.98 3.90
CA VAL A 71 10.26 4.88 3.22
C VAL A 71 9.40 4.35 2.08
N ASP A 72 9.98 3.55 1.20
CA ASP A 72 9.22 2.97 0.10
C ASP A 72 8.37 1.81 0.59
N VAL A 73 7.25 1.59 -0.07
CA VAL A 73 6.30 0.55 0.34
C VAL A 73 6.57 -0.76 -0.39
N GLU A 74 6.74 -1.83 0.38
CA GLU A 74 6.94 -3.16 -0.18
C GLU A 74 5.59 -3.82 -0.42
N HIS A 75 5.50 -4.69 -1.40
CA HIS A 75 4.20 -5.23 -1.80
C HIS A 75 4.19 -6.76 -1.70
N ARG A 76 3.02 -7.31 -1.41
CA ARG A 76 2.84 -8.75 -1.32
C ARG A 76 1.59 -9.17 -2.10
N GLY A 77 1.59 -10.38 -2.63
CA GLY A 77 0.45 -10.86 -3.37
C GLY A 77 0.81 -11.19 -4.81
N PHE A 78 1.10 -10.17 -5.60
CA PHE A 78 1.57 -10.36 -6.96
C PHE A 78 3.09 -10.45 -7.00
N PRO A 79 3.64 -11.30 -7.88
CA PRO A 79 5.08 -11.44 -8.05
C PRO A 79 5.69 -10.29 -8.84
N GLY A 80 6.99 -10.11 -8.71
CA GLY A 80 7.66 -9.00 -9.39
C GLY A 80 8.05 -9.36 -10.81
N ASP A 81 7.18 -10.06 -11.51
CA ASP A 81 7.41 -10.41 -12.92
C ASP A 81 6.97 -9.25 -13.80
N LEU A 82 5.83 -8.69 -13.46
CA LEU A 82 5.26 -7.58 -14.19
C LEU A 82 5.88 -6.27 -13.73
N ALA A 83 5.66 -5.21 -14.50
CA ALA A 83 6.14 -3.89 -14.12
C ALA A 83 5.16 -3.26 -13.14
N VAL A 84 5.60 -3.09 -11.91
CA VAL A 84 4.74 -2.58 -10.85
C VAL A 84 4.87 -1.08 -10.73
N THR A 85 3.83 -0.36 -11.10
CA THR A 85 3.85 1.08 -11.03
C THR A 85 2.97 1.57 -9.90
N VAL A 86 3.56 2.39 -9.07
CA VAL A 86 2.88 2.99 -7.94
C VAL A 86 3.14 4.46 -7.97
N GLU A 87 2.29 5.29 -7.39
CA GLU A 87 2.86 6.54 -6.95
C GLU A 87 2.44 6.91 -5.55
N PRO A 88 3.20 6.37 -4.61
CA PRO A 88 4.08 7.09 -3.74
C PRO A 88 5.48 6.51 -3.93
N ARG A 89 6.46 7.33 -4.11
CA ARG A 89 7.78 6.78 -4.29
C ARG A 89 8.29 6.33 -2.94
N MET A 90 8.03 7.17 -1.97
CA MET A 90 8.16 6.82 -0.57
C MET A 90 6.92 7.29 0.16
N ALA A 91 6.58 6.62 1.25
CA ALA A 91 5.38 6.95 2.00
C ALA A 91 5.74 7.35 3.41
N ARG A 92 5.03 8.33 3.94
CA ARG A 92 5.34 8.87 5.24
C ARG A 92 4.27 8.50 6.26
N VAL A 93 4.72 8.05 7.42
CA VAL A 93 3.82 7.79 8.52
C VAL A 93 4.21 8.67 9.71
N GLN A 94 3.22 9.22 10.39
CA GLN A 94 3.47 10.02 11.57
C GLN A 94 3.11 9.23 12.81
N LEU A 95 4.10 8.99 13.65
CA LEU A 95 3.92 8.21 14.85
C LEU A 95 4.19 9.06 16.08
N GLU A 96 3.31 8.98 17.05
CA GLU A 96 3.48 9.73 18.28
C GLU A 96 3.08 8.88 19.46
N GLU A 97 3.77 9.06 20.58
CA GLU A 97 3.45 8.38 21.83
C GLU A 97 2.12 8.89 22.43
N ARG A 98 1.14 9.06 21.56
CA ARG A 98 -0.17 9.57 21.93
C ARG A 98 -1.24 8.76 21.22
N GLN A 99 -2.28 8.41 21.93
CA GLN A 99 -3.33 7.59 21.39
C GLN A 99 -4.28 8.40 20.50
N THR A 100 -4.55 7.87 19.32
CA THR A 100 -5.41 8.52 18.35
C THR A 100 -6.50 7.55 17.91
N VAL A 101 -6.56 6.41 18.60
CA VAL A 101 -7.55 5.35 18.34
C VAL A 101 -7.16 4.53 17.11
N SER A 102 -6.74 5.24 16.08
CA SER A 102 -6.23 4.63 14.83
C SER A 102 -7.36 4.02 14.00
N VAL A 103 -7.23 4.14 12.69
CA VAL A 103 -8.16 3.53 11.75
C VAL A 103 -7.53 3.45 10.36
N PRO A 104 -6.87 2.33 10.05
CA PRO A 104 -6.12 2.14 8.81
C PRO A 104 -6.95 1.54 7.68
N VAL A 105 -8.26 1.55 7.84
CA VAL A 105 -9.16 0.99 6.85
C VAL A 105 -10.55 1.59 6.97
N THR A 106 -11.11 2.02 5.85
CA THR A 106 -12.47 2.56 5.81
C THR A 106 -13.08 2.31 4.43
N VAL A 107 -12.83 1.09 3.92
CA VAL A 107 -13.25 0.70 2.58
C VAL A 107 -14.74 0.96 2.32
N GLU A 108 -14.97 2.07 1.60
CA GLU A 108 -16.29 2.54 1.16
C GLU A 108 -16.18 4.00 0.78
N MET A 109 -15.28 4.70 1.46
CA MET A 109 -15.05 6.12 1.21
C MET A 109 -14.19 6.30 -0.04
N ILE A 110 -14.80 6.87 -1.06
CA ILE A 110 -14.11 7.14 -2.31
C ILE A 110 -14.75 8.32 -3.05
N ASN A 111 -16.05 8.54 -2.81
CA ASN A 111 -16.73 9.69 -3.36
C ASN A 111 -16.30 10.95 -2.61
N LEU A 112 -15.55 11.80 -3.29
CA LEU A 112 -15.01 12.99 -2.65
C LEU A 112 -15.09 14.20 -3.57
N GLU A 113 -14.85 15.37 -3.01
CA GLU A 113 -14.78 16.59 -3.78
C GLU A 113 -13.68 17.48 -3.24
N HIS A 114 -12.96 18.13 -4.14
CA HIS A 114 -11.96 19.12 -3.77
C HIS A 114 -12.40 20.50 -4.27
N HIS A 115 -13.27 21.12 -3.49
CA HIS A 115 -13.91 22.36 -3.86
C HIS A 115 -14.06 23.24 -2.64
N HIS A 116 -13.07 24.09 -2.39
CA HIS A 116 -13.12 25.03 -1.28
C HIS A 116 -13.66 26.37 -1.73
N HIS A 117 -14.41 27.02 -0.85
CA HIS A 117 -14.96 28.33 -1.14
C HIS A 117 -14.86 29.22 0.09
N HIS A 118 -14.31 30.40 -0.08
CA HIS A 118 -14.13 31.33 1.04
C HIS A 118 -15.47 31.90 1.47
N HIS A 119 -15.57 32.22 2.75
CA HIS A 119 -16.75 32.86 3.27
C HIS A 119 -16.35 34.11 4.04
N MET A 1 -1.90 -0.97 -36.46
CA MET A 1 -1.71 -2.28 -37.11
C MET A 1 -0.92 -3.23 -36.20
N PRO A 2 0.38 -2.94 -35.89
CA PRO A 2 1.21 -3.84 -35.08
C PRO A 2 0.89 -3.72 -33.60
N THR A 3 0.54 -4.82 -32.98
CA THR A 3 0.23 -4.84 -31.56
C THR A 3 1.03 -5.95 -30.87
N PHE A 4 1.44 -5.70 -29.64
CA PHE A 4 2.29 -6.64 -28.91
C PHE A 4 1.60 -7.08 -27.62
N ASP A 5 2.15 -8.10 -26.97
CA ASP A 5 1.58 -8.64 -25.74
C ASP A 5 1.92 -7.76 -24.53
N HIS A 6 1.99 -6.47 -24.76
CA HIS A 6 2.31 -5.54 -23.70
C HIS A 6 1.14 -4.60 -23.45
N GLY A 7 0.46 -4.79 -22.33
CA GLY A 7 -0.70 -3.98 -22.04
C GLY A 7 -0.62 -3.34 -20.66
N ASN A 8 -1.70 -2.68 -20.27
CA ASN A 8 -1.78 -2.03 -18.97
C ASN A 8 -2.91 -2.63 -18.15
N LEU A 9 -2.80 -2.48 -16.85
CA LEU A 9 -3.84 -2.93 -15.92
C LEU A 9 -3.85 -2.04 -14.69
N SER A 10 -5.00 -1.46 -14.38
CA SER A 10 -5.12 -0.55 -13.26
C SER A 10 -5.53 -1.27 -11.98
N LEU A 11 -4.75 -1.11 -10.92
CA LEU A 11 -5.11 -1.65 -9.62
C LEU A 11 -5.80 -0.57 -8.79
N GLY A 12 -5.28 0.64 -8.87
CA GLY A 12 -5.95 1.79 -8.29
C GLY A 12 -5.47 2.14 -6.89
N GLU A 13 -6.28 2.92 -6.18
CA GLU A 13 -5.97 3.37 -4.83
C GLU A 13 -6.10 2.23 -3.83
N LEU A 14 -4.99 1.85 -3.22
CA LEU A 14 -4.98 0.82 -2.19
C LEU A 14 -4.50 1.39 -0.87
N GLU A 15 -5.05 0.90 0.22
CA GLU A 15 -4.70 1.40 1.55
C GLU A 15 -3.31 0.94 1.96
N LEU A 16 -2.59 1.83 2.62
CA LEU A 16 -1.26 1.51 3.13
C LEU A 16 -1.37 0.83 4.48
N THR A 17 -1.14 -0.47 4.50
CA THR A 17 -1.23 -1.24 5.73
C THR A 17 0.10 -1.23 6.46
N VAL A 18 0.11 -0.59 7.62
CA VAL A 18 1.33 -0.47 8.41
C VAL A 18 1.15 -1.11 9.77
N LEU A 19 2.09 -1.98 10.15
CA LEU A 19 2.09 -2.58 11.47
C LEU A 19 2.92 -1.73 12.42
N TYR A 20 2.32 -1.35 13.54
CA TYR A 20 2.96 -0.49 14.52
C TYR A 20 2.98 -1.15 15.88
N ASP A 21 3.58 -0.47 16.84
CA ASP A 21 3.76 -1.01 18.19
C ASP A 21 2.59 -0.57 19.09
N GLU A 22 1.85 -1.56 19.59
CA GLU A 22 0.59 -1.30 20.30
C GLU A 22 0.77 -0.59 21.64
N GLU A 23 2.00 -0.51 22.12
CA GLU A 23 2.27 0.07 23.43
C GLU A 23 1.92 1.55 23.48
N ARG A 24 2.69 2.37 22.76
CA ARG A 24 2.47 3.80 22.75
C ARG A 24 2.71 4.40 21.37
N TYR A 25 2.99 3.57 20.38
CA TYR A 25 3.37 4.07 19.07
C TYR A 25 2.21 3.94 18.09
N ASP A 26 1.43 5.00 17.99
CA ASP A 26 0.28 5.01 17.10
C ASP A 26 0.48 6.00 15.97
N ILE A 27 -0.22 5.76 14.87
CA ILE A 27 -0.04 6.57 13.67
C ILE A 27 -1.03 7.73 13.66
N VAL A 28 -0.50 8.95 13.71
CA VAL A 28 -1.35 10.13 13.62
C VAL A 28 -1.70 10.41 12.17
N GLU A 29 -0.67 10.44 11.33
CA GLU A 29 -0.85 10.61 9.89
C GLU A 29 0.07 9.70 9.12
N GLN A 30 -0.34 9.36 7.91
CA GLN A 30 0.42 8.49 7.04
C GLN A 30 -0.01 8.71 5.61
N THR A 31 0.65 8.05 4.69
CA THR A 31 0.17 7.98 3.33
C THR A 31 -0.99 7.00 3.30
N GLU A 32 -2.21 7.53 3.29
CA GLU A 32 -3.40 6.71 3.47
C GLU A 32 -3.56 5.68 2.34
N THR A 33 -3.55 6.15 1.10
CA THR A 33 -3.66 5.27 -0.04
C THR A 33 -2.67 5.63 -1.13
N VAL A 34 -2.23 4.64 -1.89
CA VAL A 34 -1.38 4.87 -3.05
C VAL A 34 -1.96 4.16 -4.26
N GLN A 35 -1.71 4.71 -5.44
CA GLN A 35 -2.22 4.13 -6.67
C GLN A 35 -1.12 3.34 -7.37
N VAL A 36 -1.43 2.09 -7.70
CA VAL A 36 -0.49 1.23 -8.40
C VAL A 36 -1.14 0.63 -9.64
N ASP A 37 -0.38 0.57 -10.72
CA ASP A 37 -0.84 -0.03 -11.96
C ASP A 37 0.24 -0.98 -12.49
N LEU A 38 -0.16 -1.92 -13.32
CA LEU A 38 0.77 -2.93 -13.82
C LEU A 38 0.84 -2.88 -15.35
N GLU A 39 2.06 -3.06 -15.86
CA GLU A 39 2.29 -3.21 -17.28
C GLU A 39 3.00 -4.51 -17.57
N GLY A 40 3.02 -4.90 -18.83
CA GLY A 40 3.79 -6.06 -19.22
C GLY A 40 2.99 -7.05 -20.03
N PRO A 41 3.39 -8.34 -19.98
CA PRO A 41 2.70 -9.42 -20.72
C PRO A 41 1.23 -9.50 -20.38
N ARG A 42 0.40 -9.33 -21.40
CA ARG A 42 -1.05 -9.34 -21.24
C ARG A 42 -1.54 -10.67 -20.66
N GLY A 43 -0.82 -11.75 -20.95
CA GLY A 43 -1.18 -13.06 -20.43
C GLY A 43 -1.25 -13.08 -18.92
N VAL A 44 -0.21 -12.56 -18.27
CA VAL A 44 -0.16 -12.51 -16.81
C VAL A 44 -1.25 -11.60 -16.27
N LEU A 45 -1.43 -10.46 -16.91
CA LEU A 45 -2.47 -9.50 -16.54
C LEU A 45 -3.85 -10.14 -16.61
N THR A 46 -4.04 -10.99 -17.61
CA THR A 46 -5.30 -11.69 -17.81
C THR A 46 -5.54 -12.70 -16.69
N VAL A 47 -4.49 -13.43 -16.30
CA VAL A 47 -4.59 -14.41 -15.23
C VAL A 47 -4.96 -13.75 -13.91
N PHE A 48 -4.30 -12.63 -13.62
CA PHE A 48 -4.55 -11.89 -12.38
C PHE A 48 -5.97 -11.32 -12.37
N ARG A 49 -6.49 -11.04 -13.56
CA ARG A 49 -7.83 -10.48 -13.73
C ARG A 49 -8.90 -11.49 -13.32
N PHE A 50 -8.59 -12.77 -13.41
CA PHE A 50 -9.55 -13.82 -13.12
C PHE A 50 -9.79 -14.00 -11.63
N ALA A 51 -8.77 -13.73 -10.83
CA ALA A 51 -8.83 -13.98 -9.40
C ALA A 51 -9.51 -12.83 -8.67
N ARG A 52 -9.86 -13.09 -7.41
CA ARG A 52 -10.46 -12.10 -6.55
C ARG A 52 -9.35 -11.29 -5.89
N PRO A 53 -9.66 -10.08 -5.36
CA PRO A 53 -8.69 -9.28 -4.64
C PRO A 53 -8.07 -10.04 -3.46
N SER A 54 -6.76 -10.15 -3.48
CA SER A 54 -6.02 -10.81 -2.45
C SER A 54 -4.62 -10.21 -2.34
N TYR A 55 -4.52 -8.96 -2.77
CA TYR A 55 -3.24 -8.26 -2.79
C TYR A 55 -3.29 -7.05 -1.88
N GLU A 56 -2.28 -6.92 -1.04
CA GLU A 56 -2.24 -5.85 -0.05
C GLU A 56 -1.00 -4.98 -0.23
N VAL A 57 -1.13 -3.72 0.17
CA VAL A 57 0.01 -2.82 0.25
C VAL A 57 0.42 -2.70 1.71
N PHE A 58 1.67 -3.00 2.00
CA PHE A 58 2.10 -3.14 3.38
C PHE A 58 3.47 -2.52 3.62
N VAL A 59 3.67 -2.02 4.84
CA VAL A 59 4.97 -1.55 5.30
C VAL A 59 5.11 -1.90 6.78
N ASP A 60 6.29 -2.35 7.17
CA ASP A 60 6.55 -2.73 8.55
C ASP A 60 7.32 -1.62 9.25
N LEU A 61 6.72 -1.05 10.27
CA LEU A 61 7.32 0.05 11.01
C LEU A 61 7.22 -0.21 12.50
N THR A 62 7.36 -1.48 12.86
CA THR A 62 7.31 -1.90 14.26
C THR A 62 8.47 -1.29 15.04
N GLU A 63 9.62 -1.16 14.37
CA GLU A 63 10.77 -0.50 14.95
C GLU A 63 10.71 1.00 14.73
N ALA A 64 10.93 1.41 13.48
CA ALA A 64 10.92 2.82 13.11
C ALA A 64 11.92 3.62 13.94
N GLY A 65 11.66 4.91 14.08
CA GLY A 65 12.48 5.75 14.92
C GLY A 65 11.69 6.93 15.44
N GLU A 66 12.33 8.08 15.49
CA GLU A 66 11.68 9.28 15.96
C GLU A 66 11.46 10.23 14.80
N GLY A 67 10.37 10.97 14.84
CA GLY A 67 10.04 11.89 13.77
C GLY A 67 9.43 11.18 12.57
N SER A 68 8.72 11.94 11.73
CA SER A 68 8.09 11.39 10.55
C SER A 68 9.15 10.91 9.57
N HIS A 69 8.90 9.76 8.98
CA HIS A 69 9.85 9.14 8.07
C HIS A 69 9.17 8.69 6.79
N THR A 70 9.86 8.86 5.68
CA THR A 70 9.34 8.43 4.40
C THR A 70 10.18 7.25 3.87
N VAL A 71 9.56 6.09 3.72
CA VAL A 71 10.28 4.88 3.33
C VAL A 71 9.64 4.24 2.09
N ASP A 72 10.37 3.33 1.46
CA ASP A 72 9.86 2.58 0.31
C ASP A 72 8.71 1.69 0.75
N VAL A 73 7.73 1.54 -0.13
CA VAL A 73 6.55 0.74 0.17
C VAL A 73 6.72 -0.70 -0.29
N GLU A 74 6.39 -1.64 0.59
CA GLU A 74 6.44 -3.06 0.30
C GLU A 74 5.10 -3.53 -0.29
N HIS A 75 5.14 -4.58 -1.09
CA HIS A 75 3.93 -5.04 -1.79
C HIS A 75 3.82 -6.56 -1.74
N ARG A 76 2.59 -7.05 -1.77
CA ARG A 76 2.33 -8.48 -1.79
C ARG A 76 1.00 -8.76 -2.48
N GLY A 77 0.79 -10.01 -2.88
CA GLY A 77 -0.41 -10.35 -3.63
C GLY A 77 -0.14 -10.37 -5.12
N PHE A 78 0.29 -9.23 -5.64
CA PHE A 78 0.74 -9.16 -7.01
C PHE A 78 2.26 -9.21 -7.04
N PRO A 79 2.84 -9.88 -8.05
CA PRO A 79 4.29 -10.06 -8.15
C PRO A 79 4.98 -8.89 -8.85
N GLY A 80 6.22 -8.61 -8.42
CA GLY A 80 7.02 -7.58 -9.06
C GLY A 80 7.69 -8.07 -10.33
N ASP A 81 7.13 -9.12 -10.91
CA ASP A 81 7.61 -9.69 -12.16
C ASP A 81 7.21 -8.79 -13.32
N LEU A 82 6.07 -8.12 -13.15
CA LEU A 82 5.55 -7.22 -14.15
C LEU A 82 6.14 -5.82 -14.00
N ALA A 83 5.77 -4.93 -14.89
CA ALA A 83 6.20 -3.55 -14.77
C ALA A 83 5.28 -2.80 -13.83
N VAL A 84 5.78 -2.48 -12.65
CA VAL A 84 4.95 -1.89 -11.60
C VAL A 84 5.03 -0.37 -11.66
N THR A 85 3.88 0.27 -11.80
CA THR A 85 3.82 1.71 -11.82
C THR A 85 3.11 2.17 -10.56
N VAL A 86 3.72 3.08 -9.85
CA VAL A 86 3.22 3.45 -8.53
C VAL A 86 3.10 4.96 -8.39
N GLU A 87 2.18 5.38 -7.56
CA GLU A 87 2.11 6.75 -7.11
C GLU A 87 2.70 6.78 -5.73
N PRO A 88 3.30 7.91 -5.36
CA PRO A 88 4.55 7.98 -4.64
C PRO A 88 5.07 6.66 -4.09
N ARG A 89 6.32 6.39 -4.42
CA ARG A 89 6.95 5.10 -4.14
C ARG A 89 7.43 5.03 -2.70
N MET A 90 7.59 6.20 -2.12
CA MET A 90 7.92 6.31 -0.71
C MET A 90 6.72 6.86 0.05
N ALA A 91 6.46 6.31 1.22
CA ALA A 91 5.31 6.70 1.99
C ALA A 91 5.75 7.26 3.33
N ARG A 92 4.96 8.17 3.86
CA ARG A 92 5.32 8.85 5.08
C ARG A 92 4.49 8.33 6.25
N VAL A 93 5.10 8.29 7.41
CA VAL A 93 4.40 7.88 8.62
C VAL A 93 4.78 8.80 9.78
N GLN A 94 3.79 9.33 10.45
CA GLN A 94 4.03 10.12 11.63
C GLN A 94 3.61 9.35 12.87
N LEU A 95 4.58 9.10 13.74
CA LEU A 95 4.33 8.34 14.94
C LEU A 95 4.35 9.25 16.15
N GLU A 96 3.29 9.19 16.92
CA GLU A 96 3.18 9.98 18.13
C GLU A 96 2.87 9.05 19.28
N GLU A 97 3.43 9.32 20.44
CA GLU A 97 3.23 8.46 21.58
C GLU A 97 1.81 8.62 22.13
N ARG A 98 0.87 7.94 21.50
CA ARG A 98 -0.52 7.96 21.91
C ARG A 98 -0.97 6.56 22.24
N GLN A 99 -1.77 6.44 23.27
CA GLN A 99 -2.22 5.14 23.69
C GLN A 99 -3.46 4.71 22.93
N THR A 100 -3.24 3.95 21.88
CA THR A 100 -4.31 3.29 21.16
C THR A 100 -4.07 1.79 21.22
N VAL A 101 -4.82 1.10 22.08
CA VAL A 101 -4.61 -0.32 22.30
C VAL A 101 -5.23 -1.15 21.18
N SER A 102 -4.46 -1.34 20.12
CA SER A 102 -4.86 -2.20 19.03
C SER A 102 -4.58 -3.66 19.37
N VAL A 103 -4.79 -4.54 18.41
CA VAL A 103 -4.56 -5.96 18.64
C VAL A 103 -3.20 -6.39 18.10
N PRO A 104 -2.59 -7.42 18.71
CA PRO A 104 -1.31 -7.95 18.26
C PRO A 104 -1.44 -8.68 16.92
N VAL A 105 -0.33 -8.85 16.22
CA VAL A 105 -0.36 -9.45 14.89
C VAL A 105 0.40 -10.76 14.85
N THR A 106 -0.08 -11.68 14.02
CA THR A 106 0.56 -12.95 13.81
C THR A 106 0.61 -13.25 12.31
N VAL A 107 1.70 -12.91 11.69
CA VAL A 107 1.83 -13.07 10.25
C VAL A 107 2.21 -14.50 9.88
N GLU A 108 1.59 -15.02 8.82
CA GLU A 108 1.85 -16.37 8.34
C GLU A 108 3.00 -16.35 7.34
N MET A 109 3.63 -17.50 7.15
CA MET A 109 4.77 -17.61 6.24
C MET A 109 4.40 -18.44 5.02
N ILE A 110 5.03 -18.14 3.89
CA ILE A 110 4.78 -18.87 2.66
C ILE A 110 5.76 -20.04 2.53
N ASN A 111 5.45 -20.96 1.63
CA ASN A 111 6.31 -22.12 1.42
C ASN A 111 6.15 -22.68 0.01
N LEU A 112 7.27 -22.86 -0.66
CA LEU A 112 7.31 -23.47 -1.98
C LEU A 112 8.71 -24.00 -2.24
N GLU A 113 8.95 -25.24 -1.82
CA GLU A 113 10.27 -25.83 -1.86
C GLU A 113 10.48 -26.56 -3.19
N HIS A 114 9.49 -27.31 -3.64
CA HIS A 114 9.61 -28.03 -4.90
C HIS A 114 9.12 -27.18 -6.07
N HIS A 115 10.07 -26.58 -6.76
CA HIS A 115 9.79 -25.81 -7.97
C HIS A 115 11.06 -25.76 -8.81
N HIS A 116 10.88 -25.65 -10.14
CA HIS A 116 11.97 -25.88 -11.11
C HIS A 116 12.27 -27.38 -11.21
N HIS A 117 12.54 -27.85 -12.42
CA HIS A 117 12.80 -29.27 -12.64
C HIS A 117 13.78 -29.49 -13.77
N HIS A 118 14.49 -30.61 -13.72
CA HIS A 118 15.39 -30.99 -14.79
C HIS A 118 15.52 -32.51 -14.83
N HIS A 119 16.12 -33.02 -15.90
CA HIS A 119 16.42 -34.44 -16.00
C HIS A 119 17.93 -34.61 -16.08
N MET A 1 8.12 -16.58 -30.36
CA MET A 1 7.40 -16.26 -29.10
C MET A 1 7.33 -14.75 -28.91
N PRO A 2 6.15 -14.17 -29.15
CA PRO A 2 5.96 -12.72 -29.05
C PRO A 2 6.05 -12.23 -27.61
N THR A 3 6.98 -11.34 -27.35
CA THR A 3 7.13 -10.74 -26.04
C THR A 3 6.49 -9.36 -26.06
N PHE A 4 5.76 -9.13 -27.12
CA PHE A 4 5.03 -7.90 -27.33
C PHE A 4 3.69 -7.93 -26.61
N ASP A 5 2.82 -6.98 -26.96
CA ASP A 5 1.47 -6.89 -26.39
C ASP A 5 1.55 -6.61 -24.89
N HIS A 6 2.38 -5.65 -24.52
CA HIS A 6 2.48 -5.22 -23.14
C HIS A 6 1.27 -4.35 -22.80
N GLY A 7 0.31 -4.96 -22.14
CA GLY A 7 -0.87 -4.24 -21.74
C GLY A 7 -0.69 -3.59 -20.40
N ASN A 8 -1.72 -2.92 -19.93
CA ASN A 8 -1.65 -2.27 -18.63
C ASN A 8 -2.70 -2.85 -17.72
N LEU A 9 -2.38 -2.89 -16.45
CA LEU A 9 -3.31 -3.32 -15.43
C LEU A 9 -3.24 -2.34 -14.28
N SER A 10 -4.37 -1.78 -13.91
CA SER A 10 -4.41 -0.79 -12.86
C SER A 10 -5.07 -1.36 -11.62
N LEU A 11 -4.31 -1.47 -10.54
CA LEU A 11 -4.83 -1.94 -9.27
C LEU A 11 -5.61 -0.81 -8.59
N GLY A 12 -5.51 0.38 -9.16
CA GLY A 12 -6.19 1.53 -8.61
C GLY A 12 -5.52 2.03 -7.36
N GLU A 13 -6.26 2.71 -6.51
CA GLU A 13 -5.72 3.17 -5.24
C GLU A 13 -5.81 2.06 -4.21
N LEU A 14 -4.66 1.59 -3.77
CA LEU A 14 -4.61 0.51 -2.79
C LEU A 14 -4.45 1.10 -1.40
N GLU A 15 -5.11 0.46 -0.45
CA GLU A 15 -5.11 0.92 0.93
C GLU A 15 -3.76 0.69 1.58
N LEU A 16 -3.22 1.74 2.17
CA LEU A 16 -1.91 1.67 2.81
C LEU A 16 -2.04 1.09 4.21
N THR A 17 -1.48 -0.10 4.40
CA THR A 17 -1.53 -0.76 5.69
C THR A 17 -0.20 -0.59 6.42
N VAL A 18 -0.27 -0.14 7.66
CA VAL A 18 0.93 0.16 8.44
C VAL A 18 1.16 -0.92 9.49
N LEU A 19 2.33 -1.54 9.43
CA LEU A 19 2.70 -2.53 10.42
C LEU A 19 3.54 -1.87 11.51
N TYR A 20 3.02 -1.89 12.72
CA TYR A 20 3.68 -1.27 13.86
C TYR A 20 3.27 -2.00 15.12
N ASP A 21 3.94 -1.69 16.22
CA ASP A 21 3.58 -2.28 17.50
C ASP A 21 2.88 -1.25 18.36
N GLU A 22 1.70 -1.59 18.83
CA GLU A 22 0.87 -0.66 19.59
C GLU A 22 1.30 -0.61 21.06
N GLU A 23 2.62 -0.61 21.27
CA GLU A 23 3.18 -0.56 22.60
C GLU A 23 3.04 0.84 23.22
N ARG A 24 3.20 1.87 22.39
CA ARG A 24 3.24 3.24 22.92
C ARG A 24 2.88 4.27 21.85
N TYR A 25 2.53 3.81 20.66
CA TYR A 25 2.37 4.72 19.53
C TYR A 25 1.01 4.55 18.85
N ASP A 26 0.39 5.67 18.50
CA ASP A 26 -0.81 5.68 17.68
C ASP A 26 -0.49 6.25 16.32
N ILE A 27 -1.35 6.00 15.34
CA ILE A 27 -1.16 6.53 13.99
C ILE A 27 -1.81 7.91 13.87
N VAL A 28 -0.98 8.95 13.77
CA VAL A 28 -1.47 10.31 13.67
C VAL A 28 -1.84 10.65 12.22
N GLU A 29 -0.95 10.31 11.31
CA GLU A 29 -1.23 10.48 9.88
C GLU A 29 -0.60 9.34 9.12
N GLN A 30 -1.02 9.17 7.88
CA GLN A 30 -0.43 8.18 7.00
C GLN A 30 -0.80 8.52 5.56
N THR A 31 -0.19 7.82 4.61
CA THR A 31 -0.55 7.97 3.23
C THR A 31 -1.89 7.27 2.98
N GLU A 32 -2.84 8.00 2.40
CA GLU A 32 -4.20 7.50 2.21
C GLU A 32 -4.20 6.26 1.33
N THR A 33 -4.04 6.48 0.03
CA THR A 33 -4.01 5.40 -0.94
C THR A 33 -3.01 5.72 -2.04
N VAL A 34 -2.38 4.68 -2.57
CA VAL A 34 -1.44 4.85 -3.68
C VAL A 34 -1.86 4.00 -4.86
N GLN A 35 -1.56 4.47 -6.06
CA GLN A 35 -1.98 3.77 -7.27
C GLN A 35 -0.84 2.94 -7.83
N VAL A 36 -1.18 1.72 -8.23
CA VAL A 36 -0.21 0.80 -8.81
C VAL A 36 -0.66 0.35 -10.19
N ASP A 37 0.18 0.58 -11.17
CA ASP A 37 -0.09 0.17 -12.54
C ASP A 37 0.95 -0.86 -12.97
N LEU A 38 0.50 -1.95 -13.55
CA LEU A 38 1.39 -3.02 -13.96
C LEU A 38 1.43 -3.15 -15.47
N GLU A 39 2.62 -3.38 -16.00
CA GLU A 39 2.79 -3.62 -17.43
C GLU A 39 3.31 -5.01 -17.69
N GLY A 40 2.86 -5.57 -18.80
CA GLY A 40 3.30 -6.90 -19.19
C GLY A 40 2.33 -7.53 -20.17
N PRO A 41 2.64 -8.73 -20.67
CA PRO A 41 1.77 -9.43 -21.62
C PRO A 41 0.35 -9.59 -21.07
N ARG A 42 -0.63 -9.14 -21.84
CA ARG A 42 -2.02 -9.17 -21.41
C ARG A 42 -2.48 -10.58 -21.06
N GLY A 43 -1.89 -11.58 -21.71
CA GLY A 43 -2.19 -12.96 -21.39
C GLY A 43 -1.95 -13.28 -19.93
N VAL A 44 -0.88 -12.74 -19.38
CA VAL A 44 -0.57 -12.92 -17.96
C VAL A 44 -1.56 -12.16 -17.09
N LEU A 45 -1.87 -10.94 -17.52
CA LEU A 45 -2.80 -10.08 -16.81
C LEU A 45 -4.18 -10.72 -16.69
N THR A 46 -4.57 -11.46 -17.72
CA THR A 46 -5.87 -12.13 -17.73
C THR A 46 -5.94 -13.18 -16.62
N VAL A 47 -4.85 -13.95 -16.47
CA VAL A 47 -4.79 -14.99 -15.45
C VAL A 47 -4.89 -14.39 -14.05
N PHE A 48 -4.23 -13.24 -13.88
CA PHE A 48 -4.25 -12.54 -12.61
C PHE A 48 -5.64 -11.95 -12.34
N ARG A 49 -6.33 -11.58 -13.41
CA ARG A 49 -7.66 -11.00 -13.33
C ARG A 49 -8.70 -12.02 -12.88
N PHE A 50 -8.36 -13.30 -12.93
CA PHE A 50 -9.24 -14.35 -12.47
C PHE A 50 -9.25 -14.46 -10.95
N ALA A 51 -8.18 -13.99 -10.33
CA ALA A 51 -8.00 -14.15 -8.90
C ALA A 51 -8.45 -12.92 -8.14
N ARG A 52 -9.22 -13.16 -7.07
CA ARG A 52 -9.57 -12.11 -6.13
C ARG A 52 -8.32 -11.62 -5.41
N PRO A 53 -8.32 -10.37 -4.93
CA PRO A 53 -7.15 -9.79 -4.27
C PRO A 53 -6.56 -10.64 -3.17
N SER A 54 -5.28 -10.94 -3.32
CA SER A 54 -4.51 -11.62 -2.29
C SER A 54 -3.26 -10.81 -2.04
N TYR A 55 -3.25 -9.63 -2.62
CA TYR A 55 -2.15 -8.70 -2.49
C TYR A 55 -2.47 -7.62 -1.47
N GLU A 56 -1.47 -7.24 -0.70
CA GLU A 56 -1.63 -6.23 0.33
C GLU A 56 -0.44 -5.28 0.34
N VAL A 57 -0.67 -4.06 0.79
CA VAL A 57 0.36 -3.04 0.81
C VAL A 57 0.81 -2.79 2.25
N PHE A 58 2.11 -2.91 2.50
CA PHE A 58 2.63 -2.81 3.87
C PHE A 58 3.77 -1.81 3.98
N VAL A 59 3.88 -1.21 5.15
CA VAL A 59 5.05 -0.47 5.56
C VAL A 59 5.43 -0.90 6.98
N ASP A 60 6.71 -1.17 7.20
CA ASP A 60 7.18 -1.60 8.52
C ASP A 60 8.03 -0.52 9.13
N LEU A 61 7.59 0.01 10.25
CA LEU A 61 8.32 1.05 10.94
C LEU A 61 8.39 0.76 12.42
N THR A 62 8.51 -0.52 12.74
CA THR A 62 8.66 -0.95 14.12
C THR A 62 10.03 -0.54 14.67
N GLU A 63 10.89 -0.09 13.77
CA GLU A 63 12.23 0.37 14.13
C GLU A 63 12.29 1.90 14.12
N ALA A 64 11.14 2.53 13.91
CA ALA A 64 11.07 3.98 13.84
C ALA A 64 10.52 4.55 15.14
N GLY A 65 10.83 5.82 15.39
CA GLY A 65 10.34 6.48 16.57
C GLY A 65 9.20 7.43 16.25
N GLU A 66 9.26 8.62 16.83
CA GLU A 66 8.19 9.58 16.71
C GLU A 66 8.26 10.34 15.38
N GLY A 67 7.13 10.95 15.01
CA GLY A 67 7.09 11.76 13.82
C GLY A 67 6.82 10.94 12.59
N SER A 68 6.48 11.62 11.51
CA SER A 68 6.22 10.96 10.24
C SER A 68 7.53 10.42 9.66
N HIS A 69 7.45 9.24 9.11
CA HIS A 69 8.61 8.60 8.51
C HIS A 69 8.28 8.13 7.10
N THR A 70 9.22 8.31 6.19
CA THR A 70 9.03 7.92 4.82
C THR A 70 9.97 6.78 4.44
N VAL A 71 9.39 5.65 4.07
CA VAL A 71 10.16 4.50 3.62
C VAL A 71 9.54 3.94 2.35
N ASP A 72 10.27 3.07 1.66
CA ASP A 72 9.74 2.46 0.43
C ASP A 72 8.72 1.40 0.81
N VAL A 73 7.64 1.35 0.05
CA VAL A 73 6.55 0.43 0.32
C VAL A 73 6.94 -1.01 -0.03
N GLU A 74 6.68 -1.92 0.88
CA GLU A 74 6.94 -3.33 0.64
C GLU A 74 5.72 -3.96 -0.01
N HIS A 75 5.95 -4.92 -0.88
CA HIS A 75 4.87 -5.47 -1.69
C HIS A 75 4.74 -6.97 -1.49
N ARG A 76 3.52 -7.48 -1.62
CA ARG A 76 3.26 -8.91 -1.59
C ARG A 76 1.92 -9.20 -2.26
N GLY A 77 1.83 -10.33 -2.95
CA GLY A 77 0.58 -10.72 -3.57
C GLY A 77 0.71 -10.89 -5.07
N PHE A 78 1.16 -9.84 -5.74
CA PHE A 78 1.37 -9.90 -7.17
C PHE A 78 2.83 -10.24 -7.48
N PRO A 79 3.08 -10.91 -8.62
CA PRO A 79 4.43 -11.30 -9.03
C PRO A 79 5.28 -10.10 -9.46
N GLY A 80 6.57 -10.16 -9.17
CA GLY A 80 7.47 -9.08 -9.52
C GLY A 80 7.96 -9.19 -10.94
N ASP A 81 7.37 -10.11 -11.70
CA ASP A 81 7.70 -10.31 -13.10
C ASP A 81 7.18 -9.17 -13.96
N LEU A 82 6.06 -8.61 -13.54
CA LEU A 82 5.44 -7.51 -14.27
C LEU A 82 6.18 -6.21 -14.00
N ALA A 83 6.03 -5.26 -14.89
CA ALA A 83 6.63 -3.95 -14.71
C ALA A 83 5.78 -3.13 -13.76
N VAL A 84 6.34 -2.78 -12.62
CA VAL A 84 5.58 -2.13 -11.57
C VAL A 84 5.68 -0.62 -11.65
N THR A 85 4.55 0.04 -11.83
CA THR A 85 4.48 1.48 -11.84
C THR A 85 3.70 1.93 -10.62
N VAL A 86 4.22 2.90 -9.91
CA VAL A 86 3.63 3.32 -8.66
C VAL A 86 3.60 4.84 -8.56
N GLU A 87 2.57 5.35 -7.92
CA GLU A 87 2.52 6.74 -7.53
C GLU A 87 2.83 6.76 -6.06
N PRO A 88 3.48 7.83 -5.57
CA PRO A 88 4.61 7.77 -4.67
C PRO A 88 4.94 6.37 -4.12
N ARG A 89 6.22 6.05 -4.26
CA ARG A 89 6.73 4.72 -4.00
C ARG A 89 7.20 4.61 -2.57
N MET A 90 7.50 5.77 -2.02
CA MET A 90 7.82 5.88 -0.61
C MET A 90 6.66 6.55 0.09
N ALA A 91 6.30 6.03 1.25
CA ALA A 91 5.09 6.47 1.91
C ALA A 91 5.41 7.06 3.27
N ARG A 92 4.59 8.03 3.67
CA ARG A 92 4.76 8.72 4.94
C ARG A 92 3.66 8.33 5.91
N VAL A 93 4.07 7.85 7.07
CA VAL A 93 3.14 7.56 8.15
C VAL A 93 3.74 8.03 9.47
N GLN A 94 2.91 8.63 10.30
CA GLN A 94 3.38 9.24 11.52
C GLN A 94 3.00 8.42 12.74
N LEU A 95 4.01 7.99 13.48
CA LEU A 95 3.81 7.33 14.75
C LEU A 95 4.17 8.29 15.88
N GLU A 96 3.28 8.44 16.84
CA GLU A 96 3.49 9.37 17.92
C GLU A 96 3.21 8.71 19.27
N GLU A 97 4.01 9.05 20.26
CA GLU A 97 3.78 8.57 21.61
C GLU A 97 2.60 9.35 22.21
N ARG A 98 1.41 8.91 21.86
CA ARG A 98 0.20 9.63 22.22
C ARG A 98 -0.85 8.65 22.71
N GLN A 99 -1.78 9.16 23.48
CA GLN A 99 -2.90 8.37 23.94
C GLN A 99 -4.13 8.69 23.12
N THR A 100 -4.29 8.03 21.99
CA THR A 100 -5.44 8.27 21.13
C THR A 100 -6.52 7.22 21.39
N VAL A 101 -6.15 5.98 21.09
CA VAL A 101 -6.96 4.76 21.31
C VAL A 101 -8.32 4.75 20.58
N SER A 102 -8.81 5.92 20.21
CA SER A 102 -10.07 6.02 19.51
C SER A 102 -9.84 6.63 18.14
N VAL A 103 -9.84 5.79 17.11
CA VAL A 103 -9.58 6.24 15.75
C VAL A 103 -10.60 5.67 14.77
N PRO A 104 -11.68 6.42 14.49
CA PRO A 104 -12.68 6.03 13.49
C PRO A 104 -12.11 6.13 12.08
N VAL A 105 -12.42 5.16 11.24
CA VAL A 105 -11.91 5.16 9.87
C VAL A 105 -12.97 4.69 8.87
N THR A 106 -13.38 5.60 8.01
CA THR A 106 -14.28 5.29 6.91
C THR A 106 -14.52 6.56 6.07
N VAL A 107 -15.30 6.44 5.01
CA VAL A 107 -15.56 7.55 4.11
C VAL A 107 -16.84 8.29 4.55
N GLU A 108 -17.12 8.22 5.85
CA GLU A 108 -18.27 8.89 6.43
C GLU A 108 -17.88 9.57 7.74
N MET A 109 -18.28 10.82 7.88
CA MET A 109 -18.02 11.57 9.09
C MET A 109 -19.33 12.06 9.68
N ILE A 110 -19.88 11.29 10.61
CA ILE A 110 -21.15 11.62 11.21
C ILE A 110 -21.29 11.07 12.63
N ASN A 111 -21.80 11.91 13.52
CA ASN A 111 -22.14 11.50 14.88
C ASN A 111 -23.42 12.20 15.27
N LEU A 112 -24.54 11.58 14.94
CA LEU A 112 -25.83 12.21 15.13
C LEU A 112 -26.39 11.90 16.51
N GLU A 113 -26.56 12.94 17.31
CA GLU A 113 -27.04 12.79 18.67
C GLU A 113 -28.53 12.42 18.70
N HIS A 114 -28.81 11.15 18.89
CA HIS A 114 -30.18 10.68 19.02
C HIS A 114 -30.26 9.60 20.08
N HIS A 115 -29.42 9.74 21.10
CA HIS A 115 -29.44 8.81 22.22
C HIS A 115 -30.78 8.91 22.94
N HIS A 116 -31.51 7.82 22.94
CA HIS A 116 -32.86 7.81 23.45
C HIS A 116 -33.02 6.74 24.53
N HIS A 117 -33.71 7.09 25.59
CA HIS A 117 -33.93 6.16 26.69
C HIS A 117 -35.12 5.26 26.40
N HIS A 118 -34.83 4.00 26.11
CA HIS A 118 -35.86 3.03 25.82
C HIS A 118 -36.30 2.34 27.10
N HIS A 119 -37.61 2.17 27.27
CA HIS A 119 -38.12 1.50 28.46
C HIS A 119 -38.96 0.30 28.04
N MET A 1 7.94 0.96 -33.62
CA MET A 1 6.68 0.35 -34.11
C MET A 1 5.49 0.91 -33.35
N PRO A 2 4.48 1.43 -34.08
CA PRO A 2 3.27 2.01 -33.50
C PRO A 2 2.27 0.95 -33.03
N THR A 3 2.72 -0.30 -33.02
CA THR A 3 1.90 -1.40 -32.55
C THR A 3 1.90 -1.45 -31.03
N PHE A 4 0.90 -2.09 -30.44
CA PHE A 4 0.85 -2.25 -29.01
C PHE A 4 2.01 -3.10 -28.52
N ASP A 5 2.55 -2.72 -27.37
CA ASP A 5 3.71 -3.39 -26.82
C ASP A 5 3.54 -3.51 -25.32
N HIS A 6 3.10 -4.68 -24.90
CA HIS A 6 2.82 -4.97 -23.50
C HIS A 6 1.49 -4.32 -23.08
N GLY A 7 0.73 -5.02 -22.27
CA GLY A 7 -0.53 -4.49 -21.82
C GLY A 7 -0.39 -3.84 -20.46
N ASN A 8 -1.47 -3.25 -19.98
CA ASN A 8 -1.47 -2.59 -18.68
C ASN A 8 -2.78 -2.86 -17.96
N LEU A 9 -2.69 -3.10 -16.67
CA LEU A 9 -3.87 -3.38 -15.86
C LEU A 9 -3.83 -2.55 -14.60
N SER A 10 -4.92 -1.86 -14.33
CA SER A 10 -5.00 -0.98 -13.18
C SER A 10 -5.52 -1.71 -11.95
N LEU A 11 -4.69 -1.79 -10.91
CA LEU A 11 -5.16 -2.26 -9.61
C LEU A 11 -5.90 -1.13 -8.92
N GLY A 12 -5.60 0.09 -9.36
CA GLY A 12 -6.26 1.26 -8.84
C GLY A 12 -5.64 1.74 -7.55
N GLU A 13 -6.41 2.45 -6.75
CA GLU A 13 -5.93 2.87 -5.45
C GLU A 13 -6.23 1.79 -4.42
N LEU A 14 -5.17 1.25 -3.84
CA LEU A 14 -5.29 0.17 -2.87
C LEU A 14 -4.97 0.68 -1.47
N GLU A 15 -5.58 0.06 -0.48
CA GLU A 15 -5.37 0.46 0.91
C GLU A 15 -4.05 -0.11 1.42
N LEU A 16 -3.26 0.74 2.05
CA LEU A 16 -1.97 0.35 2.54
C LEU A 16 -2.06 -0.08 4.00
N THR A 17 -1.41 -1.18 4.33
CA THR A 17 -1.38 -1.68 5.69
C THR A 17 -0.04 -1.35 6.34
N VAL A 18 -0.08 -0.77 7.53
CA VAL A 18 1.13 -0.37 8.23
C VAL A 18 1.40 -1.32 9.38
N LEU A 19 2.59 -1.91 9.37
CA LEU A 19 2.99 -2.81 10.43
C LEU A 19 3.87 -2.07 11.43
N TYR A 20 3.40 -1.98 12.65
CA TYR A 20 4.06 -1.17 13.67
C TYR A 20 3.79 -1.75 15.05
N ASP A 21 4.33 -1.13 16.07
CA ASP A 21 4.09 -1.54 17.45
C ASP A 21 2.99 -0.69 18.06
N GLU A 22 1.80 -1.27 18.19
CA GLU A 22 0.63 -0.53 18.66
C GLU A 22 0.75 -0.20 20.14
N GLU A 23 1.49 -1.03 20.86
CA GLU A 23 1.69 -0.86 22.28
C GLU A 23 2.63 0.30 22.59
N ARG A 24 3.14 0.93 21.54
CA ARG A 24 4.06 2.06 21.71
C ARG A 24 3.40 3.38 21.34
N TYR A 25 3.19 3.61 20.05
CA TYR A 25 2.76 4.92 19.58
C TYR A 25 1.46 4.83 18.79
N ASP A 26 0.82 5.97 18.57
CA ASP A 26 -0.41 6.02 17.78
C ASP A 26 -0.14 6.72 16.45
N ILE A 27 -1.03 6.48 15.50
CA ILE A 27 -0.88 7.02 14.16
C ILE A 27 -1.54 8.40 14.07
N VAL A 28 -0.74 9.42 13.82
CA VAL A 28 -1.25 10.77 13.66
C VAL A 28 -1.62 11.01 12.20
N GLU A 29 -0.75 10.58 11.30
CA GLU A 29 -1.01 10.66 9.88
C GLU A 29 -0.45 9.42 9.20
N GLN A 30 -1.04 9.05 8.08
CA GLN A 30 -0.67 7.82 7.39
C GLN A 30 -0.87 7.98 5.89
N THR A 31 -0.16 7.18 5.11
CA THR A 31 -0.44 7.07 3.68
C THR A 31 -1.49 5.97 3.48
N GLU A 32 -2.74 6.38 3.31
CA GLU A 32 -3.87 5.45 3.37
C GLU A 32 -3.97 4.58 2.12
N THR A 33 -3.95 5.21 0.96
CA THR A 33 -4.12 4.50 -0.29
C THR A 33 -3.02 4.84 -1.28
N VAL A 34 -2.71 3.88 -2.14
CA VAL A 34 -1.70 4.07 -3.17
C VAL A 34 -2.25 3.69 -4.54
N GLN A 35 -1.79 4.37 -5.57
CA GLN A 35 -2.19 4.06 -6.93
C GLN A 35 -1.22 3.09 -7.56
N VAL A 36 -1.74 1.94 -7.97
CA VAL A 36 -0.92 0.89 -8.56
C VAL A 36 -1.44 0.52 -9.95
N ASP A 37 -0.56 0.64 -10.94
CA ASP A 37 -0.86 0.23 -12.30
C ASP A 37 0.32 -0.57 -12.83
N LEU A 38 0.06 -1.74 -13.38
CA LEU A 38 1.14 -2.61 -13.81
C LEU A 38 1.03 -3.00 -15.28
N GLU A 39 2.19 -3.10 -15.93
CA GLU A 39 2.25 -3.44 -17.34
C GLU A 39 3.06 -4.70 -17.54
N GLY A 40 2.96 -5.23 -18.74
CA GLY A 40 3.70 -6.43 -19.08
C GLY A 40 2.90 -7.34 -20.01
N PRO A 41 3.22 -8.63 -20.03
CA PRO A 41 2.48 -9.62 -20.82
C PRO A 41 1.00 -9.65 -20.49
N ARG A 42 0.16 -9.37 -21.48
CA ARG A 42 -1.29 -9.39 -21.33
C ARG A 42 -1.79 -10.71 -20.73
N GLY A 43 -1.09 -11.79 -21.03
CA GLY A 43 -1.48 -13.09 -20.53
C GLY A 43 -1.49 -13.16 -19.02
N VAL A 44 -0.40 -12.73 -18.39
CA VAL A 44 -0.29 -12.75 -16.94
C VAL A 44 -1.35 -11.85 -16.32
N LEU A 45 -1.53 -10.68 -16.93
CA LEU A 45 -2.48 -9.68 -16.43
C LEU A 45 -3.89 -10.24 -16.41
N THR A 46 -4.30 -10.84 -17.52
CA THR A 46 -5.67 -11.33 -17.67
C THR A 46 -5.94 -12.52 -16.74
N VAL A 47 -5.00 -13.46 -16.68
CA VAL A 47 -5.16 -14.63 -15.82
C VAL A 47 -5.28 -14.22 -14.36
N PHE A 48 -4.44 -13.28 -13.94
CA PHE A 48 -4.44 -12.77 -12.58
C PHE A 48 -5.76 -12.04 -12.28
N ARG A 49 -6.29 -11.39 -13.30
CA ARG A 49 -7.52 -10.61 -13.20
C ARG A 49 -8.71 -11.49 -12.81
N PHE A 50 -8.58 -12.80 -13.00
CA PHE A 50 -9.67 -13.71 -12.73
C PHE A 50 -9.75 -14.11 -11.26
N ALA A 51 -8.65 -13.93 -10.56
CA ALA A 51 -8.57 -14.30 -9.15
C ALA A 51 -8.91 -13.11 -8.26
N ARG A 52 -9.35 -13.40 -7.05
CA ARG A 52 -9.65 -12.37 -6.08
C ARG A 52 -8.36 -11.92 -5.40
N PRO A 53 -8.35 -10.70 -4.84
CA PRO A 53 -7.14 -10.11 -4.28
C PRO A 53 -6.65 -10.81 -3.02
N SER A 54 -5.42 -11.25 -3.06
CA SER A 54 -4.71 -11.73 -1.91
C SER A 54 -3.45 -10.90 -1.73
N TYR A 55 -3.37 -9.85 -2.53
CA TYR A 55 -2.22 -8.96 -2.52
C TYR A 55 -2.47 -7.77 -1.61
N GLU A 56 -1.49 -7.42 -0.82
CA GLU A 56 -1.61 -6.31 0.11
C GLU A 56 -0.37 -5.42 0.05
N VAL A 57 -0.54 -4.16 0.39
CA VAL A 57 0.56 -3.21 0.41
C VAL A 57 0.98 -2.99 1.86
N PHE A 58 2.28 -3.09 2.14
CA PHE A 58 2.76 -3.02 3.50
C PHE A 58 3.89 -2.02 3.67
N VAL A 59 3.97 -1.45 4.87
CA VAL A 59 5.12 -0.66 5.28
C VAL A 59 5.53 -1.09 6.69
N ASP A 60 6.82 -1.28 6.90
CA ASP A 60 7.33 -1.75 8.18
C ASP A 60 7.83 -0.59 9.02
N LEU A 61 7.12 -0.28 10.09
CA LEU A 61 7.46 0.83 10.95
C LEU A 61 7.47 0.42 12.40
N THR A 62 7.72 -0.87 12.64
CA THR A 62 7.77 -1.41 14.00
C THR A 62 8.97 -0.84 14.75
N GLU A 63 10.01 -0.48 14.00
CA GLU A 63 11.23 0.06 14.57
C GLU A 63 11.22 1.59 14.54
N ALA A 64 10.10 2.17 14.13
CA ALA A 64 9.97 3.61 14.01
C ALA A 64 9.23 4.18 15.22
N GLY A 65 9.70 5.33 15.69
CA GLY A 65 9.08 5.97 16.84
C GLY A 65 8.45 7.29 16.50
N GLU A 66 8.75 8.30 17.32
CA GLU A 66 8.15 9.63 17.17
C GLU A 66 8.61 10.33 15.90
N GLY A 67 7.87 11.35 15.50
CA GLY A 67 8.23 12.13 14.34
C GLY A 67 7.65 11.53 13.08
N SER A 68 7.79 12.24 11.97
CA SER A 68 7.35 11.73 10.69
C SER A 68 8.43 10.83 10.11
N HIS A 69 8.00 9.71 9.58
CA HIS A 69 8.91 8.74 9.01
C HIS A 69 8.52 8.44 7.58
N THR A 70 9.45 8.65 6.66
CA THR A 70 9.21 8.41 5.26
C THR A 70 10.14 7.31 4.76
N VAL A 71 9.56 6.19 4.35
CA VAL A 71 10.33 5.03 3.93
C VAL A 71 9.71 4.40 2.69
N ASP A 72 10.46 3.50 2.05
CA ASP A 72 9.98 2.81 0.86
C ASP A 72 8.80 1.90 1.18
N VAL A 73 7.94 1.70 0.20
CA VAL A 73 6.74 0.90 0.36
C VAL A 73 6.94 -0.51 -0.20
N GLU A 74 6.54 -1.52 0.56
CA GLU A 74 6.68 -2.91 0.14
C GLU A 74 5.34 -3.47 -0.32
N HIS A 75 5.38 -4.44 -1.22
CA HIS A 75 4.16 -5.06 -1.72
C HIS A 75 4.28 -6.57 -1.67
N ARG A 76 3.15 -7.24 -1.48
CA ARG A 76 3.11 -8.69 -1.41
C ARG A 76 1.83 -9.19 -2.08
N GLY A 77 1.90 -10.38 -2.66
CA GLY A 77 0.76 -10.91 -3.38
C GLY A 77 1.08 -11.04 -4.86
N PHE A 78 1.12 -9.90 -5.55
CA PHE A 78 1.62 -9.89 -6.91
C PHE A 78 3.15 -9.79 -6.88
N PRO A 79 3.83 -10.46 -7.82
CA PRO A 79 5.28 -10.50 -7.86
C PRO A 79 5.90 -9.33 -8.63
N GLY A 80 7.18 -9.07 -8.37
CA GLY A 80 7.89 -8.06 -9.12
C GLY A 80 8.39 -8.60 -10.44
N ASP A 81 7.59 -9.44 -11.07
CA ASP A 81 7.93 -10.04 -12.35
C ASP A 81 7.59 -9.08 -13.47
N LEU A 82 6.43 -8.47 -13.34
CA LEU A 82 5.93 -7.52 -14.31
C LEU A 82 6.39 -6.12 -13.94
N ALA A 83 6.11 -5.14 -14.79
CA ALA A 83 6.44 -3.77 -14.49
C ALA A 83 5.32 -3.15 -13.66
N VAL A 84 5.55 -3.06 -12.37
CA VAL A 84 4.53 -2.56 -11.46
C VAL A 84 4.80 -1.10 -11.11
N THR A 85 3.82 -0.24 -11.36
CA THR A 85 3.99 1.16 -11.07
C THR A 85 3.14 1.56 -9.88
N VAL A 86 3.78 2.17 -8.92
CA VAL A 86 3.14 2.71 -7.74
C VAL A 86 3.37 4.19 -7.75
N GLU A 87 2.60 4.96 -7.01
CA GLU A 87 3.24 6.14 -6.51
C GLU A 87 2.76 6.57 -5.14
N PRO A 88 3.48 6.05 -4.16
CA PRO A 88 4.35 6.79 -3.31
C PRO A 88 5.75 6.22 -3.51
N ARG A 89 6.72 7.05 -3.71
CA ARG A 89 8.04 6.50 -3.92
C ARG A 89 8.57 6.10 -2.56
N MET A 90 8.22 6.93 -1.61
CA MET A 90 8.33 6.63 -0.21
C MET A 90 7.05 7.11 0.45
N ALA A 91 6.70 6.55 1.59
CA ALA A 91 5.45 6.90 2.24
C ALA A 91 5.71 7.49 3.61
N ARG A 92 4.92 8.47 3.98
CA ARG A 92 5.13 9.18 5.23
C ARG A 92 4.07 8.79 6.26
N VAL A 93 4.53 8.35 7.41
CA VAL A 93 3.67 8.05 8.53
C VAL A 93 4.28 8.64 9.78
N GLN A 94 3.54 9.48 10.48
CA GLN A 94 4.07 10.10 11.69
C GLN A 94 3.40 9.51 12.92
N LEU A 95 4.23 9.09 13.86
CA LEU A 95 3.76 8.47 15.09
C LEU A 95 4.11 9.33 16.29
N GLU A 96 3.18 9.44 17.22
CA GLU A 96 3.40 10.18 18.45
C GLU A 96 2.98 9.35 19.65
N GLU A 97 3.73 9.48 20.74
CA GLU A 97 3.41 8.79 21.98
C GLU A 97 2.05 9.26 22.46
N ARG A 98 1.22 8.31 22.87
CA ARG A 98 -0.14 8.63 23.24
C ARG A 98 -0.20 9.38 24.55
N GLN A 99 -1.42 9.73 24.96
CA GLN A 99 -1.62 10.58 26.13
C GLN A 99 -0.96 9.97 27.37
N THR A 100 -1.21 8.69 27.59
CA THR A 100 -0.55 7.97 28.66
C THR A 100 -0.71 6.45 28.51
N VAL A 101 0.39 5.79 28.14
CA VAL A 101 0.42 4.34 28.09
C VAL A 101 0.20 3.75 29.47
N SER A 102 -1.03 3.35 29.74
CA SER A 102 -1.41 2.85 31.04
C SER A 102 -1.79 1.37 30.99
N VAL A 103 -1.40 0.72 29.90
CA VAL A 103 -1.68 -0.70 29.72
C VAL A 103 -0.39 -1.51 29.76
N PRO A 104 -0.22 -2.33 30.81
CA PRO A 104 0.95 -3.21 30.96
C PRO A 104 0.98 -4.27 29.86
N VAL A 105 2.13 -4.43 29.22
CA VAL A 105 2.24 -5.37 28.13
C VAL A 105 2.87 -6.68 28.60
N THR A 106 2.06 -7.71 28.74
CA THR A 106 2.55 -9.04 29.08
C THR A 106 2.84 -9.82 27.80
N VAL A 107 4.11 -10.02 27.50
CA VAL A 107 4.52 -10.70 26.29
C VAL A 107 4.87 -12.16 26.59
N GLU A 108 4.55 -13.05 25.66
CA GLU A 108 4.90 -14.46 25.80
C GLU A 108 6.33 -14.73 25.34
N MET A 109 7.20 -13.75 25.56
CA MET A 109 8.60 -13.89 25.20
C MET A 109 9.28 -14.77 26.23
N ILE A 110 10.08 -15.72 25.77
CA ILE A 110 10.70 -16.70 26.64
C ILE A 110 11.88 -16.09 27.39
N ASN A 111 11.58 -15.31 28.41
CA ASN A 111 12.59 -14.74 29.29
C ASN A 111 12.32 -15.19 30.72
N LEU A 112 11.30 -16.01 30.88
CA LEU A 112 10.86 -16.45 32.19
C LEU A 112 10.37 -17.90 32.10
N GLU A 113 11.15 -18.82 32.65
CA GLU A 113 10.82 -20.24 32.59
C GLU A 113 9.71 -20.57 33.58
N HIS A 114 9.05 -21.71 33.36
CA HIS A 114 7.90 -22.14 34.16
C HIS A 114 6.66 -21.34 33.78
N HIS A 115 6.64 -20.87 32.55
CA HIS A 115 5.47 -20.17 32.02
C HIS A 115 4.41 -21.20 31.63
N HIS A 116 4.86 -22.42 31.34
CA HIS A 116 3.96 -23.52 31.02
C HIS A 116 3.28 -24.02 32.27
N HIS A 117 1.97 -24.23 32.18
CA HIS A 117 1.18 -24.68 33.31
C HIS A 117 0.04 -25.56 32.81
N HIS A 118 -0.74 -25.03 31.89
CA HIS A 118 -1.84 -25.75 31.26
C HIS A 118 -2.32 -24.93 30.08
N HIS A 119 -3.38 -25.36 29.42
CA HIS A 119 -3.93 -24.59 28.31
C HIS A 119 -5.40 -24.26 28.58
N MET A 1 -1.82 -12.15 -33.39
CA MET A 1 -1.35 -10.94 -32.67
C MET A 1 0.16 -10.91 -32.59
N PRO A 2 0.76 -9.72 -32.50
CA PRO A 2 2.20 -9.57 -32.32
C PRO A 2 2.60 -9.86 -30.87
N THR A 3 3.89 -9.77 -30.59
CA THR A 3 4.40 -9.97 -29.24
C THR A 3 4.42 -8.64 -28.50
N PHE A 4 3.78 -7.68 -29.13
CA PHE A 4 3.64 -6.34 -28.60
C PHE A 4 2.36 -6.20 -27.80
N ASP A 5 1.96 -4.95 -27.55
CA ASP A 5 0.77 -4.63 -26.76
C ASP A 5 0.96 -5.08 -25.33
N HIS A 6 2.04 -4.60 -24.72
CA HIS A 6 2.26 -4.77 -23.29
C HIS A 6 1.07 -4.18 -22.54
N GLY A 7 0.31 -5.04 -21.89
CA GLY A 7 -0.93 -4.64 -21.29
C GLY A 7 -0.73 -3.77 -20.08
N ASN A 8 -1.73 -2.96 -19.80
CA ASN A 8 -1.74 -2.10 -18.62
C ASN A 8 -2.89 -2.52 -17.74
N LEU A 9 -2.77 -2.26 -16.47
CA LEU A 9 -3.82 -2.59 -15.51
C LEU A 9 -3.85 -1.56 -14.40
N SER A 10 -5.02 -0.95 -14.21
CA SER A 10 -5.19 0.06 -13.20
C SER A 10 -5.74 -0.54 -11.91
N LEU A 11 -4.89 -0.64 -10.90
CA LEU A 11 -5.33 -1.10 -9.59
C LEU A 11 -6.01 0.05 -8.85
N GLY A 12 -5.56 1.26 -9.15
CA GLY A 12 -6.08 2.43 -8.48
C GLY A 12 -5.41 2.64 -7.15
N GLU A 13 -6.12 3.22 -6.21
CA GLU A 13 -5.59 3.41 -4.89
C GLU A 13 -5.82 2.18 -4.02
N LEU A 14 -4.74 1.54 -3.62
CA LEU A 14 -4.82 0.42 -2.72
C LEU A 14 -4.58 0.89 -1.29
N GLU A 15 -5.22 0.24 -0.33
CA GLU A 15 -5.14 0.65 1.06
C GLU A 15 -3.79 0.30 1.66
N LEU A 16 -3.11 1.31 2.20
CA LEU A 16 -1.81 1.13 2.79
C LEU A 16 -1.96 0.72 4.26
N THR A 17 -1.56 -0.51 4.54
CA THR A 17 -1.61 -1.03 5.90
C THR A 17 -0.27 -0.81 6.61
N VAL A 18 -0.32 -0.22 7.80
CA VAL A 18 0.89 0.05 8.55
C VAL A 18 1.00 -0.91 9.73
N LEU A 19 2.08 -1.66 9.76
CA LEU A 19 2.35 -2.56 10.87
C LEU A 19 3.20 -1.84 11.90
N TYR A 20 2.67 -1.65 13.10
CA TYR A 20 3.36 -0.89 14.12
C TYR A 20 3.25 -1.57 15.48
N ASP A 21 4.07 -1.12 16.41
CA ASP A 21 4.07 -1.67 17.76
C ASP A 21 3.01 -0.97 18.60
N GLU A 22 1.85 -1.60 18.75
CA GLU A 22 0.72 -1.00 19.44
C GLU A 22 0.95 -0.92 20.96
N GLU A 23 2.05 -1.51 21.41
CA GLU A 23 2.42 -1.45 22.81
C GLU A 23 3.27 -0.20 23.07
N ARG A 24 3.70 0.45 22.01
CA ARG A 24 4.59 1.59 22.13
C ARG A 24 3.92 2.87 21.64
N TYR A 25 3.54 2.88 20.36
CA TYR A 25 2.95 4.08 19.76
C TYR A 25 1.69 3.71 18.99
N ASP A 26 1.05 4.72 18.43
CA ASP A 26 -0.10 4.52 17.56
C ASP A 26 -0.02 5.49 16.39
N ILE A 27 -0.73 5.15 15.32
CA ILE A 27 -0.67 5.91 14.07
C ILE A 27 -1.39 7.24 14.19
N VAL A 28 -0.64 8.32 13.99
CA VAL A 28 -1.21 9.65 13.96
C VAL A 28 -1.45 10.09 12.52
N GLU A 29 -0.43 9.92 11.70
CA GLU A 29 -0.52 10.24 10.28
C GLU A 29 0.07 9.11 9.47
N GLN A 30 -0.38 8.98 8.23
CA GLN A 30 0.11 7.96 7.33
C GLN A 30 -0.44 8.20 5.94
N THR A 31 0.15 7.54 4.96
CA THR A 31 -0.42 7.48 3.63
C THR A 31 -1.54 6.46 3.63
N GLU A 32 -2.76 6.89 3.30
CA GLU A 32 -3.92 6.02 3.38
C GLU A 32 -4.00 5.09 2.19
N THR A 33 -3.87 5.65 1.00
CA THR A 33 -3.95 4.89 -0.23
C THR A 33 -2.89 5.34 -1.23
N VAL A 34 -2.39 4.42 -2.03
CA VAL A 34 -1.41 4.74 -3.05
C VAL A 34 -1.84 4.18 -4.40
N GLN A 35 -1.44 4.86 -5.46
CA GLN A 35 -1.87 4.51 -6.81
C GLN A 35 -0.83 3.60 -7.47
N VAL A 36 -1.26 2.41 -7.90
CA VAL A 36 -0.37 1.44 -8.51
C VAL A 36 -0.86 1.05 -9.90
N ASP A 37 0.05 1.13 -10.86
CA ASP A 37 -0.22 0.74 -12.24
C ASP A 37 0.68 -0.42 -12.63
N LEU A 38 0.13 -1.41 -13.31
CA LEU A 38 0.88 -2.60 -13.67
C LEU A 38 0.93 -2.79 -15.17
N GLU A 39 2.12 -3.02 -15.69
CA GLU A 39 2.29 -3.35 -17.10
C GLU A 39 3.00 -4.69 -17.27
N GLY A 40 2.96 -5.21 -18.47
CA GLY A 40 3.70 -6.42 -18.76
C GLY A 40 2.99 -7.31 -19.75
N PRO A 41 3.32 -8.61 -19.79
CA PRO A 41 2.68 -9.58 -20.68
C PRO A 41 1.17 -9.65 -20.46
N ARG A 42 0.41 -9.50 -21.54
CA ARG A 42 -1.05 -9.48 -21.49
C ARG A 42 -1.62 -10.70 -20.75
N GLY A 43 -1.00 -11.85 -20.93
CA GLY A 43 -1.52 -13.09 -20.35
C GLY A 43 -1.56 -13.07 -18.84
N VAL A 44 -0.52 -12.51 -18.21
CA VAL A 44 -0.43 -12.48 -16.76
C VAL A 44 -1.56 -11.62 -16.18
N LEU A 45 -1.85 -10.52 -16.85
CA LEU A 45 -2.90 -9.62 -16.40
C LEU A 45 -4.27 -10.27 -16.50
N THR A 46 -4.44 -11.15 -17.48
CA THR A 46 -5.70 -11.88 -17.64
C THR A 46 -5.91 -12.83 -16.45
N VAL A 47 -4.85 -13.54 -16.08
CA VAL A 47 -4.90 -14.45 -14.93
C VAL A 47 -5.11 -13.66 -13.64
N PHE A 48 -4.49 -12.48 -13.59
CA PHE A 48 -4.63 -11.59 -12.44
C PHE A 48 -6.05 -11.02 -12.36
N ARG A 49 -6.69 -10.91 -13.51
CA ARG A 49 -8.06 -10.43 -13.59
C ARG A 49 -9.04 -11.49 -13.09
N PHE A 50 -8.72 -12.76 -13.34
CA PHE A 50 -9.52 -13.86 -12.84
C PHE A 50 -9.41 -13.95 -11.32
N ALA A 51 -8.26 -13.56 -10.81
CA ALA A 51 -7.97 -13.63 -9.39
C ALA A 51 -8.79 -12.61 -8.61
N ARG A 52 -9.36 -13.08 -7.51
CA ARG A 52 -10.01 -12.22 -6.56
C ARG A 52 -8.92 -11.42 -5.84
N PRO A 53 -9.21 -10.21 -5.36
CA PRO A 53 -8.21 -9.39 -4.68
C PRO A 53 -7.50 -10.14 -3.56
N SER A 54 -6.19 -10.24 -3.72
CA SER A 54 -5.32 -10.88 -2.76
C SER A 54 -4.07 -10.06 -2.56
N TYR A 55 -4.06 -8.93 -3.23
CA TYR A 55 -2.92 -8.03 -3.25
C TYR A 55 -3.10 -6.92 -2.22
N GLU A 56 -2.05 -6.66 -1.46
CA GLU A 56 -2.10 -5.65 -0.42
C GLU A 56 -0.84 -4.82 -0.40
N VAL A 57 -0.95 -3.60 0.05
CA VAL A 57 0.21 -2.74 0.24
C VAL A 57 0.38 -2.46 1.71
N PHE A 58 1.54 -2.77 2.25
CA PHE A 58 1.77 -2.61 3.67
C PHE A 58 3.24 -2.41 3.97
N VAL A 59 3.53 -1.70 5.04
CA VAL A 59 4.89 -1.46 5.47
C VAL A 59 5.05 -1.75 6.96
N ASP A 60 6.10 -2.47 7.30
CA ASP A 60 6.42 -2.75 8.70
C ASP A 60 7.17 -1.56 9.27
N LEU A 61 6.60 -0.96 10.29
CA LEU A 61 7.19 0.19 10.92
C LEU A 61 7.19 0.01 12.43
N THR A 62 7.27 -1.25 12.84
CA THR A 62 7.29 -1.60 14.25
C THR A 62 8.57 -1.07 14.91
N GLU A 63 9.61 -0.90 14.09
CA GLU A 63 10.90 -0.45 14.58
C GLU A 63 11.03 1.08 14.44
N ALA A 64 9.94 1.72 14.05
CA ALA A 64 9.92 3.17 13.92
C ALA A 64 9.30 3.82 15.16
N GLY A 65 9.32 5.15 15.19
CA GLY A 65 8.76 5.85 16.34
C GLY A 65 8.70 7.35 16.14
N GLU A 66 9.50 8.08 16.92
CA GLU A 66 9.48 9.54 16.94
C GLU A 66 9.85 10.12 15.58
N GLY A 67 9.21 11.23 15.25
CA GLY A 67 9.43 11.91 13.98
C GLY A 67 8.82 11.16 12.82
N SER A 68 8.18 11.88 11.92
CA SER A 68 7.59 11.26 10.76
C SER A 68 8.69 10.83 9.82
N HIS A 69 8.58 9.62 9.34
CA HIS A 69 9.62 9.02 8.52
C HIS A 69 9.04 8.49 7.24
N THR A 70 9.75 8.73 6.16
CA THR A 70 9.29 8.35 4.84
C THR A 70 10.16 7.22 4.29
N VAL A 71 9.53 6.10 3.98
CA VAL A 71 10.27 4.94 3.47
C VAL A 71 9.69 4.49 2.14
N ASP A 72 10.50 3.79 1.36
CA ASP A 72 10.04 3.25 0.08
C ASP A 72 9.13 2.06 0.34
N VAL A 73 7.98 2.06 -0.31
CA VAL A 73 6.94 1.08 -0.02
C VAL A 73 7.18 -0.24 -0.75
N GLU A 74 7.13 -1.33 0.01
CA GLU A 74 7.23 -2.67 -0.56
C GLU A 74 5.85 -3.17 -0.95
N HIS A 75 5.80 -4.03 -1.94
CA HIS A 75 4.53 -4.52 -2.47
C HIS A 75 4.44 -6.03 -2.38
N ARG A 76 3.23 -6.54 -2.22
CA ARG A 76 3.01 -7.97 -2.11
C ARG A 76 1.64 -8.35 -2.67
N GLY A 77 1.56 -9.50 -3.31
CA GLY A 77 0.33 -9.93 -3.92
C GLY A 77 0.54 -10.27 -5.38
N PHE A 78 0.74 -9.23 -6.20
CA PHE A 78 1.08 -9.43 -7.59
C PHE A 78 2.54 -9.84 -7.74
N PRO A 79 2.85 -10.71 -8.71
CA PRO A 79 4.21 -11.22 -8.91
C PRO A 79 5.19 -10.13 -9.33
N GLY A 80 6.41 -10.25 -8.84
CA GLY A 80 7.46 -9.28 -9.17
C GLY A 80 8.06 -9.53 -10.54
N ASP A 81 7.20 -9.76 -11.52
CA ASP A 81 7.64 -10.03 -12.87
C ASP A 81 7.10 -8.95 -13.81
N LEU A 82 6.08 -8.25 -13.34
CA LEU A 82 5.44 -7.21 -14.13
C LEU A 82 6.15 -5.87 -13.93
N ALA A 83 5.84 -4.93 -14.80
CA ALA A 83 6.37 -3.58 -14.66
C ALA A 83 5.49 -2.79 -13.71
N VAL A 84 5.99 -2.60 -12.50
CA VAL A 84 5.22 -1.95 -11.45
C VAL A 84 5.54 -0.45 -11.39
N THR A 85 4.51 0.36 -11.55
CA THR A 85 4.67 1.80 -11.47
C THR A 85 3.77 2.35 -10.39
N VAL A 86 4.31 3.22 -9.58
CA VAL A 86 3.60 3.70 -8.41
C VAL A 86 3.58 5.22 -8.39
N GLU A 87 2.53 5.77 -7.80
CA GLU A 87 2.47 7.17 -7.50
C GLU A 87 2.72 7.29 -6.02
N PRO A 88 3.32 8.40 -5.59
CA PRO A 88 4.42 8.44 -4.66
C PRO A 88 4.80 7.09 -4.05
N ARG A 89 6.08 6.78 -4.16
CA ARG A 89 6.58 5.44 -3.86
C ARG A 89 7.05 5.38 -2.43
N MET A 90 7.23 6.55 -1.86
CA MET A 90 7.65 6.68 -0.49
C MET A 90 6.47 7.14 0.36
N ALA A 91 6.27 6.47 1.47
CA ALA A 91 5.16 6.78 2.34
C ALA A 91 5.68 7.18 3.71
N ARG A 92 5.05 8.17 4.31
CA ARG A 92 5.50 8.67 5.59
C ARG A 92 4.55 8.22 6.69
N VAL A 93 5.14 7.82 7.80
CA VAL A 93 4.37 7.41 8.96
C VAL A 93 4.63 8.35 10.11
N GLN A 94 3.59 8.69 10.85
CA GLN A 94 3.76 9.47 12.06
C GLN A 94 3.28 8.66 13.24
N LEU A 95 4.19 8.40 14.16
CA LEU A 95 3.89 7.60 15.34
C LEU A 95 4.14 8.42 16.59
N GLU A 96 3.13 8.54 17.43
CA GLU A 96 3.25 9.29 18.65
C GLU A 96 2.75 8.48 19.83
N GLU A 97 3.40 8.63 20.96
CA GLU A 97 2.99 7.94 22.17
C GLU A 97 1.76 8.62 22.75
N ARG A 98 0.61 8.34 22.15
CA ARG A 98 -0.64 8.93 22.59
C ARG A 98 -1.12 8.22 23.85
N GLN A 99 -1.89 8.93 24.66
CA GLN A 99 -2.35 8.38 25.91
C GLN A 99 -3.72 7.75 25.73
N THR A 100 -3.71 6.47 25.37
CA THR A 100 -4.93 5.70 25.27
C THR A 100 -4.98 4.72 26.44
N VAL A 101 -6.18 4.49 26.98
CA VAL A 101 -6.34 3.58 28.11
C VAL A 101 -5.71 2.22 27.82
N SER A 102 -4.69 1.88 28.60
CA SER A 102 -3.97 0.64 28.43
C SER A 102 -4.67 -0.49 29.19
N VAL A 103 -5.69 -1.06 28.58
CA VAL A 103 -6.43 -2.16 29.18
C VAL A 103 -6.04 -3.47 28.52
N PRO A 104 -5.99 -4.57 29.29
CA PRO A 104 -5.64 -5.89 28.78
C PRO A 104 -6.69 -6.44 27.81
N VAL A 105 -6.43 -6.28 26.53
CA VAL A 105 -7.30 -6.82 25.50
C VAL A 105 -6.74 -8.14 24.95
N THR A 106 -7.11 -9.23 25.61
CA THR A 106 -6.57 -10.55 25.27
C THR A 106 -7.48 -11.24 24.26
N VAL A 107 -8.71 -10.77 24.16
CA VAL A 107 -9.66 -11.34 23.23
C VAL A 107 -9.42 -10.73 21.85
N GLU A 108 -8.89 -11.55 20.95
CA GLU A 108 -8.50 -11.12 19.62
C GLU A 108 -9.64 -11.33 18.62
N MET A 109 -10.06 -10.26 17.95
CA MET A 109 -11.05 -10.34 16.90
C MET A 109 -10.50 -9.77 15.61
N ILE A 110 -10.96 -10.29 14.48
CA ILE A 110 -10.61 -9.73 13.18
C ILE A 110 -11.88 -9.53 12.34
N ASN A 111 -12.44 -8.33 12.44
CA ASN A 111 -13.65 -8.00 11.70
C ASN A 111 -13.36 -6.86 10.72
N LEU A 112 -13.99 -6.90 9.56
CA LEU A 112 -13.82 -5.85 8.57
C LEU A 112 -15.18 -5.44 8.00
N GLU A 113 -16.25 -6.00 8.53
CA GLU A 113 -17.59 -5.69 8.06
C GLU A 113 -18.18 -4.53 8.87
N HIS A 114 -17.37 -3.96 9.75
CA HIS A 114 -17.79 -2.79 10.52
C HIS A 114 -17.97 -1.60 9.58
N HIS A 115 -19.18 -1.45 9.07
CA HIS A 115 -19.50 -0.35 8.18
C HIS A 115 -20.62 0.49 8.77
N HIS A 116 -20.48 1.80 8.67
CA HIS A 116 -21.42 2.71 9.28
C HIS A 116 -22.52 3.07 8.28
N HIS A 117 -23.75 2.69 8.61
CA HIS A 117 -24.89 2.92 7.73
C HIS A 117 -26.15 3.10 8.56
N HIS A 118 -26.91 4.14 8.29
CA HIS A 118 -28.13 4.41 9.02
C HIS A 118 -29.07 5.30 8.21
N HIS A 119 -30.36 5.10 8.41
CA HIS A 119 -31.38 5.94 7.79
C HIS A 119 -32.67 5.82 8.58
N MET A 1 2.95 -20.39 -24.42
CA MET A 1 3.27 -19.25 -25.31
C MET A 1 3.34 -17.96 -24.51
N PRO A 2 4.54 -17.37 -24.36
CA PRO A 2 4.71 -16.09 -23.67
C PRO A 2 3.97 -14.98 -24.39
N THR A 3 2.95 -14.43 -23.74
CA THR A 3 2.12 -13.41 -24.36
C THR A 3 2.88 -12.11 -24.58
N PHE A 4 2.70 -11.54 -25.75
CA PHE A 4 3.32 -10.29 -26.11
C PHE A 4 2.39 -9.13 -25.82
N ASP A 5 2.71 -7.96 -26.37
CA ASP A 5 1.92 -6.74 -26.17
C ASP A 5 1.98 -6.30 -24.72
N HIS A 6 2.80 -5.29 -24.45
CA HIS A 6 2.92 -4.76 -23.12
C HIS A 6 1.74 -3.85 -22.81
N GLY A 7 0.78 -4.39 -22.09
CA GLY A 7 -0.37 -3.61 -21.70
C GLY A 7 -0.27 -3.20 -20.25
N ASN A 8 -1.26 -2.47 -19.77
CA ASN A 8 -1.30 -2.06 -18.38
C ASN A 8 -2.59 -2.50 -17.73
N LEU A 9 -2.53 -2.67 -16.43
CA LEU A 9 -3.68 -3.15 -15.67
C LEU A 9 -3.77 -2.44 -14.34
N SER A 10 -4.92 -1.82 -14.08
CA SER A 10 -5.17 -1.16 -12.81
C SER A 10 -5.56 -2.17 -11.75
N LEU A 11 -4.88 -2.12 -10.61
CA LEU A 11 -5.28 -2.92 -9.46
C LEU A 11 -6.24 -2.11 -8.59
N GLY A 12 -6.38 -0.84 -8.95
CA GLY A 12 -7.24 0.06 -8.23
C GLY A 12 -6.46 0.86 -7.21
N GLU A 13 -7.17 1.68 -6.45
CA GLU A 13 -6.55 2.44 -5.37
C GLU A 13 -6.53 1.59 -4.11
N LEU A 14 -5.33 1.22 -3.70
CA LEU A 14 -5.17 0.30 -2.59
C LEU A 14 -4.94 1.04 -1.29
N GLU A 15 -5.65 0.62 -0.26
CA GLU A 15 -5.51 1.19 1.06
C GLU A 15 -4.25 0.65 1.73
N LEU A 16 -3.53 1.52 2.41
CA LEU A 16 -2.24 1.13 2.98
C LEU A 16 -2.41 0.43 4.31
N THR A 17 -1.65 -0.63 4.50
CA THR A 17 -1.63 -1.34 5.77
C THR A 17 -0.30 -1.11 6.49
N VAL A 18 -0.35 -0.48 7.65
CA VAL A 18 0.86 -0.14 8.39
C VAL A 18 1.04 -1.05 9.59
N LEU A 19 2.24 -1.57 9.75
CA LEU A 19 2.62 -2.36 10.90
C LEU A 19 3.45 -1.49 11.85
N TYR A 20 2.93 -1.29 13.05
CA TYR A 20 3.56 -0.38 14.01
C TYR A 20 3.40 -0.93 15.42
N ASP A 21 3.67 -0.09 16.42
CA ASP A 21 3.47 -0.48 17.80
C ASP A 21 2.46 0.43 18.48
N GLU A 22 1.26 -0.09 18.67
CA GLU A 22 0.17 0.68 19.25
C GLU A 22 0.29 0.76 20.78
N GLU A 23 1.23 0.03 21.34
CA GLU A 23 1.42 0.01 22.78
C GLU A 23 2.20 1.22 23.26
N ARG A 24 2.61 2.08 22.32
CA ARG A 24 3.37 3.26 22.68
C ARG A 24 2.88 4.47 21.90
N TYR A 25 3.00 4.41 20.58
CA TYR A 25 2.63 5.53 19.73
C TYR A 25 1.34 5.23 18.98
N ASP A 26 0.66 6.30 18.56
CA ASP A 26 -0.56 6.17 17.78
C ASP A 26 -0.39 6.89 16.44
N ILE A 27 -1.26 6.58 15.49
CA ILE A 27 -1.17 7.15 14.16
C ILE A 27 -1.62 8.61 14.16
N VAL A 28 -0.72 9.49 13.75
CA VAL A 28 -1.04 10.91 13.61
C VAL A 28 -1.31 11.27 12.15
N GLU A 29 -0.42 10.81 11.29
CA GLU A 29 -0.58 10.98 9.85
C GLU A 29 -0.28 9.67 9.15
N GLN A 30 -0.86 9.47 7.97
CA GLN A 30 -0.70 8.22 7.24
C GLN A 30 -0.99 8.44 5.76
N THR A 31 -0.41 7.62 4.91
CA THR A 31 -0.74 7.64 3.49
C THR A 31 -1.85 6.65 3.24
N GLU A 32 -3.06 7.16 3.00
CA GLU A 32 -4.25 6.32 2.97
C GLU A 32 -4.26 5.35 1.80
N THR A 33 -4.19 5.87 0.58
CA THR A 33 -4.28 5.03 -0.59
C THR A 33 -3.14 5.30 -1.58
N VAL A 34 -2.71 4.24 -2.25
CA VAL A 34 -1.75 4.36 -3.35
C VAL A 34 -2.27 3.61 -4.57
N GLN A 35 -1.81 3.99 -5.75
CA GLN A 35 -2.25 3.33 -6.98
C GLN A 35 -1.18 2.39 -7.49
N VAL A 36 -1.59 1.20 -7.86
CA VAL A 36 -0.68 0.19 -8.39
C VAL A 36 -1.16 -0.27 -9.76
N ASP A 37 -0.30 -0.14 -10.73
CA ASP A 37 -0.58 -0.53 -12.10
C ASP A 37 0.39 -1.62 -12.51
N LEU A 38 -0.05 -2.55 -13.32
CA LEU A 38 0.81 -3.62 -13.78
C LEU A 38 1.04 -3.50 -15.27
N GLU A 39 2.30 -3.43 -15.65
CA GLU A 39 2.68 -3.28 -17.03
C GLU A 39 3.46 -4.50 -17.48
N GLY A 40 3.14 -5.01 -18.66
CA GLY A 40 3.82 -6.18 -19.16
C GLY A 40 2.95 -7.02 -20.06
N PRO A 41 3.22 -8.33 -20.15
CA PRO A 41 2.48 -9.25 -21.01
C PRO A 41 0.97 -9.19 -20.78
N ARG A 42 0.24 -8.91 -21.85
CA ARG A 42 -1.22 -8.80 -21.80
C ARG A 42 -1.83 -10.06 -21.21
N GLY A 43 -1.23 -11.20 -21.51
CA GLY A 43 -1.74 -12.47 -21.05
C GLY A 43 -1.70 -12.61 -19.54
N VAL A 44 -0.58 -12.23 -18.94
CA VAL A 44 -0.43 -12.29 -17.48
C VAL A 44 -1.53 -11.48 -16.81
N LEU A 45 -1.77 -10.29 -17.36
CA LEU A 45 -2.79 -9.39 -16.83
C LEU A 45 -4.17 -10.03 -16.89
N THR A 46 -4.46 -10.71 -18.00
CA THR A 46 -5.75 -11.36 -18.19
C THR A 46 -5.89 -12.56 -17.26
N VAL A 47 -4.84 -13.39 -17.18
CA VAL A 47 -4.87 -14.59 -16.34
C VAL A 47 -5.04 -14.22 -14.87
N PHE A 48 -4.30 -13.20 -14.42
CA PHE A 48 -4.39 -12.74 -13.04
C PHE A 48 -5.78 -12.19 -12.75
N ARG A 49 -6.42 -11.65 -13.79
CA ARG A 49 -7.74 -11.07 -13.67
C ARG A 49 -8.83 -12.14 -13.54
N PHE A 50 -8.48 -13.39 -13.84
CA PHE A 50 -9.40 -14.49 -13.67
C PHE A 50 -9.45 -14.93 -12.21
N ALA A 51 -8.40 -14.60 -11.48
CA ALA A 51 -8.31 -14.92 -10.07
C ALA A 51 -8.79 -13.76 -9.21
N ARG A 52 -9.02 -14.02 -7.94
CA ARG A 52 -9.44 -12.99 -7.02
C ARG A 52 -8.22 -12.25 -6.46
N PRO A 53 -8.40 -11.00 -6.04
CA PRO A 53 -7.31 -10.20 -5.49
C PRO A 53 -6.80 -10.75 -4.17
N SER A 54 -5.51 -11.02 -4.12
CA SER A 54 -4.86 -11.50 -2.92
C SER A 54 -3.52 -10.80 -2.75
N TYR A 55 -3.49 -9.54 -3.14
CA TYR A 55 -2.27 -8.74 -3.05
C TYR A 55 -2.36 -7.72 -1.92
N GLU A 56 -1.31 -7.65 -1.13
CA GLU A 56 -1.27 -6.73 0.00
C GLU A 56 -0.14 -5.72 -0.17
N VAL A 57 -0.40 -4.49 0.28
CA VAL A 57 0.62 -3.47 0.36
C VAL A 57 0.78 -3.03 1.80
N PHE A 58 2.00 -3.11 2.32
CA PHE A 58 2.21 -2.90 3.74
C PHE A 58 3.51 -2.17 4.02
N VAL A 59 3.53 -1.48 5.15
CA VAL A 59 4.74 -0.82 5.64
C VAL A 59 5.04 -1.30 7.04
N ASP A 60 6.29 -1.61 7.32
CA ASP A 60 6.67 -2.14 8.62
C ASP A 60 7.55 -1.14 9.34
N LEU A 61 6.99 -0.51 10.37
CA LEU A 61 7.72 0.48 11.15
C LEU A 61 7.44 0.31 12.64
N THR A 62 8.21 -0.57 13.27
CA THR A 62 8.10 -0.77 14.71
C THR A 62 9.19 0.02 15.42
N GLU A 63 10.18 0.47 14.64
CA GLU A 63 11.28 1.26 15.16
C GLU A 63 11.03 2.74 14.91
N ALA A 64 9.92 3.05 14.26
CA ALA A 64 9.59 4.43 13.94
C ALA A 64 9.16 5.20 15.19
N GLY A 65 9.90 6.25 15.52
CA GLY A 65 9.55 7.07 16.65
C GLY A 65 8.79 8.31 16.26
N GLU A 66 9.23 9.45 16.78
CA GLU A 66 8.52 10.70 16.59
C GLU A 66 8.74 11.27 15.19
N GLY A 67 7.82 12.11 14.76
CA GLY A 67 7.90 12.71 13.45
C GLY A 67 7.40 11.78 12.37
N SER A 68 7.03 12.34 11.23
CA SER A 68 6.55 11.54 10.13
C SER A 68 7.72 10.82 9.47
N HIS A 69 7.51 9.55 9.20
CA HIS A 69 8.55 8.70 8.65
C HIS A 69 8.17 8.26 7.25
N THR A 70 9.04 8.57 6.29
CA THR A 70 8.81 8.18 4.92
C THR A 70 9.74 7.02 4.56
N VAL A 71 9.16 5.87 4.26
CA VAL A 71 9.94 4.69 3.89
C VAL A 71 9.33 4.00 2.68
N ASP A 72 10.09 3.07 2.12
CA ASP A 72 9.65 2.33 0.94
C ASP A 72 8.53 1.35 1.30
N VAL A 73 7.59 1.18 0.39
CA VAL A 73 6.44 0.32 0.64
C VAL A 73 6.65 -1.07 0.04
N GLU A 74 6.48 -2.10 0.87
CA GLU A 74 6.63 -3.47 0.44
C GLU A 74 5.27 -4.02 0.01
N HIS A 75 5.29 -4.96 -0.92
CA HIS A 75 4.04 -5.48 -1.48
C HIS A 75 4.17 -6.95 -1.86
N ARG A 76 3.05 -7.66 -1.79
CA ARG A 76 3.01 -9.08 -2.12
C ARG A 76 1.70 -9.37 -2.85
N GLY A 77 1.61 -10.52 -3.50
CA GLY A 77 0.42 -10.89 -4.23
C GLY A 77 0.68 -10.88 -5.73
N PHE A 78 1.16 -9.76 -6.22
CA PHE A 78 1.64 -9.67 -7.58
C PHE A 78 3.16 -9.72 -7.57
N PRO A 79 3.77 -10.37 -8.57
CA PRO A 79 5.21 -10.52 -8.63
C PRO A 79 5.89 -9.43 -9.46
N GLY A 80 7.15 -9.15 -9.14
CA GLY A 80 7.93 -8.22 -9.92
C GLY A 80 8.51 -8.86 -11.17
N ASP A 81 7.78 -9.85 -11.70
CA ASP A 81 8.20 -10.55 -12.91
C ASP A 81 8.04 -9.63 -14.11
N LEU A 82 7.08 -8.73 -14.01
CA LEU A 82 6.84 -7.73 -15.01
C LEU A 82 7.12 -6.34 -14.44
N ALA A 83 6.66 -5.31 -15.11
CA ALA A 83 6.88 -3.96 -14.66
C ALA A 83 5.75 -3.52 -13.73
N VAL A 84 6.08 -3.31 -12.47
CA VAL A 84 5.10 -2.85 -11.50
C VAL A 84 5.17 -1.33 -11.42
N THR A 85 4.04 -0.68 -11.60
CA THR A 85 3.99 0.76 -11.56
C THR A 85 3.26 1.19 -10.31
N VAL A 86 3.83 2.12 -9.59
CA VAL A 86 3.30 2.54 -8.32
C VAL A 86 3.26 4.05 -8.24
N GLU A 87 2.19 4.56 -7.65
CA GLU A 87 2.11 5.96 -7.33
C GLU A 87 2.34 6.07 -5.85
N PRO A 88 2.90 7.20 -5.41
CA PRO A 88 3.99 7.26 -4.46
C PRO A 88 4.41 5.92 -3.85
N ARG A 89 5.70 5.67 -3.93
CA ARG A 89 6.28 4.38 -3.60
C ARG A 89 6.91 4.44 -2.23
N MET A 90 7.32 5.64 -1.88
CA MET A 90 7.83 5.92 -0.55
C MET A 90 6.75 6.69 0.20
N ALA A 91 6.29 6.13 1.31
CA ALA A 91 5.12 6.67 1.99
C ALA A 91 5.47 7.11 3.40
N ARG A 92 4.80 8.16 3.85
CA ARG A 92 5.07 8.70 5.16
C ARG A 92 3.95 8.39 6.13
N VAL A 93 4.34 7.98 7.33
CA VAL A 93 3.41 7.77 8.42
C VAL A 93 4.02 8.33 9.70
N GLN A 94 3.22 9.01 10.50
CA GLN A 94 3.73 9.62 11.71
C GLN A 94 3.18 8.93 12.95
N LEU A 95 4.08 8.42 13.76
CA LEU A 95 3.70 7.79 15.01
C LEU A 95 4.02 8.72 16.18
N GLU A 96 3.02 9.01 16.97
CA GLU A 96 3.19 9.83 18.14
C GLU A 96 2.17 9.41 19.18
N GLU A 97 2.56 9.45 20.43
CA GLU A 97 1.70 8.99 21.51
C GLU A 97 0.38 9.77 21.53
N ARG A 98 -0.72 9.01 21.60
CA ARG A 98 -2.08 9.52 21.60
C ARG A 98 -2.59 9.81 20.19
N GLN A 99 -3.85 9.48 19.99
CA GLN A 99 -4.48 9.57 18.69
C GLN A 99 -4.75 11.02 18.32
N THR A 100 -4.15 11.45 17.21
CA THR A 100 -4.37 12.78 16.68
C THR A 100 -4.51 12.73 15.17
N VAL A 101 -5.76 12.69 14.69
CA VAL A 101 -6.03 12.66 13.26
C VAL A 101 -5.71 14.03 12.64
N SER A 102 -4.76 14.02 11.72
CA SER A 102 -4.36 15.24 11.04
C SER A 102 -5.09 15.38 9.72
N VAL A 103 -5.54 16.59 9.42
CA VAL A 103 -6.26 16.84 8.17
C VAL A 103 -5.44 17.77 7.27
N PRO A 104 -4.93 17.23 6.16
CA PRO A 104 -4.21 18.00 5.16
C PRO A 104 -5.18 18.75 4.24
N VAL A 105 -5.39 20.01 4.53
CA VAL A 105 -6.35 20.82 3.78
C VAL A 105 -5.91 20.96 2.33
N THR A 106 -4.59 21.07 2.13
CA THR A 106 -3.99 21.22 0.80
C THR A 106 -4.36 22.56 0.18
N VAL A 107 -3.39 23.45 0.07
CA VAL A 107 -3.60 24.76 -0.51
C VAL A 107 -4.02 24.64 -1.98
N GLU A 108 -5.05 25.39 -2.35
CA GLU A 108 -5.55 25.35 -3.71
C GLU A 108 -4.62 26.13 -4.64
N MET A 109 -4.15 25.47 -5.68
CA MET A 109 -3.17 26.07 -6.57
C MET A 109 -3.82 26.52 -7.87
N ILE A 110 -3.34 27.64 -8.40
CA ILE A 110 -3.84 28.17 -9.67
C ILE A 110 -2.74 28.17 -10.72
N ASN A 111 -3.04 28.76 -11.86
CA ASN A 111 -2.07 28.87 -12.95
C ASN A 111 -2.14 30.28 -13.54
N LEU A 112 -1.04 30.74 -14.10
CA LEU A 112 -1.02 32.05 -14.73
C LEU A 112 -0.26 31.98 -16.05
N GLU A 113 -0.54 32.91 -16.93
CA GLU A 113 0.07 32.92 -18.25
C GLU A 113 0.85 34.21 -18.49
N HIS A 114 2.01 34.09 -19.10
CA HIS A 114 2.80 35.24 -19.48
C HIS A 114 2.67 35.49 -20.98
N HIS A 115 2.38 36.72 -21.36
CA HIS A 115 2.21 37.05 -22.76
C HIS A 115 3.48 37.63 -23.36
N HIS A 116 3.78 37.22 -24.58
CA HIS A 116 4.91 37.76 -25.32
C HIS A 116 4.39 38.69 -26.40
N HIS A 117 4.83 39.94 -26.36
CA HIS A 117 4.42 40.90 -27.37
C HIS A 117 5.51 41.05 -28.42
N HIS A 118 5.10 41.17 -29.67
CA HIS A 118 6.05 41.41 -30.74
C HIS A 118 6.17 42.90 -30.98
N HIS A 119 7.09 43.28 -31.84
CA HIS A 119 7.25 44.66 -32.22
C HIS A 119 7.34 44.75 -33.73
N MET A 1 -1.51 -13.83 -36.68
CA MET A 1 -0.97 -12.52 -36.23
C MET A 1 0.18 -12.71 -35.25
N PRO A 2 1.39 -12.29 -35.64
CA PRO A 2 2.56 -12.28 -34.78
C PRO A 2 2.70 -10.94 -34.05
N THR A 3 1.56 -10.31 -33.85
CA THR A 3 1.49 -8.96 -33.30
C THR A 3 1.84 -8.93 -31.82
N PHE A 4 2.92 -8.21 -31.50
CA PHE A 4 3.25 -7.94 -30.12
C PHE A 4 2.18 -7.04 -29.51
N ASP A 5 1.62 -7.47 -28.39
CA ASP A 5 0.46 -6.82 -27.81
C ASP A 5 0.56 -6.85 -26.30
N HIS A 6 1.00 -5.74 -25.74
CA HIS A 6 1.06 -5.60 -24.29
C HIS A 6 -0.28 -5.10 -23.77
N GLY A 7 -0.53 -5.34 -22.51
CA GLY A 7 -1.75 -4.87 -21.90
C GLY A 7 -1.47 -3.89 -20.79
N ASN A 8 -2.48 -3.11 -20.45
CA ASN A 8 -2.38 -2.18 -19.33
C ASN A 8 -3.42 -2.56 -18.31
N LEU A 9 -3.10 -2.35 -17.06
CA LEU A 9 -4.01 -2.69 -15.97
C LEU A 9 -3.82 -1.74 -14.81
N SER A 10 -4.91 -1.47 -14.11
CA SER A 10 -4.86 -0.66 -12.91
C SER A 10 -5.48 -1.43 -11.75
N LEU A 11 -4.72 -1.59 -10.67
CA LEU A 11 -5.23 -2.25 -9.48
C LEU A 11 -6.11 -1.29 -8.71
N GLY A 12 -6.01 -0.02 -9.06
CA GLY A 12 -6.78 1.00 -8.40
C GLY A 12 -6.12 1.43 -7.11
N GLU A 13 -6.89 2.07 -6.24
CA GLU A 13 -6.38 2.47 -4.95
C GLU A 13 -6.44 1.31 -3.97
N LEU A 14 -5.27 0.87 -3.53
CA LEU A 14 -5.16 -0.23 -2.58
C LEU A 14 -4.99 0.32 -1.17
N GLU A 15 -5.52 -0.39 -0.20
CA GLU A 15 -5.46 0.02 1.19
C GLU A 15 -4.12 -0.34 1.82
N LEU A 16 -3.46 0.63 2.41
CA LEU A 16 -2.18 0.39 3.08
C LEU A 16 -2.40 0.06 4.55
N THR A 17 -1.76 -1.01 4.99
CA THR A 17 -1.83 -1.44 6.38
C THR A 17 -0.51 -1.17 7.08
N VAL A 18 -0.56 -0.67 8.31
CA VAL A 18 0.65 -0.33 9.03
C VAL A 18 0.91 -1.34 10.14
N LEU A 19 2.07 -1.96 10.10
CA LEU A 19 2.53 -2.79 11.19
C LEU A 19 3.36 -1.92 12.12
N TYR A 20 2.90 -1.76 13.34
CA TYR A 20 3.53 -0.81 14.25
C TYR A 20 3.37 -1.24 15.69
N ASP A 21 2.33 -2.02 15.97
CA ASP A 21 1.93 -2.37 17.34
C ASP A 21 1.38 -1.16 18.05
N GLU A 22 0.14 -1.27 18.49
CA GLU A 22 -0.59 -0.13 19.05
C GLU A 22 -0.15 0.18 20.48
N GLU A 23 0.83 -0.54 20.99
CA GLU A 23 1.41 -0.22 22.28
C GLU A 23 2.73 0.53 22.09
N ARG A 24 3.19 0.60 20.84
CA ARG A 24 4.39 1.36 20.51
C ARG A 24 4.04 2.84 20.32
N TYR A 25 3.26 3.09 19.28
CA TYR A 25 2.82 4.45 18.96
C TYR A 25 1.38 4.43 18.46
N ASP A 26 0.81 5.60 18.29
CA ASP A 26 -0.48 5.74 17.63
C ASP A 26 -0.28 6.48 16.31
N ILE A 27 -1.24 6.35 15.40
CA ILE A 27 -1.11 6.94 14.08
C ILE A 27 -1.68 8.36 14.04
N VAL A 28 -0.86 9.31 13.66
CA VAL A 28 -1.28 10.70 13.55
C VAL A 28 -1.37 11.12 12.09
N GLU A 29 -0.50 10.57 11.27
CA GLU A 29 -0.51 10.80 9.83
C GLU A 29 -0.15 9.50 9.14
N GLN A 30 -0.61 9.32 7.90
CA GLN A 30 -0.48 8.03 7.24
C GLN A 30 -0.80 8.13 5.75
N THR A 31 -0.46 7.08 5.02
CA THR A 31 -0.83 6.96 3.62
C THR A 31 -2.04 6.04 3.51
N GLU A 32 -3.20 6.62 3.19
CA GLU A 32 -4.45 5.89 3.11
C GLU A 32 -4.45 4.82 2.02
N THR A 33 -4.61 5.27 0.78
CA THR A 33 -4.69 4.38 -0.35
C THR A 33 -3.77 4.85 -1.47
N VAL A 34 -3.20 3.91 -2.21
CA VAL A 34 -2.31 4.26 -3.31
C VAL A 34 -2.79 3.62 -4.60
N GLN A 35 -2.53 4.29 -5.72
CA GLN A 35 -2.89 3.76 -7.03
C GLN A 35 -1.73 2.95 -7.60
N VAL A 36 -2.06 1.79 -8.15
CA VAL A 36 -1.09 0.89 -8.75
C VAL A 36 -1.52 0.53 -10.18
N ASP A 37 -0.56 0.57 -11.08
CA ASP A 37 -0.79 0.23 -12.48
C ASP A 37 0.20 -0.84 -12.92
N LEU A 38 -0.17 -1.63 -13.91
CA LEU A 38 0.67 -2.72 -14.38
C LEU A 38 0.74 -2.71 -15.90
N GLU A 39 1.95 -2.85 -16.44
CA GLU A 39 2.15 -2.96 -17.87
C GLU A 39 2.95 -4.20 -18.21
N GLY A 40 2.64 -4.78 -19.36
CA GLY A 40 3.38 -5.94 -19.82
C GLY A 40 2.52 -6.91 -20.59
N PRO A 41 2.94 -8.18 -20.70
CA PRO A 41 2.17 -9.21 -21.38
C PRO A 41 0.79 -9.38 -20.78
N ARG A 42 -0.22 -8.96 -21.54
CA ARG A 42 -1.61 -9.03 -21.09
C ARG A 42 -2.04 -10.47 -20.77
N GLY A 43 -1.40 -11.44 -21.42
CA GLY A 43 -1.69 -12.83 -21.13
C GLY A 43 -1.52 -13.15 -19.65
N VAL A 44 -0.51 -12.58 -19.02
CA VAL A 44 -0.32 -12.72 -17.58
C VAL A 44 -1.41 -11.95 -16.83
N LEU A 45 -1.67 -10.73 -17.29
CA LEU A 45 -2.65 -9.85 -16.66
C LEU A 45 -4.04 -10.47 -16.61
N THR A 46 -4.46 -11.07 -17.72
CA THR A 46 -5.76 -11.72 -17.80
C THR A 46 -5.89 -12.84 -16.77
N VAL A 47 -4.83 -13.65 -16.63
CA VAL A 47 -4.82 -14.73 -15.65
C VAL A 47 -4.92 -14.17 -14.24
N PHE A 48 -4.23 -13.05 -14.02
CA PHE A 48 -4.24 -12.37 -12.74
C PHE A 48 -5.62 -11.75 -12.47
N ARG A 49 -6.25 -11.30 -13.54
CA ARG A 49 -7.55 -10.66 -13.47
C ARG A 49 -8.68 -11.66 -13.23
N PHE A 50 -8.41 -12.93 -13.48
CA PHE A 50 -9.38 -13.98 -13.19
C PHE A 50 -9.51 -14.18 -11.68
N ALA A 51 -8.44 -13.90 -10.97
CA ALA A 51 -8.41 -14.09 -9.53
C ALA A 51 -8.92 -12.83 -8.83
N ARG A 52 -9.31 -13.01 -7.58
CA ARG A 52 -9.77 -11.91 -6.76
C ARG A 52 -8.56 -11.24 -6.11
N PRO A 53 -8.69 -9.97 -5.71
CA PRO A 53 -7.60 -9.25 -5.07
C PRO A 53 -6.96 -10.01 -3.92
N SER A 54 -5.67 -10.24 -4.04
CA SER A 54 -4.89 -10.86 -3.00
C SER A 54 -3.63 -10.03 -2.76
N TYR A 55 -3.60 -8.87 -3.38
CA TYR A 55 -2.47 -7.97 -3.29
C TYR A 55 -2.65 -6.99 -2.14
N GLU A 56 -1.67 -6.94 -1.26
CA GLU A 56 -1.76 -6.13 -0.06
C GLU A 56 -0.52 -5.27 0.09
N VAL A 57 -0.68 -4.12 0.73
CA VAL A 57 0.41 -3.19 0.95
C VAL A 57 0.56 -2.91 2.43
N PHE A 58 1.75 -3.15 2.97
CA PHE A 58 1.99 -2.94 4.40
C PHE A 58 3.43 -2.57 4.66
N VAL A 59 3.65 -1.84 5.75
CA VAL A 59 4.98 -1.45 6.18
C VAL A 59 5.17 -1.77 7.65
N ASP A 60 6.38 -2.17 8.03
CA ASP A 60 6.68 -2.51 9.41
C ASP A 60 7.56 -1.42 10.04
N LEU A 61 6.94 -0.60 10.89
CA LEU A 61 7.63 0.50 11.55
C LEU A 61 7.37 0.44 13.05
N THR A 62 8.40 0.12 13.82
CA THR A 62 8.23 -0.08 15.26
C THR A 62 8.83 1.06 16.09
N GLU A 63 9.93 1.64 15.63
CA GLU A 63 10.56 2.73 16.37
C GLU A 63 10.42 4.07 15.64
N ALA A 64 10.24 4.00 14.33
CA ALA A 64 10.06 5.20 13.51
C ALA A 64 8.85 5.99 13.99
N GLY A 65 9.10 7.20 14.48
CA GLY A 65 8.02 7.95 15.09
C GLY A 65 8.04 9.43 14.79
N GLU A 66 8.85 10.16 15.54
CA GLU A 66 8.87 11.63 15.52
C GLU A 66 8.88 12.22 14.13
N GLY A 67 8.20 13.35 13.98
CA GLY A 67 8.00 13.94 12.69
C GLY A 67 7.11 13.07 11.86
N SER A 68 7.58 12.71 10.70
CA SER A 68 6.96 11.68 9.90
C SER A 68 8.06 10.88 9.23
N HIS A 69 7.84 9.60 9.07
CA HIS A 69 8.88 8.74 8.54
C HIS A 69 8.56 8.28 7.14
N THR A 70 9.46 8.58 6.23
CA THR A 70 9.31 8.22 4.84
C THR A 70 10.22 7.05 4.46
N VAL A 71 9.62 5.94 4.08
CA VAL A 71 10.38 4.75 3.68
C VAL A 71 9.92 4.27 2.30
N ASP A 72 10.71 3.40 1.68
CA ASP A 72 10.29 2.78 0.43
C ASP A 72 9.44 1.56 0.75
N VAL A 73 8.38 1.36 -0.01
CA VAL A 73 7.38 0.36 0.32
C VAL A 73 7.52 -0.92 -0.50
N GLU A 74 7.51 -2.05 0.19
CA GLU A 74 7.47 -3.34 -0.44
C GLU A 74 6.02 -3.75 -0.68
N HIS A 75 5.77 -4.56 -1.70
CA HIS A 75 4.41 -4.96 -2.03
C HIS A 75 4.27 -6.48 -1.99
N ARG A 76 3.06 -6.94 -1.71
CA ARG A 76 2.77 -8.36 -1.69
C ARG A 76 1.58 -8.68 -2.60
N GLY A 77 1.43 -9.94 -2.95
CA GLY A 77 0.40 -10.34 -3.88
C GLY A 77 0.96 -10.54 -5.27
N PHE A 78 1.33 -9.44 -5.92
CA PHE A 78 1.93 -9.50 -7.24
C PHE A 78 3.45 -9.43 -7.14
N PRO A 79 4.16 -10.15 -8.03
CA PRO A 79 5.62 -10.14 -8.08
C PRO A 79 6.14 -9.03 -9.00
N GLY A 80 7.46 -8.93 -9.11
CA GLY A 80 8.05 -7.90 -9.94
C GLY A 80 8.33 -8.38 -11.35
N ASP A 81 7.52 -9.32 -11.82
CA ASP A 81 7.68 -9.87 -13.17
C ASP A 81 7.18 -8.88 -14.21
N LEU A 82 6.09 -8.20 -13.89
CA LEU A 82 5.50 -7.23 -14.77
C LEU A 82 6.02 -5.84 -14.42
N ALA A 83 5.66 -4.85 -15.23
CA ALA A 83 6.05 -3.48 -14.95
C ALA A 83 5.12 -2.89 -13.90
N VAL A 84 5.62 -2.73 -12.69
CA VAL A 84 4.81 -2.28 -11.57
C VAL A 84 4.88 -0.77 -11.43
N THR A 85 3.74 -0.12 -11.57
CA THR A 85 3.67 1.31 -11.46
C THR A 85 2.85 1.69 -10.24
N VAL A 86 3.37 2.59 -9.47
CA VAL A 86 2.74 3.02 -8.24
C VAL A 86 2.90 4.50 -8.13
N GLU A 87 2.19 5.15 -7.22
CA GLU A 87 2.79 6.35 -6.72
C GLU A 87 2.53 6.58 -5.26
N PRO A 88 3.42 5.96 -4.46
CA PRO A 88 4.35 6.60 -3.61
C PRO A 88 5.74 6.07 -3.98
N ARG A 89 6.66 6.93 -4.21
CA ARG A 89 7.97 6.43 -4.60
C ARG A 89 8.77 6.21 -3.34
N MET A 90 8.36 6.98 -2.35
CA MET A 90 8.64 6.73 -0.95
C MET A 90 7.39 7.16 -0.18
N ALA A 91 7.07 6.49 0.90
CA ALA A 91 5.77 6.71 1.54
C ALA A 91 5.93 7.27 2.95
N ARG A 92 4.94 8.04 3.36
CA ARG A 92 5.02 8.82 4.57
C ARG A 92 4.04 8.32 5.63
N VAL A 93 4.58 8.02 6.81
CA VAL A 93 3.77 7.56 7.93
C VAL A 93 4.25 8.23 9.23
N GLN A 94 3.32 8.78 10.00
CA GLN A 94 3.67 9.41 11.27
C GLN A 94 3.13 8.59 12.44
N LEU A 95 4.04 8.17 13.30
CA LEU A 95 3.67 7.45 14.51
C LEU A 95 4.08 8.28 15.72
N GLU A 96 3.14 8.55 16.60
CA GLU A 96 3.41 9.40 17.74
C GLU A 96 2.76 8.82 18.99
N GLU A 97 3.43 8.97 20.11
CA GLU A 97 2.99 8.38 21.38
C GLU A 97 1.61 8.87 21.79
N ARG A 98 0.69 7.91 21.96
CA ARG A 98 -0.67 8.16 22.44
C ARG A 98 -1.51 8.90 21.40
N GLN A 99 -2.79 8.56 21.37
CA GLN A 99 -3.77 9.22 20.52
C GLN A 99 -3.73 10.74 20.72
N THR A 100 -3.60 11.45 19.61
CA THR A 100 -3.46 12.90 19.64
C THR A 100 -4.83 13.59 19.52
N VAL A 101 -4.81 14.89 19.25
CA VAL A 101 -6.03 15.68 19.14
C VAL A 101 -6.91 15.17 17.98
N SER A 102 -8.18 14.96 18.27
CA SER A 102 -9.11 14.42 17.28
C SER A 102 -9.64 15.54 16.38
N VAL A 103 -8.87 15.88 15.36
CA VAL A 103 -9.29 16.89 14.40
C VAL A 103 -9.43 16.28 13.01
N PRO A 104 -10.68 16.11 12.54
CA PRO A 104 -10.96 15.54 11.23
C PRO A 104 -10.87 16.59 10.13
N VAL A 105 -9.73 16.65 9.47
CA VAL A 105 -9.53 17.58 8.37
C VAL A 105 -8.88 16.87 7.19
N THR A 106 -9.61 16.77 6.09
CA THR A 106 -9.11 16.09 4.91
C THR A 106 -8.62 17.12 3.88
N VAL A 107 -7.35 17.44 3.98
CA VAL A 107 -6.74 18.39 3.06
C VAL A 107 -6.11 17.67 1.87
N GLU A 108 -6.91 17.50 0.82
CA GLU A 108 -6.44 16.83 -0.38
C GLU A 108 -6.23 17.86 -1.49
N MET A 109 -5.01 18.34 -1.61
CA MET A 109 -4.65 19.32 -2.62
C MET A 109 -3.14 19.38 -2.81
N ILE A 110 -2.63 18.49 -3.65
CA ILE A 110 -1.21 18.44 -3.91
C ILE A 110 -0.91 18.75 -5.37
N ASN A 111 -0.39 19.95 -5.60
CA ASN A 111 -0.06 20.40 -6.95
C ASN A 111 1.34 20.99 -6.96
N LEU A 112 2.27 20.28 -7.59
CA LEU A 112 3.65 20.73 -7.66
C LEU A 112 3.93 21.33 -9.04
N GLU A 113 4.82 22.30 -9.09
CA GLU A 113 5.18 22.92 -10.36
C GLU A 113 6.63 22.58 -10.72
N HIS A 114 6.88 22.34 -12.00
CA HIS A 114 8.22 22.00 -12.45
C HIS A 114 8.32 22.14 -13.97
N HIS A 115 8.39 23.38 -14.42
CA HIS A 115 8.45 23.68 -15.85
C HIS A 115 9.78 24.35 -16.19
N HIS A 116 10.59 23.66 -16.97
CA HIS A 116 11.93 24.15 -17.31
C HIS A 116 12.42 23.59 -18.65
N HIS A 117 12.93 24.49 -19.47
CA HIS A 117 13.53 24.13 -20.76
C HIS A 117 14.08 25.38 -21.42
N HIS A 118 15.39 25.44 -21.58
CA HIS A 118 16.02 26.60 -22.20
C HIS A 118 17.20 26.17 -23.07
N HIS A 119 16.90 25.91 -24.33
CA HIS A 119 17.90 25.54 -25.32
C HIS A 119 17.29 25.60 -26.70
N MET A 1 1.01 -11.49 -37.72
CA MET A 1 2.20 -10.60 -37.82
C MET A 1 2.90 -10.53 -36.47
N PRO A 2 4.22 -10.25 -36.46
CA PRO A 2 4.97 -10.06 -35.21
C PRO A 2 4.38 -8.94 -34.37
N THR A 3 3.89 -9.27 -33.19
CA THR A 3 3.21 -8.29 -32.35
C THR A 3 3.75 -8.36 -30.92
N PHE A 4 3.69 -7.24 -30.22
CA PHE A 4 4.12 -7.17 -28.85
C PHE A 4 2.96 -7.49 -27.92
N ASP A 5 3.24 -8.26 -26.88
CA ASP A 5 2.23 -8.61 -25.89
C ASP A 5 2.41 -7.71 -24.68
N HIS A 6 2.05 -6.46 -24.84
CA HIS A 6 2.28 -5.46 -23.80
C HIS A 6 1.03 -4.65 -23.51
N GLY A 7 0.64 -4.60 -22.24
CA GLY A 7 -0.52 -3.84 -21.84
C GLY A 7 -0.43 -3.37 -20.41
N ASN A 8 -1.50 -2.75 -19.91
CA ASN A 8 -1.56 -2.27 -18.53
C ASN A 8 -2.81 -2.75 -17.84
N LEU A 9 -2.80 -2.66 -16.52
CA LEU A 9 -3.95 -3.08 -15.72
C LEU A 9 -3.97 -2.30 -14.41
N SER A 10 -5.07 -1.61 -14.16
CA SER A 10 -5.20 -0.82 -12.95
C SER A 10 -5.97 -1.60 -11.89
N LEU A 11 -5.28 -1.97 -10.81
CA LEU A 11 -5.91 -2.69 -9.70
C LEU A 11 -6.95 -1.81 -9.04
N GLY A 12 -6.65 -0.52 -8.96
CA GLY A 12 -7.57 0.43 -8.37
C GLY A 12 -6.98 1.13 -7.18
N GLU A 13 -7.85 1.59 -6.30
CA GLU A 13 -7.45 2.27 -5.09
C GLU A 13 -7.32 1.26 -3.94
N LEU A 14 -6.18 1.26 -3.28
CA LEU A 14 -5.93 0.32 -2.20
C LEU A 14 -5.54 1.05 -0.93
N GLU A 15 -6.12 0.63 0.18
CA GLU A 15 -5.77 1.18 1.49
C GLU A 15 -4.45 0.58 1.96
N LEU A 16 -3.54 1.44 2.40
CA LEU A 16 -2.23 1.00 2.85
C LEU A 16 -2.28 0.62 4.33
N THR A 17 -1.72 -0.53 4.65
CA THR A 17 -1.68 -1.00 6.02
C THR A 17 -0.26 -0.90 6.59
N VAL A 18 -0.14 -0.44 7.82
CA VAL A 18 1.16 -0.24 8.44
C VAL A 18 1.44 -1.32 9.48
N LEU A 19 2.56 -2.00 9.33
CA LEU A 19 2.97 -3.02 10.27
C LEU A 19 4.13 -2.52 11.10
N TYR A 20 3.93 -2.43 12.40
CA TYR A 20 4.96 -1.96 13.30
C TYR A 20 4.88 -2.69 14.63
N ASP A 21 6.02 -2.82 15.30
CA ASP A 21 6.08 -3.52 16.58
C ASP A 21 6.31 -2.50 17.69
N GLU A 22 5.77 -1.32 17.47
CA GLU A 22 5.97 -0.18 18.34
C GLU A 22 4.67 0.25 18.94
N GLU A 23 4.19 -0.61 19.80
CA GLU A 23 2.91 -0.43 20.50
C GLU A 23 2.93 0.79 21.43
N ARG A 24 4.06 1.48 21.47
CA ARG A 24 4.21 2.68 22.28
C ARG A 24 3.66 3.89 21.54
N TYR A 25 3.56 3.78 20.22
CA TYR A 25 3.19 4.90 19.39
C TYR A 25 1.95 4.59 18.55
N ASP A 26 1.17 5.63 18.26
CA ASP A 26 0.03 5.49 17.37
C ASP A 26 0.28 6.28 16.10
N ILE A 27 -0.48 5.97 15.06
CA ILE A 27 -0.29 6.58 13.75
C ILE A 27 -1.14 7.84 13.61
N VAL A 28 -0.48 8.99 13.64
CA VAL A 28 -1.17 10.26 13.50
C VAL A 28 -1.36 10.60 12.02
N GLU A 29 -0.31 10.40 11.24
CA GLU A 29 -0.35 10.72 9.82
C GLU A 29 0.24 9.58 9.02
N GLN A 30 -0.18 9.44 7.77
CA GLN A 30 0.25 8.33 6.93
C GLN A 30 -0.35 8.43 5.53
N THR A 31 0.17 7.64 4.61
CA THR A 31 -0.40 7.52 3.29
C THR A 31 -1.60 6.56 3.35
N GLU A 32 -2.80 7.11 3.18
CA GLU A 32 -4.02 6.35 3.41
C GLU A 32 -4.31 5.39 2.27
N THR A 33 -4.43 5.91 1.05
CA THR A 33 -4.74 5.08 -0.10
C THR A 33 -3.76 5.29 -1.23
N VAL A 34 -3.48 4.23 -1.95
CA VAL A 34 -2.54 4.26 -3.07
C VAL A 34 -3.20 3.67 -4.31
N GLN A 35 -2.70 4.04 -5.47
CA GLN A 35 -3.18 3.48 -6.72
C GLN A 35 -2.11 2.59 -7.33
N VAL A 36 -2.50 1.40 -7.75
CA VAL A 36 -1.56 0.42 -8.30
C VAL A 36 -1.95 0.02 -9.72
N ASP A 37 -0.96 0.01 -10.60
CA ASP A 37 -1.10 -0.43 -11.97
C ASP A 37 -0.06 -1.49 -12.27
N LEU A 38 -0.41 -2.47 -13.08
CA LEU A 38 0.52 -3.51 -13.46
C LEU A 38 0.79 -3.42 -14.95
N GLU A 39 2.06 -3.29 -15.30
CA GLU A 39 2.46 -3.12 -16.69
C GLU A 39 3.33 -4.26 -17.14
N GLY A 40 3.07 -4.77 -18.34
CA GLY A 40 3.85 -5.88 -18.85
C GLY A 40 3.06 -6.71 -19.84
N PRO A 41 3.41 -7.99 -19.99
CA PRO A 41 2.69 -8.90 -20.87
C PRO A 41 1.21 -9.00 -20.50
N ARG A 42 0.35 -8.59 -21.44
CA ARG A 42 -1.10 -8.60 -21.21
C ARG A 42 -1.61 -10.00 -20.96
N GLY A 43 -0.92 -11.00 -21.52
CA GLY A 43 -1.28 -12.38 -21.28
C GLY A 43 -1.28 -12.72 -19.79
N VAL A 44 -0.21 -12.34 -19.10
CA VAL A 44 -0.09 -12.57 -17.66
C VAL A 44 -1.17 -11.79 -16.92
N LEU A 45 -1.36 -10.54 -17.34
CA LEU A 45 -2.35 -9.66 -16.71
C LEU A 45 -3.75 -10.27 -16.79
N THR A 46 -4.06 -10.89 -17.91
CA THR A 46 -5.37 -11.50 -18.11
C THR A 46 -5.56 -12.69 -17.16
N VAL A 47 -4.50 -13.46 -16.95
CA VAL A 47 -4.55 -14.60 -16.03
C VAL A 47 -4.74 -14.11 -14.59
N PHE A 48 -4.07 -13.02 -14.26
CA PHE A 48 -4.17 -12.43 -12.93
C PHE A 48 -5.56 -11.82 -12.73
N ARG A 49 -6.17 -11.39 -13.84
CA ARG A 49 -7.48 -10.79 -13.81
C ARG A 49 -8.58 -11.79 -13.48
N PHE A 50 -8.25 -13.08 -13.56
CA PHE A 50 -9.19 -14.12 -13.18
C PHE A 50 -9.02 -14.51 -11.73
N ALA A 51 -7.86 -14.19 -11.17
CA ALA A 51 -7.58 -14.49 -9.78
C ALA A 51 -8.16 -13.42 -8.87
N ARG A 52 -8.77 -13.84 -7.78
CA ARG A 52 -9.35 -12.92 -6.84
C ARG A 52 -8.26 -12.25 -6.01
N PRO A 53 -8.52 -11.04 -5.50
CA PRO A 53 -7.51 -10.27 -4.80
C PRO A 53 -7.11 -10.89 -3.47
N SER A 54 -5.83 -11.18 -3.35
CA SER A 54 -5.24 -11.67 -2.14
C SER A 54 -3.95 -10.91 -1.87
N TYR A 55 -3.84 -9.76 -2.51
CA TYR A 55 -2.65 -8.92 -2.40
C TYR A 55 -2.92 -7.76 -1.44
N GLU A 56 -1.93 -7.45 -0.63
CA GLU A 56 -2.06 -6.36 0.34
C GLU A 56 -0.89 -5.39 0.21
N VAL A 57 -1.13 -4.15 0.62
CA VAL A 57 -0.09 -3.14 0.63
C VAL A 57 0.32 -2.84 2.07
N PHE A 58 1.60 -2.97 2.36
CA PHE A 58 2.10 -2.80 3.72
C PHE A 58 3.32 -1.91 3.77
N VAL A 59 3.55 -1.31 4.92
CA VAL A 59 4.83 -0.69 5.23
C VAL A 59 5.35 -1.28 6.51
N ASP A 60 6.62 -1.64 6.53
CA ASP A 60 7.22 -2.26 7.70
C ASP A 60 8.00 -1.23 8.48
N LEU A 61 7.56 -0.97 9.69
CA LEU A 61 8.19 0.03 10.53
C LEU A 61 8.56 -0.59 11.87
N THR A 62 9.05 -1.82 11.82
CA THR A 62 9.48 -2.51 13.02
C THR A 62 10.90 -2.09 13.39
N GLU A 63 11.63 -1.56 12.42
CA GLU A 63 12.99 -1.07 12.63
C GLU A 63 13.00 0.44 12.80
N ALA A 64 12.03 1.09 12.17
CA ALA A 64 11.93 2.55 12.19
C ALA A 64 11.66 3.08 13.60
N GLY A 65 12.08 4.32 13.85
CA GLY A 65 11.91 4.91 15.16
C GLY A 65 10.68 5.78 15.26
N GLU A 66 10.84 6.91 15.93
CA GLU A 66 9.73 7.79 16.25
C GLU A 66 9.48 8.80 15.14
N GLY A 67 8.50 9.69 15.36
CA GLY A 67 8.23 10.76 14.45
C GLY A 67 7.69 10.27 13.13
N SER A 68 7.56 11.19 12.20
CA SER A 68 7.21 10.82 10.85
C SER A 68 8.46 10.46 10.08
N HIS A 69 8.38 9.35 9.41
CA HIS A 69 9.50 8.80 8.67
C HIS A 69 9.08 8.38 7.28
N THR A 70 9.78 8.89 6.29
CA THR A 70 9.45 8.62 4.90
C THR A 70 10.32 7.51 4.33
N VAL A 71 9.69 6.41 3.95
CA VAL A 71 10.40 5.25 3.39
C VAL A 71 9.65 4.73 2.17
N ASP A 72 10.27 3.86 1.39
CA ASP A 72 9.62 3.31 0.20
C ASP A 72 8.73 2.13 0.59
N VAL A 73 7.68 1.92 -0.19
CA VAL A 73 6.66 0.94 0.14
C VAL A 73 6.92 -0.44 -0.48
N GLU A 74 6.89 -1.47 0.37
CA GLU A 74 6.98 -2.85 -0.08
C GLU A 74 5.59 -3.43 -0.31
N HIS A 75 5.49 -4.40 -1.19
CA HIS A 75 4.18 -4.93 -1.56
C HIS A 75 4.28 -6.40 -1.97
N ARG A 76 3.20 -7.15 -1.74
CA ARG A 76 3.17 -8.58 -2.08
C ARG A 76 1.76 -9.01 -2.47
N GLY A 77 1.69 -10.06 -3.27
CA GLY A 77 0.43 -10.56 -3.74
C GLY A 77 0.47 -10.80 -5.24
N PHE A 78 0.73 -9.73 -5.97
CA PHE A 78 0.94 -9.82 -7.41
C PHE A 78 2.42 -10.09 -7.70
N PRO A 79 2.72 -10.73 -8.84
CA PRO A 79 4.10 -11.09 -9.21
C PRO A 79 5.01 -9.88 -9.39
N GLY A 80 6.22 -9.98 -8.85
CA GLY A 80 7.18 -8.89 -8.95
C GLY A 80 7.84 -8.82 -10.32
N ASP A 81 7.54 -9.80 -11.16
CA ASP A 81 8.06 -9.83 -12.54
C ASP A 81 7.60 -8.60 -13.29
N LEU A 82 6.29 -8.40 -13.29
CA LEU A 82 5.66 -7.30 -14.01
C LEU A 82 6.13 -5.96 -13.46
N ALA A 83 5.91 -4.91 -14.23
CA ALA A 83 6.22 -3.57 -13.79
C ALA A 83 5.11 -3.09 -12.88
N VAL A 84 5.42 -2.93 -11.60
CA VAL A 84 4.43 -2.54 -10.63
C VAL A 84 4.44 -1.03 -10.48
N THR A 85 3.36 -0.41 -10.90
CA THR A 85 3.24 1.02 -10.84
C THR A 85 2.39 1.41 -9.65
N VAL A 86 2.94 2.20 -8.80
CA VAL A 86 2.27 2.67 -7.61
C VAL A 86 2.52 4.13 -7.50
N GLU A 87 1.65 4.90 -6.87
CA GLU A 87 2.19 6.12 -6.35
C GLU A 87 1.82 6.38 -4.90
N PRO A 88 2.65 5.83 -4.04
CA PRO A 88 3.56 6.53 -3.20
C PRO A 88 4.96 6.01 -3.54
N ARG A 89 5.88 6.87 -3.82
CA ARG A 89 7.18 6.37 -4.21
C ARG A 89 8.03 6.25 -2.97
N MET A 90 7.86 7.25 -2.13
CA MET A 90 8.26 7.19 -0.75
C MET A 90 7.07 7.65 0.07
N ALA A 91 6.76 6.93 1.12
CA ALA A 91 5.54 7.20 1.88
C ALA A 91 5.87 7.57 3.31
N ARG A 92 5.03 8.41 3.88
CA ARG A 92 5.24 8.89 5.22
C ARG A 92 4.28 8.22 6.19
N VAL A 93 4.83 7.69 7.26
CA VAL A 93 4.01 7.20 8.35
C VAL A 93 4.52 7.80 9.65
N GLN A 94 3.67 8.52 10.35
CA GLN A 94 4.08 9.20 11.56
C GLN A 94 3.69 8.41 12.78
N LEU A 95 4.69 8.01 13.55
CA LEU A 95 4.45 7.38 14.83
C LEU A 95 4.73 8.41 15.92
N GLU A 96 3.77 8.65 16.77
CA GLU A 96 3.86 9.73 17.70
C GLU A 96 3.88 9.23 19.13
N GLU A 97 4.77 9.79 19.94
CA GLU A 97 4.78 9.52 21.35
C GLU A 97 3.69 10.33 22.03
N ARG A 98 2.45 9.89 21.81
CA ARG A 98 1.29 10.61 22.28
C ARG A 98 0.85 10.06 23.63
N GLN A 99 -0.16 10.69 24.20
CA GLN A 99 -0.62 10.33 25.53
C GLN A 99 -1.46 9.05 25.50
N THR A 100 -1.61 8.48 24.31
CA THR A 100 -2.32 7.23 24.14
C THR A 100 -1.35 6.10 23.79
N VAL A 101 -0.94 5.34 24.81
CA VAL A 101 0.03 4.26 24.62
C VAL A 101 -0.64 2.90 24.78
N SER A 102 -1.97 2.89 24.74
CA SER A 102 -2.73 1.67 24.91
C SER A 102 -3.10 1.06 23.57
N VAL A 103 -2.18 1.15 22.61
CA VAL A 103 -2.41 0.60 21.27
C VAL A 103 -1.86 -0.82 21.17
N PRO A 104 -2.74 -1.83 21.13
CA PRO A 104 -2.34 -3.23 21.01
C PRO A 104 -2.30 -3.71 19.56
N VAL A 105 -1.23 -4.40 19.20
CA VAL A 105 -1.11 -4.97 17.86
C VAL A 105 -1.84 -6.30 17.78
N THR A 106 -2.12 -6.90 18.93
CA THR A 106 -2.86 -8.15 18.98
C THR A 106 -4.37 -7.88 18.87
N VAL A 107 -4.77 -7.31 17.74
CA VAL A 107 -6.15 -6.94 17.50
C VAL A 107 -7.02 -8.17 17.28
N GLU A 108 -6.52 -9.12 16.51
CA GLU A 108 -7.27 -10.32 16.19
C GLU A 108 -6.31 -11.47 15.94
N MET A 109 -6.55 -12.59 16.61
CA MET A 109 -5.72 -13.77 16.42
C MET A 109 -6.07 -14.48 15.12
N ILE A 110 -5.67 -13.86 14.03
CA ILE A 110 -5.80 -14.45 12.70
C ILE A 110 -4.40 -14.70 12.15
N ASN A 111 -3.42 -14.36 12.97
CA ASN A 111 -2.02 -14.49 12.60
C ASN A 111 -1.57 -15.95 12.68
N LEU A 112 -1.01 -16.43 11.59
CA LEU A 112 -0.44 -17.76 11.55
C LEU A 112 1.04 -17.69 11.87
N GLU A 113 1.73 -18.82 11.78
CA GLU A 113 3.16 -18.85 12.03
C GLU A 113 3.92 -18.34 10.82
N HIS A 114 4.33 -17.08 10.88
CA HIS A 114 5.10 -16.44 9.83
C HIS A 114 6.26 -15.68 10.43
N HIS A 115 7.45 -16.23 10.32
CA HIS A 115 8.63 -15.62 10.91
C HIS A 115 9.04 -14.36 10.15
N HIS A 116 8.81 -13.22 10.78
CA HIS A 116 9.27 -11.96 10.25
C HIS A 116 10.80 -11.91 10.32
N HIS A 117 11.44 -12.20 9.20
CA HIS A 117 12.90 -12.25 9.16
C HIS A 117 13.51 -10.87 9.39
N HIS A 118 14.58 -10.87 10.18
CA HIS A 118 15.32 -9.66 10.54
C HIS A 118 14.52 -8.73 11.45
N HIS A 119 14.34 -9.17 12.69
CA HIS A 119 13.79 -8.35 13.78
C HIS A 119 13.60 -9.23 15.01
N MET A 1 -0.68 -14.17 -33.65
CA MET A 1 0.04 -13.28 -34.59
C MET A 1 1.46 -13.01 -34.08
N PRO A 2 2.41 -12.71 -34.99
CA PRO A 2 3.80 -12.43 -34.62
C PRO A 2 3.97 -11.06 -33.98
N THR A 3 2.93 -10.26 -34.01
CA THR A 3 2.95 -8.93 -33.44
C THR A 3 2.73 -8.99 -31.93
N PHE A 4 3.44 -8.16 -31.20
CA PHE A 4 3.36 -8.14 -29.76
C PHE A 4 2.49 -7.00 -29.25
N ASP A 5 1.74 -7.29 -28.20
CA ASP A 5 0.77 -6.35 -27.66
C ASP A 5 0.76 -6.43 -26.14
N HIS A 6 1.56 -5.56 -25.53
CA HIS A 6 1.57 -5.46 -24.07
C HIS A 6 0.33 -4.71 -23.60
N GLY A 7 -0.21 -5.13 -22.48
CA GLY A 7 -1.43 -4.52 -22.00
C GLY A 7 -1.23 -3.72 -20.74
N ASN A 8 -2.28 -3.04 -20.33
CA ASN A 8 -2.26 -2.25 -19.10
C ASN A 8 -3.39 -2.72 -18.20
N LEU A 9 -3.13 -2.74 -16.91
CA LEU A 9 -4.13 -3.17 -15.94
C LEU A 9 -3.84 -2.53 -14.59
N SER A 10 -4.82 -1.81 -14.07
CA SER A 10 -4.62 -1.10 -12.82
C SER A 10 -5.36 -1.79 -11.68
N LEU A 11 -4.65 -1.96 -10.57
CA LEU A 11 -5.25 -2.52 -9.36
C LEU A 11 -6.11 -1.46 -8.69
N GLY A 12 -5.84 -0.20 -9.02
CA GLY A 12 -6.65 0.88 -8.52
C GLY A 12 -6.10 1.49 -7.26
N GLU A 13 -6.86 2.42 -6.68
CA GLU A 13 -6.51 3.03 -5.42
C GLU A 13 -6.71 2.04 -4.27
N LEU A 14 -5.60 1.52 -3.78
CA LEU A 14 -5.62 0.54 -2.69
C LEU A 14 -5.29 1.21 -1.36
N GLU A 15 -5.50 0.49 -0.28
CA GLU A 15 -5.25 1.01 1.06
C GLU A 15 -3.79 0.79 1.44
N LEU A 16 -3.16 1.80 2.01
CA LEU A 16 -1.80 1.66 2.51
C LEU A 16 -1.84 1.15 3.95
N THR A 17 -1.37 -0.07 4.15
CA THR A 17 -1.38 -0.69 5.46
C THR A 17 -0.08 -0.41 6.19
N VAL A 18 -0.16 -0.08 7.46
CA VAL A 18 1.02 0.18 8.26
C VAL A 18 1.21 -0.92 9.29
N LEU A 19 2.35 -1.59 9.22
CA LEU A 19 2.66 -2.63 10.18
C LEU A 19 3.45 -2.01 11.33
N TYR A 20 2.90 -2.06 12.52
CA TYR A 20 3.54 -1.45 13.68
C TYR A 20 3.14 -2.19 14.95
N ASP A 21 3.66 -1.75 16.08
CA ASP A 21 3.36 -2.38 17.35
C ASP A 21 2.36 -1.55 18.13
N GLU A 22 1.25 -2.19 18.51
CA GLU A 22 0.19 -1.55 19.25
C GLU A 22 0.67 -0.91 20.55
N GLU A 23 1.63 -1.56 21.19
CA GLU A 23 2.11 -1.14 22.49
C GLU A 23 3.19 -0.08 22.34
N ARG A 24 3.41 0.38 21.12
CA ARG A 24 4.39 1.43 20.87
C ARG A 24 3.68 2.76 20.61
N TYR A 25 3.12 2.91 19.42
CA TYR A 25 2.48 4.16 19.03
C TYR A 25 1.32 3.85 18.07
N ASP A 26 0.65 4.89 17.59
CA ASP A 26 -0.43 4.70 16.62
C ASP A 26 -0.30 5.72 15.49
N ILE A 27 -0.95 5.43 14.37
CA ILE A 27 -0.81 6.23 13.16
C ILE A 27 -1.58 7.54 13.26
N VAL A 28 -0.85 8.64 13.28
CA VAL A 28 -1.44 9.97 13.34
C VAL A 28 -1.70 10.50 11.94
N GLU A 29 -0.69 10.44 11.08
CA GLU A 29 -0.83 10.83 9.69
C GLU A 29 -0.02 9.89 8.82
N GLN A 30 -0.44 9.76 7.57
CA GLN A 30 0.14 8.78 6.66
C GLN A 30 -0.39 9.00 5.25
N THR A 31 0.02 8.14 4.33
CA THR A 31 -0.55 8.15 3.00
C THR A 31 -1.80 7.26 2.98
N GLU A 32 -2.96 7.89 2.84
CA GLU A 32 -4.24 7.20 2.93
C GLU A 32 -4.38 6.13 1.86
N THR A 33 -4.26 6.53 0.61
CA THR A 33 -4.48 5.61 -0.50
C THR A 33 -3.33 5.65 -1.49
N VAL A 34 -3.13 4.54 -2.18
CA VAL A 34 -2.10 4.44 -3.20
C VAL A 34 -2.71 4.01 -4.52
N GLN A 35 -2.17 4.47 -5.62
CA GLN A 35 -2.61 4.03 -6.93
C GLN A 35 -1.62 3.03 -7.50
N VAL A 36 -2.11 1.85 -7.84
CA VAL A 36 -1.28 0.79 -8.38
C VAL A 36 -1.72 0.43 -9.81
N ASP A 37 -0.76 0.42 -10.72
CA ASP A 37 -1.03 0.07 -12.11
C ASP A 37 0.03 -0.88 -12.64
N LEU A 38 -0.36 -1.80 -13.50
CA LEU A 38 0.55 -2.84 -13.98
C LEU A 38 0.60 -2.87 -15.50
N GLU A 39 1.78 -3.14 -16.04
CA GLU A 39 1.96 -3.34 -17.47
C GLU A 39 2.65 -4.67 -17.73
N GLY A 40 2.19 -5.37 -18.75
CA GLY A 40 2.76 -6.66 -19.06
C GLY A 40 2.07 -7.35 -20.22
N PRO A 41 2.46 -8.59 -20.54
CA PRO A 41 1.85 -9.35 -21.64
C PRO A 41 0.40 -9.72 -21.35
N ARG A 42 -0.38 -9.92 -22.42
CA ARG A 42 -1.80 -10.24 -22.30
C ARG A 42 -2.01 -11.53 -21.51
N GLY A 43 -1.15 -12.51 -21.73
CA GLY A 43 -1.27 -13.79 -21.05
C GLY A 43 -1.27 -13.66 -19.53
N VAL A 44 -0.30 -12.93 -19.00
CA VAL A 44 -0.17 -12.79 -17.55
C VAL A 44 -1.34 -11.99 -16.97
N LEU A 45 -1.66 -10.86 -17.61
CA LEU A 45 -2.70 -9.96 -17.11
C LEU A 45 -4.07 -10.64 -17.08
N THR A 46 -4.40 -11.36 -18.14
CA THR A 46 -5.69 -12.02 -18.25
C THR A 46 -5.85 -13.11 -17.19
N VAL A 47 -4.80 -13.91 -17.00
CA VAL A 47 -4.81 -14.96 -15.98
C VAL A 47 -4.91 -14.35 -14.58
N PHE A 48 -4.17 -13.26 -14.37
CA PHE A 48 -4.20 -12.56 -13.10
C PHE A 48 -5.59 -11.99 -12.83
N ARG A 49 -6.32 -11.67 -13.91
CA ARG A 49 -7.65 -11.13 -13.80
C ARG A 49 -8.68 -12.18 -13.39
N PHE A 50 -8.30 -13.46 -13.50
CA PHE A 50 -9.17 -14.54 -13.06
C PHE A 50 -9.16 -14.65 -11.55
N ALA A 51 -8.11 -14.15 -10.94
CA ALA A 51 -7.94 -14.21 -9.49
C ALA A 51 -8.47 -12.94 -8.84
N ARG A 52 -9.08 -13.11 -7.68
CA ARG A 52 -9.54 -12.00 -6.89
C ARG A 52 -8.40 -11.47 -6.02
N PRO A 53 -8.53 -10.23 -5.50
CA PRO A 53 -7.44 -9.60 -4.74
C PRO A 53 -7.14 -10.32 -3.43
N SER A 54 -5.90 -10.73 -3.30
CA SER A 54 -5.38 -11.28 -2.08
C SER A 54 -4.10 -10.55 -1.69
N TYR A 55 -3.80 -9.54 -2.48
CA TYR A 55 -2.57 -8.78 -2.34
C TYR A 55 -2.74 -7.64 -1.34
N GLU A 56 -1.63 -7.19 -0.80
CA GLU A 56 -1.62 -6.14 0.21
C GLU A 56 -0.41 -5.23 0.03
N VAL A 57 -0.62 -3.95 0.29
CA VAL A 57 0.46 -2.97 0.25
C VAL A 57 0.67 -2.40 1.66
N PHE A 58 1.88 -2.50 2.17
CA PHE A 58 2.12 -2.16 3.57
C PHE A 58 3.53 -1.64 3.79
N VAL A 59 3.73 -0.97 4.92
CA VAL A 59 5.05 -0.51 5.34
C VAL A 59 5.36 -1.03 6.73
N ASP A 60 6.60 -1.45 6.94
CA ASP A 60 7.00 -2.03 8.22
C ASP A 60 7.62 -0.98 9.12
N LEU A 61 6.93 -0.61 10.18
CA LEU A 61 7.39 0.44 11.08
C LEU A 61 7.32 0.00 12.54
N THR A 62 8.22 -0.88 12.93
CA THR A 62 8.35 -1.28 14.32
C THR A 62 9.56 -0.60 14.94
N GLU A 63 10.56 -0.33 14.11
CA GLU A 63 11.73 0.43 14.51
C GLU A 63 11.38 1.90 14.64
N ALA A 64 10.61 2.38 13.69
CA ALA A 64 10.23 3.79 13.66
C ALA A 64 9.15 4.08 14.69
N GLY A 65 9.34 5.15 15.45
CA GLY A 65 8.36 5.55 16.43
C GLY A 65 7.95 7.00 16.27
N GLU A 66 8.40 7.83 17.20
CA GLU A 66 8.05 9.24 17.21
C GLU A 66 8.72 9.98 16.05
N GLY A 67 8.05 10.99 15.55
CA GLY A 67 8.50 11.68 14.37
C GLY A 67 8.11 10.93 13.12
N SER A 68 7.56 11.63 12.15
CA SER A 68 7.08 10.98 10.95
C SER A 68 8.26 10.44 10.16
N HIS A 69 8.13 9.21 9.71
CA HIS A 69 9.24 8.50 9.08
C HIS A 69 8.91 8.10 7.67
N THR A 70 9.79 8.46 6.75
CA THR A 70 9.62 8.14 5.36
C THR A 70 10.44 6.90 5.00
N VAL A 71 9.76 5.82 4.62
CA VAL A 71 10.41 4.56 4.27
C VAL A 71 9.91 4.07 2.91
N ASP A 72 10.57 3.07 2.35
CA ASP A 72 10.13 2.53 1.06
C ASP A 72 8.97 1.56 1.27
N VAL A 73 8.13 1.46 0.25
CA VAL A 73 6.86 0.74 0.39
C VAL A 73 7.01 -0.75 0.05
N GLU A 74 6.49 -1.59 0.93
CA GLU A 74 6.52 -3.03 0.73
C GLU A 74 5.18 -3.49 0.17
N HIS A 75 5.20 -4.59 -0.59
CA HIS A 75 3.98 -5.09 -1.22
C HIS A 75 4.09 -6.59 -1.44
N ARG A 76 2.95 -7.27 -1.41
CA ARG A 76 2.92 -8.71 -1.59
C ARG A 76 1.58 -9.13 -2.13
N GLY A 77 1.51 -10.35 -2.66
CA GLY A 77 0.29 -10.84 -3.26
C GLY A 77 0.37 -10.87 -4.76
N PHE A 78 0.55 -9.70 -5.37
CA PHE A 78 0.73 -9.63 -6.81
C PHE A 78 2.22 -9.74 -7.16
N PRO A 79 2.53 -10.40 -8.29
CA PRO A 79 3.91 -10.61 -8.71
C PRO A 79 4.52 -9.36 -9.32
N GLY A 80 5.73 -9.02 -8.89
CA GLY A 80 6.42 -7.87 -9.43
C GLY A 80 7.24 -8.23 -10.65
N ASP A 81 6.80 -9.26 -11.36
CA ASP A 81 7.47 -9.71 -12.58
C ASP A 81 7.15 -8.77 -13.74
N LEU A 82 5.99 -8.15 -13.65
CA LEU A 82 5.53 -7.22 -14.66
C LEU A 82 6.04 -5.82 -14.34
N ALA A 83 5.65 -4.85 -15.15
CA ALA A 83 5.98 -3.47 -14.87
C ALA A 83 5.00 -2.93 -13.84
N VAL A 84 5.46 -2.85 -12.61
CA VAL A 84 4.61 -2.46 -11.49
C VAL A 84 4.75 -0.96 -11.21
N THR A 85 3.64 -0.28 -11.15
CA THR A 85 3.64 1.12 -10.77
C THR A 85 2.78 1.33 -9.55
N VAL A 86 3.39 1.91 -8.56
CA VAL A 86 2.74 2.31 -7.33
C VAL A 86 3.03 3.76 -7.15
N GLU A 87 2.22 4.52 -6.41
CA GLU A 87 2.85 5.70 -5.89
C GLU A 87 2.37 6.14 -4.53
N PRO A 88 3.14 5.69 -3.55
CA PRO A 88 4.06 6.48 -2.81
C PRO A 88 5.43 5.92 -3.16
N ARG A 89 6.34 6.74 -3.59
CA ARG A 89 7.60 6.17 -4.06
C ARG A 89 8.50 6.00 -2.86
N MET A 90 8.22 6.84 -1.88
CA MET A 90 8.69 6.66 -0.53
C MET A 90 7.55 7.14 0.36
N ALA A 91 7.24 6.40 1.41
CA ALA A 91 6.02 6.64 2.16
C ALA A 91 6.31 7.04 3.58
N ARG A 92 5.69 8.12 4.01
CA ARG A 92 5.92 8.67 5.33
C ARG A 92 4.73 8.42 6.23
N VAL A 93 5.01 7.93 7.43
CA VAL A 93 3.97 7.66 8.41
C VAL A 93 4.38 8.22 9.77
N GLN A 94 3.45 8.90 10.43
CA GLN A 94 3.70 9.50 11.73
C GLN A 94 3.10 8.64 12.84
N LEU A 95 3.96 8.22 13.76
CA LEU A 95 3.53 7.49 14.94
C LEU A 95 3.76 8.38 16.17
N GLU A 96 2.71 8.62 16.92
CA GLU A 96 2.78 9.54 18.04
C GLU A 96 2.23 8.91 19.31
N GLU A 97 2.81 9.28 20.44
CA GLU A 97 2.40 8.77 21.74
C GLU A 97 0.94 9.11 22.00
N ARG A 98 0.11 8.06 21.99
CA ARG A 98 -1.33 8.17 22.23
C ARG A 98 -2.04 8.90 21.07
N GLN A 99 -3.36 8.76 21.02
CA GLN A 99 -4.18 9.35 19.98
C GLN A 99 -3.97 10.86 19.87
N THR A 100 -3.75 11.31 18.65
CA THR A 100 -3.57 12.72 18.36
C THR A 100 -4.57 13.16 17.30
N VAL A 101 -5.11 14.36 17.44
CA VAL A 101 -6.14 14.84 16.54
C VAL A 101 -5.56 15.18 15.17
N SER A 102 -5.56 14.19 14.29
CA SER A 102 -5.18 14.36 12.90
C SER A 102 -5.92 13.35 12.04
N VAL A 103 -7.03 12.86 12.58
CA VAL A 103 -7.84 11.84 11.90
C VAL A 103 -8.64 12.48 10.77
N PRO A 104 -8.35 12.08 9.52
CA PRO A 104 -9.02 12.62 8.35
C PRO A 104 -10.35 11.93 8.08
N VAL A 105 -11.33 12.69 7.61
CA VAL A 105 -12.59 12.12 7.21
C VAL A 105 -12.44 11.48 5.82
N THR A 106 -12.66 10.17 5.76
CA THR A 106 -12.44 9.43 4.53
C THR A 106 -13.41 9.87 3.42
N VAL A 107 -12.85 10.52 2.42
CA VAL A 107 -13.61 10.96 1.26
C VAL A 107 -12.78 10.76 0.00
N GLU A 108 -13.45 10.62 -1.14
CA GLU A 108 -12.77 10.46 -2.41
C GLU A 108 -12.37 11.81 -2.97
N MET A 109 -11.24 11.86 -3.67
CA MET A 109 -10.72 13.10 -4.18
C MET A 109 -11.46 13.51 -5.45
N ILE A 110 -12.52 14.28 -5.27
CA ILE A 110 -13.28 14.82 -6.37
C ILE A 110 -13.79 16.21 -6.01
N ASN A 111 -13.27 17.22 -6.69
CA ASN A 111 -13.66 18.60 -6.45
C ASN A 111 -12.90 19.52 -7.40
N LEU A 112 -13.59 20.47 -7.98
CA LEU A 112 -12.95 21.47 -8.83
C LEU A 112 -12.54 22.67 -7.97
N GLU A 113 -12.87 22.57 -6.69
CA GLU A 113 -12.56 23.59 -5.68
C GLU A 113 -13.44 24.82 -5.84
N HIS A 114 -14.42 24.92 -4.96
CA HIS A 114 -15.32 26.06 -4.94
C HIS A 114 -15.66 26.42 -3.49
N HIS A 115 -15.44 27.67 -3.11
CA HIS A 115 -15.66 28.08 -1.75
C HIS A 115 -16.88 29.00 -1.67
N HIS A 116 -18.03 28.40 -1.41
CA HIS A 116 -19.28 29.12 -1.32
C HIS A 116 -19.67 29.26 0.16
N HIS A 117 -20.02 30.46 0.57
CA HIS A 117 -20.40 30.69 1.95
C HIS A 117 -21.64 31.56 2.05
N HIS A 118 -22.73 30.99 2.52
CA HIS A 118 -23.96 31.73 2.74
C HIS A 118 -24.32 31.67 4.22
N HIS A 119 -24.76 32.80 4.76
CA HIS A 119 -25.20 32.87 6.15
C HIS A 119 -26.43 32.00 6.36
N MET A 1 -2.66 3.15 -30.63
CA MET A 1 -2.08 2.07 -31.47
C MET A 1 -3.16 1.14 -31.96
N PRO A 2 -3.06 0.67 -33.21
CA PRO A 2 -4.00 -0.31 -33.78
C PRO A 2 -4.05 -1.59 -32.94
N THR A 3 -2.88 -2.18 -32.72
CA THR A 3 -2.78 -3.35 -31.87
C THR A 3 -2.33 -2.95 -30.47
N PHE A 4 -1.92 -3.91 -29.67
CA PHE A 4 -1.47 -3.62 -28.33
C PHE A 4 0.05 -3.57 -28.24
N ASP A 5 0.55 -2.49 -27.68
CA ASP A 5 1.96 -2.35 -27.38
C ASP A 5 2.13 -2.63 -25.91
N HIS A 6 2.04 -3.91 -25.58
CA HIS A 6 1.92 -4.38 -24.19
C HIS A 6 0.53 -4.03 -23.67
N GLY A 7 0.23 -4.41 -22.45
CA GLY A 7 -1.05 -4.09 -21.87
C GLY A 7 -0.89 -3.36 -20.55
N ASN A 8 -1.94 -2.68 -20.13
CA ASN A 8 -1.94 -2.02 -18.84
C ASN A 8 -3.09 -2.55 -17.99
N LEU A 9 -2.82 -2.71 -16.72
CA LEU A 9 -3.82 -3.14 -15.77
C LEU A 9 -3.55 -2.48 -14.44
N SER A 10 -4.54 -1.78 -13.92
CA SER A 10 -4.39 -1.07 -12.67
C SER A 10 -5.15 -1.79 -11.55
N LEU A 11 -4.54 -1.85 -10.38
CA LEU A 11 -5.17 -2.49 -9.24
C LEU A 11 -6.09 -1.51 -8.53
N GLY A 12 -6.02 -0.25 -8.95
CA GLY A 12 -6.84 0.78 -8.36
C GLY A 12 -6.23 1.35 -7.10
N GLU A 13 -6.99 2.15 -6.38
CA GLU A 13 -6.55 2.69 -5.12
C GLU A 13 -6.64 1.61 -4.04
N LEU A 14 -5.48 1.12 -3.61
CA LEU A 14 -5.44 0.06 -2.62
C LEU A 14 -5.25 0.64 -1.22
N GLU A 15 -5.81 -0.04 -0.24
CA GLU A 15 -5.72 0.40 1.15
C GLU A 15 -4.30 0.17 1.67
N LEU A 16 -3.71 1.20 2.26
CA LEU A 16 -2.38 1.11 2.82
C LEU A 16 -2.46 0.53 4.24
N THR A 17 -1.84 -0.64 4.41
CA THR A 17 -1.81 -1.31 5.70
C THR A 17 -0.57 -0.90 6.48
N VAL A 18 -0.74 -0.56 7.75
CA VAL A 18 0.38 -0.14 8.57
C VAL A 18 0.71 -1.18 9.64
N LEU A 19 1.97 -1.59 9.68
CA LEU A 19 2.45 -2.47 10.74
C LEU A 19 3.08 -1.62 11.83
N TYR A 20 2.52 -1.69 13.03
CA TYR A 20 2.94 -0.86 14.14
C TYR A 20 2.55 -1.51 15.46
N ASP A 21 2.94 -0.89 16.55
CA ASP A 21 2.57 -1.37 17.87
C ASP A 21 1.58 -0.41 18.52
N GLU A 22 0.32 -0.84 18.61
CA GLU A 22 -0.75 0.02 19.12
C GLU A 22 -0.70 0.14 20.65
N GLU A 23 0.17 -0.63 21.28
CA GLU A 23 0.35 -0.55 22.71
C GLU A 23 1.12 0.72 23.06
N ARG A 24 2.07 1.07 22.20
CA ARG A 24 2.91 2.23 22.42
C ARG A 24 2.55 3.40 21.51
N TYR A 25 2.37 3.14 20.22
CA TYR A 25 2.23 4.22 19.25
C TYR A 25 0.87 4.23 18.58
N ASP A 26 0.46 5.43 18.16
CA ASP A 26 -0.82 5.64 17.51
C ASP A 26 -0.60 6.33 16.16
N ILE A 27 -1.52 6.10 15.23
CA ILE A 27 -1.35 6.61 13.87
C ILE A 27 -1.92 8.02 13.74
N VAL A 28 -1.03 8.99 13.55
CA VAL A 28 -1.46 10.37 13.39
C VAL A 28 -1.88 10.60 11.94
N GLU A 29 -1.01 10.21 11.01
CA GLU A 29 -1.33 10.30 9.59
C GLU A 29 -0.62 9.18 8.83
N GLN A 30 -1.16 8.83 7.68
CA GLN A 30 -0.58 7.79 6.85
C GLN A 30 -1.04 7.98 5.41
N THR A 31 -0.57 7.12 4.53
CA THR A 31 -1.07 7.08 3.17
C THR A 31 -2.45 6.46 3.16
N GLU A 32 -3.42 7.15 2.56
CA GLU A 32 -4.78 6.66 2.51
C GLU A 32 -4.93 5.54 1.47
N THR A 33 -4.59 5.84 0.22
CA THR A 33 -4.68 4.85 -0.84
C THR A 33 -3.44 4.91 -1.70
N VAL A 34 -3.12 3.82 -2.39
CA VAL A 34 -1.99 3.81 -3.30
C VAL A 34 -2.42 3.41 -4.69
N GLN A 35 -1.71 3.96 -5.67
CA GLN A 35 -1.96 3.68 -7.07
C GLN A 35 -0.99 2.60 -7.55
N VAL A 36 -1.53 1.45 -7.91
CA VAL A 36 -0.71 0.37 -8.41
C VAL A 36 -1.05 0.07 -9.86
N ASP A 37 -0.06 0.23 -10.74
CA ASP A 37 -0.23 -0.05 -12.15
C ASP A 37 0.67 -1.22 -12.53
N LEU A 38 0.12 -2.19 -13.22
CA LEU A 38 0.87 -3.33 -13.69
C LEU A 38 0.91 -3.34 -15.20
N GLU A 39 2.10 -3.36 -15.77
CA GLU A 39 2.26 -3.34 -17.20
C GLU A 39 2.98 -4.58 -17.69
N GLY A 40 2.86 -4.84 -18.97
CA GLY A 40 3.49 -6.01 -19.55
C GLY A 40 2.54 -6.79 -20.42
N PRO A 41 2.74 -8.11 -20.58
CA PRO A 41 1.87 -8.96 -21.39
C PRO A 41 0.41 -8.92 -20.92
N ARG A 42 -0.48 -8.53 -21.82
CA ARG A 42 -1.90 -8.41 -21.50
C ARG A 42 -2.49 -9.75 -21.07
N GLY A 43 -1.92 -10.84 -21.59
CA GLY A 43 -2.38 -12.16 -21.21
C GLY A 43 -2.20 -12.43 -19.73
N VAL A 44 -1.02 -12.13 -19.21
CA VAL A 44 -0.73 -12.34 -17.79
C VAL A 44 -1.64 -11.47 -16.92
N LEU A 45 -1.86 -10.24 -17.36
CA LEU A 45 -2.73 -9.30 -16.66
C LEU A 45 -4.14 -9.87 -16.53
N THR A 46 -4.60 -10.51 -17.59
CA THR A 46 -5.94 -11.10 -17.62
C THR A 46 -6.01 -12.31 -16.68
N VAL A 47 -5.02 -13.19 -16.77
CA VAL A 47 -4.97 -14.39 -15.93
C VAL A 47 -4.89 -14.00 -14.45
N PHE A 48 -4.14 -12.95 -14.17
CA PHE A 48 -4.00 -12.44 -12.80
C PHE A 48 -5.35 -11.97 -12.26
N ARG A 49 -6.15 -11.38 -13.13
CA ARG A 49 -7.43 -10.84 -12.75
C ARG A 49 -8.47 -11.95 -12.55
N PHE A 50 -8.18 -13.13 -13.10
CA PHE A 50 -9.05 -14.29 -12.91
C PHE A 50 -8.95 -14.82 -11.49
N ALA A 51 -7.79 -14.62 -10.88
CA ALA A 51 -7.54 -15.11 -9.55
C ALA A 51 -7.99 -14.08 -8.52
N ARG A 52 -8.27 -14.57 -7.31
CA ARG A 52 -8.71 -13.71 -6.23
C ARG A 52 -7.59 -12.74 -5.83
N PRO A 53 -7.94 -11.56 -5.30
CA PRO A 53 -6.96 -10.57 -4.92
C PRO A 53 -6.13 -11.02 -3.72
N SER A 54 -4.84 -11.06 -3.90
CA SER A 54 -3.93 -11.38 -2.85
C SER A 54 -2.89 -10.28 -2.73
N TYR A 55 -3.08 -9.24 -3.52
CA TYR A 55 -2.18 -8.10 -3.53
C TYR A 55 -2.48 -7.17 -2.37
N GLU A 56 -1.48 -6.92 -1.55
CA GLU A 56 -1.64 -6.09 -0.38
C GLU A 56 -0.44 -5.16 -0.23
N VAL A 57 -0.68 -3.94 0.20
CA VAL A 57 0.37 -2.96 0.37
C VAL A 57 0.49 -2.58 1.83
N PHE A 58 1.67 -2.73 2.39
CA PHE A 58 1.87 -2.50 3.82
C PHE A 58 3.22 -1.85 4.08
N VAL A 59 3.30 -1.13 5.17
CA VAL A 59 4.56 -0.54 5.61
C VAL A 59 4.84 -1.00 7.03
N ASP A 60 6.08 -1.41 7.27
CA ASP A 60 6.47 -1.89 8.58
C ASP A 60 7.27 -0.84 9.31
N LEU A 61 6.65 -0.28 10.33
CA LEU A 61 7.30 0.75 11.14
C LEU A 61 7.09 0.44 12.61
N THR A 62 6.99 -0.86 12.90
CA THR A 62 6.82 -1.34 14.26
C THR A 62 8.02 -0.97 15.13
N GLU A 63 9.16 -0.77 14.47
CA GLU A 63 10.40 -0.40 15.15
C GLU A 63 10.59 1.11 15.16
N ALA A 64 9.60 1.84 14.65
CA ALA A 64 9.71 3.29 14.55
C ALA A 64 8.94 3.95 15.68
N GLY A 65 9.51 5.04 16.22
CA GLY A 65 8.89 5.72 17.33
C GLY A 65 8.06 6.92 16.90
N GLU A 66 8.32 8.05 17.54
CA GLU A 66 7.53 9.25 17.31
C GLU A 66 8.00 10.02 16.09
N GLY A 67 7.08 10.79 15.52
CA GLY A 67 7.40 11.58 14.35
C GLY A 67 6.95 10.90 13.07
N SER A 68 6.96 11.63 11.97
CA SER A 68 6.62 11.05 10.69
C SER A 68 7.83 10.33 10.12
N HIS A 69 7.59 9.23 9.46
CA HIS A 69 8.66 8.44 8.87
C HIS A 69 8.35 8.18 7.41
N THR A 70 9.24 8.61 6.54
CA THR A 70 9.03 8.48 5.11
C THR A 70 10.02 7.49 4.52
N VAL A 71 9.49 6.39 3.98
CA VAL A 71 10.31 5.35 3.38
C VAL A 71 9.65 4.84 2.11
N ASP A 72 10.39 4.08 1.30
CA ASP A 72 9.80 3.48 0.12
C ASP A 72 9.07 2.20 0.49
N VAL A 73 7.88 2.03 -0.08
CA VAL A 73 6.98 0.95 0.34
C VAL A 73 7.24 -0.37 -0.38
N GLU A 74 7.41 -1.43 0.39
CA GLU A 74 7.52 -2.78 -0.15
C GLU A 74 6.13 -3.39 -0.30
N HIS A 75 5.95 -4.27 -1.26
CA HIS A 75 4.64 -4.81 -1.57
C HIS A 75 4.67 -6.33 -1.73
N ARG A 76 3.55 -6.97 -1.41
CA ARG A 76 3.45 -8.42 -1.48
C ARG A 76 2.12 -8.82 -2.13
N GLY A 77 2.08 -10.02 -2.70
CA GLY A 77 0.87 -10.48 -3.34
C GLY A 77 1.12 -10.85 -4.79
N PHE A 78 1.22 -9.84 -5.63
CA PHE A 78 1.54 -10.06 -7.03
C PHE A 78 3.04 -10.28 -7.22
N PRO A 79 3.43 -11.17 -8.14
CA PRO A 79 4.84 -11.46 -8.41
C PRO A 79 5.50 -10.38 -9.28
N GLY A 80 6.80 -10.21 -9.12
CA GLY A 80 7.53 -9.21 -9.86
C GLY A 80 7.88 -9.66 -11.26
N ASP A 81 6.95 -10.33 -11.92
CA ASP A 81 7.15 -10.80 -13.29
C ASP A 81 6.80 -9.69 -14.27
N LEU A 82 5.81 -8.89 -13.88
CA LEU A 82 5.33 -7.80 -14.71
C LEU A 82 6.02 -6.49 -14.32
N ALA A 83 5.66 -5.42 -15.02
CA ALA A 83 6.15 -4.10 -14.68
C ALA A 83 5.31 -3.55 -13.53
N VAL A 84 5.93 -3.44 -12.37
CA VAL A 84 5.22 -3.07 -11.16
C VAL A 84 5.38 -1.59 -10.86
N THR A 85 4.29 -0.86 -10.89
CA THR A 85 4.30 0.52 -10.49
C THR A 85 3.42 0.75 -9.28
N VAL A 86 3.99 1.39 -8.31
CA VAL A 86 3.30 1.81 -7.11
C VAL A 86 3.65 3.24 -6.88
N GLU A 87 2.72 4.18 -6.93
CA GLU A 87 3.22 5.49 -6.62
C GLU A 87 2.48 6.25 -5.54
N PRO A 88 3.01 6.06 -4.34
CA PRO A 88 3.85 6.99 -3.67
C PRO A 88 5.21 6.33 -3.64
N ARG A 89 6.22 6.99 -4.10
CA ARG A 89 7.49 6.29 -4.31
C ARG A 89 8.26 6.29 -3.03
N MET A 90 7.93 7.26 -2.21
CA MET A 90 8.36 7.32 -0.84
C MET A 90 7.17 7.82 -0.02
N ALA A 91 6.74 7.05 0.95
CA ALA A 91 5.51 7.35 1.66
C ALA A 91 5.77 7.55 3.13
N ARG A 92 5.00 8.44 3.73
CA ARG A 92 5.18 8.78 5.13
C ARG A 92 4.06 8.20 5.98
N VAL A 93 4.45 7.61 7.10
CA VAL A 93 3.52 7.21 8.12
C VAL A 93 3.95 7.83 9.44
N GLN A 94 3.08 8.62 10.03
CA GLN A 94 3.41 9.34 11.24
C GLN A 94 2.91 8.62 12.47
N LEU A 95 3.84 8.26 13.34
CA LEU A 95 3.50 7.56 14.57
C LEU A 95 3.87 8.44 15.75
N GLU A 96 2.96 8.55 16.69
CA GLU A 96 3.18 9.33 17.89
C GLU A 96 2.60 8.57 19.06
N GLU A 97 3.24 8.65 20.22
CA GLU A 97 2.80 7.89 21.39
C GLU A 97 1.38 8.32 21.79
N ARG A 98 0.42 7.58 21.23
CA ARG A 98 -1.00 7.85 21.35
C ARG A 98 -1.40 9.25 20.88
N GLN A 99 -2.33 9.25 19.97
CA GLN A 99 -2.97 10.46 19.49
C GLN A 99 -4.45 10.33 19.76
N THR A 100 -5.15 9.60 18.89
CA THR A 100 -6.53 9.20 19.12
C THR A 100 -7.13 8.54 17.87
N VAL A 101 -6.76 7.30 17.61
CA VAL A 101 -7.45 6.51 16.59
C VAL A 101 -8.70 5.90 17.22
N SER A 102 -9.69 6.75 17.41
CA SER A 102 -10.96 6.33 18.00
C SER A 102 -12.07 6.44 16.96
N VAL A 103 -11.67 6.75 15.74
CA VAL A 103 -12.61 6.94 14.65
C VAL A 103 -12.47 5.81 13.62
N PRO A 104 -13.61 5.23 13.21
CA PRO A 104 -13.63 4.23 12.14
C PRO A 104 -13.24 4.83 10.80
N VAL A 105 -12.33 4.17 10.10
CA VAL A 105 -11.87 4.64 8.80
C VAL A 105 -13.01 4.65 7.78
N THR A 106 -13.04 5.67 6.95
CA THR A 106 -14.08 5.79 5.95
C THR A 106 -13.51 5.50 4.57
N VAL A 107 -13.87 4.35 4.04
CA VAL A 107 -13.29 3.86 2.80
C VAL A 107 -14.26 3.96 1.64
N GLU A 108 -14.15 5.04 0.89
CA GLU A 108 -14.94 5.23 -0.32
C GLU A 108 -14.10 4.90 -1.54
N MET A 109 -14.67 4.17 -2.48
CA MET A 109 -13.94 3.79 -3.67
C MET A 109 -13.95 4.91 -4.70
N ILE A 110 -12.86 5.67 -4.73
CA ILE A 110 -12.67 6.68 -5.75
C ILE A 110 -12.24 6.01 -7.06
N ASN A 111 -13.15 5.96 -8.02
CA ASN A 111 -12.89 5.27 -9.27
C ASN A 111 -12.04 6.12 -10.20
N LEU A 112 -10.74 5.98 -10.06
CA LEU A 112 -9.80 6.72 -10.89
C LEU A 112 -9.15 5.80 -11.91
N GLU A 113 -9.55 5.94 -13.16
CA GLU A 113 -8.98 5.14 -14.24
C GLU A 113 -7.59 5.67 -14.60
N HIS A 114 -6.62 4.77 -14.65
CA HIS A 114 -5.25 5.17 -14.90
C HIS A 114 -4.68 4.47 -16.12
N HIS A 115 -4.27 5.27 -17.10
CA HIS A 115 -3.53 4.75 -18.25
C HIS A 115 -2.06 5.12 -18.13
N HIS A 116 -1.28 4.22 -17.56
CA HIS A 116 0.14 4.45 -17.37
C HIS A 116 0.86 4.34 -18.72
N HIS A 117 2.02 5.00 -18.82
CA HIS A 117 2.88 4.93 -20.01
C HIS A 117 2.29 5.76 -21.16
N HIS A 118 2.87 6.94 -21.37
CA HIS A 118 2.38 7.84 -22.42
C HIS A 118 3.32 7.79 -23.63
N HIS A 119 4.53 7.29 -23.42
CA HIS A 119 5.48 7.09 -24.51
C HIS A 119 5.87 5.63 -24.59
N MET A 1 -5.82 -1.96 -37.56
CA MET A 1 -6.03 -2.73 -36.31
C MET A 1 -4.74 -3.42 -35.89
N PRO A 2 -3.99 -2.80 -34.98
CA PRO A 2 -2.79 -3.38 -34.40
C PRO A 2 -3.12 -4.37 -33.29
N THR A 3 -2.46 -5.52 -33.30
CA THR A 3 -2.63 -6.48 -32.23
C THR A 3 -1.94 -5.97 -30.97
N PHE A 4 -2.07 -6.72 -29.88
CA PHE A 4 -1.54 -6.29 -28.62
C PHE A 4 -0.04 -6.57 -28.51
N ASP A 5 0.69 -5.56 -28.10
CA ASP A 5 2.11 -5.69 -27.82
C ASP A 5 2.30 -5.38 -26.36
N HIS A 6 2.17 -6.44 -25.57
CA HIS A 6 2.09 -6.37 -24.11
C HIS A 6 0.81 -5.65 -23.68
N GLY A 7 0.38 -5.90 -22.47
CA GLY A 7 -0.83 -5.28 -21.97
C GLY A 7 -0.57 -4.48 -20.72
N ASN A 8 -1.50 -3.62 -20.39
CA ASN A 8 -1.42 -2.87 -19.15
C ASN A 8 -2.62 -3.16 -18.29
N LEU A 9 -2.42 -3.10 -17.00
CA LEU A 9 -3.48 -3.37 -16.04
C LEU A 9 -3.27 -2.52 -14.81
N SER A 10 -4.30 -1.78 -14.45
CA SER A 10 -4.25 -0.93 -13.28
C SER A 10 -4.92 -1.63 -12.10
N LEU A 11 -4.15 -1.92 -11.07
CA LEU A 11 -4.68 -2.52 -9.86
C LEU A 11 -5.53 -1.50 -9.11
N GLY A 12 -5.16 -0.24 -9.30
CA GLY A 12 -5.92 0.84 -8.71
C GLY A 12 -5.28 1.37 -7.45
N GLU A 13 -6.11 1.79 -6.52
CA GLU A 13 -5.64 2.35 -5.27
C GLU A 13 -5.80 1.34 -4.13
N LEU A 14 -4.69 0.79 -3.71
CA LEU A 14 -4.69 -0.21 -2.65
C LEU A 14 -4.39 0.45 -1.31
N GLU A 15 -4.99 -0.08 -0.27
CA GLU A 15 -4.80 0.45 1.08
C GLU A 15 -3.42 0.08 1.60
N LEU A 16 -2.83 0.99 2.36
CA LEU A 16 -1.53 0.73 2.98
C LEU A 16 -1.70 0.01 4.30
N THR A 17 -1.10 -1.17 4.39
CA THR A 17 -1.11 -1.93 5.63
C THR A 17 0.09 -1.53 6.50
N VAL A 18 -0.20 -1.01 7.68
CA VAL A 18 0.86 -0.57 8.57
C VAL A 18 1.02 -1.54 9.73
N LEU A 19 2.17 -2.20 9.79
CA LEU A 19 2.46 -3.12 10.87
C LEU A 19 3.21 -2.38 11.97
N TYR A 20 2.59 -2.33 13.15
CA TYR A 20 3.12 -1.60 14.30
C TYR A 20 2.33 -1.99 15.54
N ASP A 21 2.97 -1.94 16.70
CA ASP A 21 2.28 -2.25 17.94
C ASP A 21 1.73 -0.99 18.60
N GLU A 22 0.44 -1.05 18.95
CA GLU A 22 -0.29 0.11 19.48
C GLU A 22 0.09 0.39 20.94
N GLU A 23 1.07 -0.34 21.45
CA GLU A 23 1.45 -0.22 22.86
C GLU A 23 2.43 0.93 23.08
N ARG A 24 2.80 1.63 22.02
CA ARG A 24 3.72 2.75 22.13
C ARG A 24 3.08 4.05 21.65
N TYR A 25 3.04 4.24 20.33
CA TYR A 25 2.44 5.44 19.76
C TYR A 25 1.17 5.09 19.00
N ASP A 26 0.34 6.09 18.72
CA ASP A 26 -0.81 5.90 17.85
C ASP A 26 -0.65 6.74 16.59
N ILE A 27 -1.41 6.39 15.55
CA ILE A 27 -1.22 6.98 14.23
C ILE A 27 -2.05 8.25 14.06
N VAL A 28 -1.36 9.35 13.79
CA VAL A 28 -2.03 10.63 13.54
C VAL A 28 -2.42 10.72 12.07
N GLU A 29 -1.47 10.44 11.19
CA GLU A 29 -1.75 10.39 9.76
C GLU A 29 -0.96 9.27 9.12
N GLN A 30 -1.47 8.78 8.01
CA GLN A 30 -0.84 7.70 7.27
C GLN A 30 -1.26 7.78 5.82
N THR A 31 -0.51 7.13 4.95
CA THR A 31 -0.88 7.04 3.55
C THR A 31 -2.05 6.09 3.38
N GLU A 32 -3.22 6.64 3.08
CA GLU A 32 -4.44 5.86 2.97
C GLU A 32 -4.34 4.83 1.84
N THR A 33 -4.15 5.31 0.63
CA THR A 33 -4.06 4.43 -0.53
C THR A 33 -2.99 4.90 -1.50
N VAL A 34 -2.36 3.94 -2.17
CA VAL A 34 -1.42 4.23 -3.25
C VAL A 34 -1.84 3.52 -4.53
N GLN A 35 -1.39 4.04 -5.65
CA GLN A 35 -1.78 3.49 -6.95
C GLN A 35 -0.65 2.67 -7.54
N VAL A 36 -0.97 1.44 -7.93
CA VAL A 36 0.00 0.54 -8.51
C VAL A 36 -0.49 0.03 -9.87
N ASP A 37 0.40 0.09 -10.85
CA ASP A 37 0.06 -0.25 -12.22
C ASP A 37 0.99 -1.33 -12.76
N LEU A 38 0.44 -2.27 -13.51
CA LEU A 38 1.23 -3.37 -14.04
C LEU A 38 1.27 -3.33 -15.57
N GLU A 39 2.44 -3.65 -16.13
CA GLU A 39 2.63 -3.69 -17.57
C GLU A 39 3.45 -4.93 -17.94
N GLY A 40 3.04 -5.63 -18.98
CA GLY A 40 3.76 -6.83 -19.39
C GLY A 40 2.88 -7.74 -20.20
N PRO A 41 3.17 -9.06 -20.22
CA PRO A 41 2.37 -10.04 -20.95
C PRO A 41 0.87 -9.92 -20.63
N ARG A 42 0.08 -9.58 -21.64
CA ARG A 42 -1.35 -9.34 -21.47
C ARG A 42 -2.03 -10.59 -20.96
N GLY A 43 -1.54 -11.75 -21.39
CA GLY A 43 -2.10 -13.02 -20.94
C GLY A 43 -2.07 -13.17 -19.43
N VAL A 44 -0.93 -12.86 -18.83
CA VAL A 44 -0.79 -12.93 -17.38
C VAL A 44 -1.77 -11.98 -16.70
N LEU A 45 -1.83 -10.75 -17.21
CA LEU A 45 -2.72 -9.73 -16.66
C LEU A 45 -4.18 -10.11 -16.83
N THR A 46 -4.50 -10.81 -17.91
CA THR A 46 -5.88 -11.23 -18.16
C THR A 46 -6.33 -12.23 -17.10
N VAL A 47 -5.46 -13.17 -16.76
CA VAL A 47 -5.74 -14.16 -15.72
C VAL A 47 -5.71 -13.49 -14.34
N PHE A 48 -4.75 -12.60 -14.17
CA PHE A 48 -4.56 -11.88 -12.92
C PHE A 48 -5.77 -10.99 -12.62
N ARG A 49 -6.42 -10.53 -13.70
CA ARG A 49 -7.59 -9.67 -13.62
C ARG A 49 -8.72 -10.33 -12.82
N PHE A 50 -8.80 -11.65 -12.92
CA PHE A 50 -9.85 -12.41 -12.26
C PHE A 50 -9.58 -12.55 -10.76
N ALA A 51 -8.33 -12.48 -10.39
CA ALA A 51 -7.92 -12.69 -9.01
C ALA A 51 -8.16 -11.45 -8.16
N ARG A 52 -8.99 -11.61 -7.14
CA ARG A 52 -9.23 -10.55 -6.17
C ARG A 52 -7.95 -10.28 -5.40
N PRO A 53 -7.83 -9.12 -4.75
CA PRO A 53 -6.57 -8.73 -4.14
C PRO A 53 -6.12 -9.67 -3.03
N SER A 54 -4.95 -10.22 -3.25
CA SER A 54 -4.19 -10.91 -2.25
C SER A 54 -2.80 -10.28 -2.23
N TYR A 55 -2.69 -9.24 -3.05
CA TYR A 55 -1.47 -8.48 -3.21
C TYR A 55 -1.61 -7.16 -2.48
N GLU A 56 -0.83 -6.98 -1.44
CA GLU A 56 -1.00 -5.85 -0.56
C GLU A 56 0.31 -5.06 -0.42
N VAL A 57 0.16 -3.77 -0.18
CA VAL A 57 1.29 -2.89 0.04
C VAL A 57 1.37 -2.59 1.53
N PHE A 58 2.50 -2.89 2.16
CA PHE A 58 2.59 -2.83 3.60
C PHE A 58 3.93 -2.29 4.09
N VAL A 59 3.89 -1.66 5.25
CA VAL A 59 5.10 -1.17 5.89
C VAL A 59 5.19 -1.76 7.29
N ASP A 60 6.38 -2.21 7.65
CA ASP A 60 6.59 -2.77 8.98
C ASP A 60 7.45 -1.80 9.80
N LEU A 61 6.86 -1.27 10.84
CA LEU A 61 7.52 -0.31 11.69
C LEU A 61 7.43 -0.76 13.15
N THR A 62 8.56 -1.02 13.77
CA THR A 62 8.57 -1.41 15.17
C THR A 62 9.58 -0.57 15.96
N GLU A 63 10.72 -0.31 15.33
CA GLU A 63 11.75 0.52 15.94
C GLU A 63 11.57 1.98 15.57
N ALA A 64 11.11 2.20 14.34
CA ALA A 64 10.88 3.55 13.84
C ALA A 64 9.44 3.95 14.07
N GLY A 65 9.23 5.11 14.69
CA GLY A 65 7.88 5.55 14.98
C GLY A 65 7.81 6.99 15.42
N GLU A 66 8.83 7.42 16.15
CA GLU A 66 8.87 8.79 16.69
C GLU A 66 8.81 9.83 15.58
N GLY A 67 8.11 10.92 15.85
CA GLY A 67 7.91 11.96 14.87
C GLY A 67 7.08 11.47 13.72
N SER A 68 7.54 11.78 12.53
CA SER A 68 6.94 11.29 11.32
C SER A 68 7.96 10.49 10.53
N HIS A 69 7.51 9.44 9.90
CA HIS A 69 8.39 8.58 9.11
C HIS A 69 7.82 8.32 7.74
N THR A 70 8.57 8.69 6.73
CA THR A 70 8.24 8.36 5.36
C THR A 70 9.30 7.43 4.81
N VAL A 71 8.92 6.20 4.50
CA VAL A 71 9.87 5.19 4.05
C VAL A 71 9.42 4.57 2.74
N ASP A 72 10.33 3.83 2.11
CA ASP A 72 10.00 3.07 0.92
C ASP A 72 9.20 1.84 1.33
N VAL A 73 8.20 1.50 0.53
CA VAL A 73 7.24 0.49 0.93
C VAL A 73 7.47 -0.83 0.20
N GLU A 74 7.45 -1.91 0.96
CA GLU A 74 7.58 -3.24 0.40
C GLU A 74 6.20 -3.76 0.00
N HIS A 75 6.16 -4.56 -1.07
CA HIS A 75 4.91 -5.06 -1.59
C HIS A 75 5.00 -6.56 -1.84
N ARG A 76 3.89 -7.25 -1.71
CA ARG A 76 3.85 -8.69 -1.89
C ARG A 76 2.53 -9.12 -2.53
N GLY A 77 2.60 -10.14 -3.38
CA GLY A 77 1.43 -10.61 -4.07
C GLY A 77 1.70 -10.81 -5.55
N PHE A 78 1.80 -9.71 -6.27
CA PHE A 78 2.19 -9.76 -7.67
C PHE A 78 3.70 -9.86 -7.77
N PRO A 79 4.21 -10.59 -8.78
CA PRO A 79 5.64 -10.81 -8.94
C PRO A 79 6.34 -9.65 -9.67
N GLY A 80 7.65 -9.57 -9.51
CA GLY A 80 8.43 -8.55 -10.19
C GLY A 80 8.74 -8.94 -11.62
N ASP A 81 7.93 -9.85 -12.15
CA ASP A 81 8.03 -10.28 -13.54
C ASP A 81 7.56 -9.17 -14.46
N LEU A 82 6.48 -8.53 -14.04
CA LEU A 82 5.85 -7.48 -14.81
C LEU A 82 6.50 -6.14 -14.49
N ALA A 83 6.30 -5.17 -15.37
CA ALA A 83 6.80 -3.83 -15.14
C ALA A 83 5.84 -3.09 -14.22
N VAL A 84 6.29 -2.82 -13.01
CA VAL A 84 5.45 -2.23 -11.99
C VAL A 84 5.65 -0.71 -11.94
N THR A 85 4.55 0.02 -11.97
CA THR A 85 4.58 1.46 -11.83
C THR A 85 3.80 1.84 -10.59
N VAL A 86 4.32 2.79 -9.84
CA VAL A 86 3.75 3.14 -8.55
C VAL A 86 3.57 4.65 -8.43
N GLU A 87 2.51 5.03 -7.73
CA GLU A 87 2.33 6.40 -7.32
C GLU A 87 2.68 6.45 -5.86
N PRO A 88 3.18 7.60 -5.40
CA PRO A 88 4.27 7.70 -4.46
C PRO A 88 4.73 6.39 -3.81
N ARG A 89 6.03 6.16 -3.89
CA ARG A 89 6.61 4.88 -3.49
C ARG A 89 7.01 4.93 -2.03
N MET A 90 7.00 6.13 -1.51
CA MET A 90 7.29 6.36 -0.12
C MET A 90 6.01 6.70 0.62
N ALA A 91 5.80 6.06 1.75
CA ALA A 91 4.58 6.24 2.50
C ALA A 91 4.88 6.82 3.87
N ARG A 92 4.02 7.70 4.32
CA ARG A 92 4.25 8.45 5.53
C ARG A 92 3.33 7.98 6.64
N VAL A 93 3.93 7.62 7.76
CA VAL A 93 3.20 7.26 8.95
C VAL A 93 3.66 8.14 10.11
N GLN A 94 2.74 8.88 10.69
CA GLN A 94 3.04 9.74 11.82
C GLN A 94 2.57 9.08 13.11
N LEU A 95 3.51 8.86 14.02
CA LEU A 95 3.22 8.22 15.29
C LEU A 95 3.68 9.11 16.44
N GLU A 96 2.76 9.43 17.33
CA GLU A 96 3.12 10.20 18.51
C GLU A 96 2.49 9.59 19.75
N GLU A 97 3.22 9.66 20.85
CA GLU A 97 2.82 9.03 22.09
C GLU A 97 1.47 9.54 22.58
N ARG A 98 0.68 8.61 23.10
CA ARG A 98 -0.58 8.93 23.74
C ARG A 98 -0.29 9.47 25.14
N GLN A 99 -1.03 10.48 25.54
CA GLN A 99 -0.81 11.11 26.81
C GLN A 99 -1.31 10.21 27.93
N THR A 100 -2.50 9.68 27.74
CA THR A 100 -3.06 8.71 28.65
C THR A 100 -2.67 7.31 28.22
N VAL A 101 -1.43 6.92 28.54
CA VAL A 101 -0.92 5.62 28.13
C VAL A 101 -1.72 4.52 28.80
N SER A 102 -1.54 4.43 30.10
CA SER A 102 -2.22 3.47 30.95
C SER A 102 -1.60 3.53 32.34
N VAL A 103 -2.13 2.76 33.28
CA VAL A 103 -1.52 2.64 34.60
C VAL A 103 -0.83 1.29 34.69
N PRO A 104 0.49 1.26 34.46
CA PRO A 104 1.25 0.03 34.35
C PRO A 104 1.64 -0.57 35.70
N VAL A 105 2.58 -1.51 35.65
CA VAL A 105 3.07 -2.22 36.84
C VAL A 105 1.98 -3.14 37.40
N THR A 106 1.81 -4.29 36.77
CA THR A 106 0.85 -5.28 37.22
C THR A 106 1.25 -5.82 38.59
N VAL A 107 2.48 -6.29 38.65
CA VAL A 107 3.06 -6.81 39.87
C VAL A 107 4.56 -6.99 39.71
N GLU A 108 5.32 -6.41 40.63
CA GLU A 108 6.77 -6.51 40.59
C GLU A 108 7.22 -7.78 41.33
N MET A 109 7.67 -8.74 40.55
CA MET A 109 8.07 -10.04 41.07
C MET A 109 8.76 -10.85 39.97
N ILE A 110 7.96 -11.30 39.01
CA ILE A 110 8.50 -11.95 37.82
C ILE A 110 8.80 -10.90 36.76
N ASN A 111 8.16 -9.75 36.91
CA ASN A 111 8.42 -8.60 36.07
C ASN A 111 9.01 -7.49 36.91
N LEU A 112 10.15 -6.95 36.48
CA LEU A 112 10.76 -5.83 37.15
C LEU A 112 10.37 -4.56 36.41
N GLU A 113 9.36 -3.87 36.90
CA GLU A 113 8.81 -2.73 36.21
C GLU A 113 9.37 -1.43 36.79
N HIS A 114 9.34 -0.37 36.00
CA HIS A 114 9.90 0.91 36.42
C HIS A 114 8.81 1.90 36.77
N HIS A 115 8.78 2.33 38.02
CA HIS A 115 7.93 3.43 38.42
C HIS A 115 8.55 4.75 37.96
N HIS A 116 8.08 5.28 36.84
CA HIS A 116 8.65 6.50 36.29
C HIS A 116 8.02 7.72 36.96
N HIS A 117 8.86 8.57 37.52
CA HIS A 117 8.42 9.76 38.23
C HIS A 117 9.60 10.70 38.46
N HIS A 118 9.63 11.81 37.74
CA HIS A 118 10.73 12.76 37.85
C HIS A 118 10.23 14.08 38.41
N HIS A 119 10.95 14.60 39.41
CA HIS A 119 10.70 15.95 39.93
C HIS A 119 11.62 16.21 41.11
N MET A 1 9.71 -9.48 -34.74
CA MET A 1 9.50 -8.12 -34.19
C MET A 1 9.66 -8.13 -32.68
N PRO A 2 10.53 -7.24 -32.15
CA PRO A 2 10.82 -7.18 -30.72
C PRO A 2 9.65 -6.64 -29.90
N THR A 3 9.43 -7.26 -28.75
CA THR A 3 8.36 -6.90 -27.80
C THR A 3 6.96 -6.90 -28.43
N PHE A 4 6.22 -7.96 -28.18
CA PHE A 4 4.85 -8.08 -28.64
C PHE A 4 3.98 -8.62 -27.52
N ASP A 5 2.70 -8.27 -27.54
CA ASP A 5 1.76 -8.63 -26.47
C ASP A 5 2.18 -7.96 -25.17
N HIS A 6 1.66 -6.77 -24.95
CA HIS A 6 2.08 -5.95 -23.82
C HIS A 6 1.04 -4.87 -23.53
N GLY A 7 0.35 -5.01 -22.41
CA GLY A 7 -0.67 -4.05 -22.03
C GLY A 7 -0.55 -3.67 -20.56
N ASN A 8 -1.58 -3.02 -20.03
CA ASN A 8 -1.56 -2.59 -18.64
C ASN A 8 -2.79 -3.08 -17.90
N LEU A 9 -2.66 -3.13 -16.58
CA LEU A 9 -3.75 -3.48 -15.70
C LEU A 9 -3.63 -2.63 -14.43
N SER A 10 -4.70 -1.92 -14.09
CA SER A 10 -4.65 -0.96 -13.02
C SER A 10 -5.37 -1.47 -11.77
N LEU A 11 -4.72 -1.33 -10.61
CA LEU A 11 -5.34 -1.69 -9.34
C LEU A 11 -6.11 -0.51 -8.77
N GLY A 12 -5.73 0.69 -9.19
CA GLY A 12 -6.38 1.89 -8.68
C GLY A 12 -5.77 2.32 -7.37
N GLU A 13 -6.56 2.97 -6.53
CA GLU A 13 -6.09 3.40 -5.22
C GLU A 13 -6.09 2.22 -4.25
N LEU A 14 -4.92 1.85 -3.79
CA LEU A 14 -4.80 0.81 -2.79
C LEU A 14 -4.62 1.42 -1.41
N GLU A 15 -5.39 0.92 -0.46
CA GLU A 15 -5.29 1.37 0.92
C GLU A 15 -4.10 0.70 1.59
N LEU A 16 -3.18 1.51 2.08
CA LEU A 16 -1.96 0.99 2.69
C LEU A 16 -2.21 0.60 4.14
N THR A 17 -1.79 -0.61 4.49
CA THR A 17 -1.92 -1.11 5.84
C THR A 17 -0.64 -0.83 6.62
N VAL A 18 -0.78 -0.28 7.82
CA VAL A 18 0.38 0.07 8.62
C VAL A 18 0.56 -0.92 9.76
N LEU A 19 1.69 -1.61 9.78
CA LEU A 19 2.00 -2.54 10.85
C LEU A 19 2.89 -1.86 11.87
N TYR A 20 2.39 -1.75 13.10
CA TYR A 20 3.08 -1.02 14.14
C TYR A 20 2.75 -1.60 15.50
N ASP A 21 3.57 -1.26 16.49
CA ASP A 21 3.32 -1.67 17.86
C ASP A 21 2.26 -0.77 18.48
N GLU A 22 1.03 -1.25 18.53
CA GLU A 22 -0.10 -0.41 18.94
C GLU A 22 -0.11 -0.22 20.46
N GLU A 23 0.67 -1.03 21.16
CA GLU A 23 0.76 -0.90 22.61
C GLU A 23 1.42 0.43 22.97
N ARG A 24 2.52 0.73 22.31
CA ARG A 24 3.24 1.97 22.58
C ARG A 24 2.83 3.04 21.58
N TYR A 25 2.83 2.69 20.29
CA TYR A 25 2.66 3.69 19.24
C TYR A 25 1.24 3.67 18.68
N ASP A 26 0.75 4.84 18.32
CA ASP A 26 -0.50 4.95 17.59
C ASP A 26 -0.31 5.91 16.42
N ILE A 27 -1.16 5.78 15.41
CA ILE A 27 -0.98 6.56 14.18
C ILE A 27 -1.50 7.98 14.35
N VAL A 28 -0.61 8.94 14.23
CA VAL A 28 -0.99 10.34 14.28
C VAL A 28 -1.14 10.90 12.86
N GLU A 29 -0.17 10.62 12.02
CA GLU A 29 -0.17 11.07 10.65
C GLU A 29 0.33 9.92 9.77
N GLN A 30 -0.09 9.88 8.51
CA GLN A 30 0.19 8.73 7.67
C GLN A 30 -0.08 9.00 6.21
N THR A 31 0.32 8.06 5.37
CA THR A 31 -0.02 8.08 3.96
C THR A 31 -1.26 7.22 3.71
N GLU A 32 -2.19 7.73 2.91
CA GLU A 32 -3.51 7.11 2.79
C GLU A 32 -3.56 6.09 1.65
N THR A 33 -3.71 6.57 0.42
CA THR A 33 -3.87 5.69 -0.72
C THR A 33 -2.87 6.03 -1.83
N VAL A 34 -2.43 5.00 -2.54
CA VAL A 34 -1.55 5.17 -3.70
C VAL A 34 -2.08 4.37 -4.87
N GLN A 35 -1.62 4.70 -6.07
CA GLN A 35 -2.09 4.03 -7.28
C GLN A 35 -1.02 3.07 -7.81
N VAL A 36 -1.44 1.84 -8.10
CA VAL A 36 -0.55 0.84 -8.66
C VAL A 36 -1.08 0.33 -10.00
N ASP A 37 -0.21 0.32 -11.00
CA ASP A 37 -0.55 -0.17 -12.33
C ASP A 37 0.50 -1.16 -12.79
N LEU A 38 0.07 -2.24 -13.43
CA LEU A 38 0.99 -3.27 -13.88
C LEU A 38 1.02 -3.33 -15.39
N GLU A 39 2.22 -3.33 -15.96
CA GLU A 39 2.38 -3.40 -17.39
C GLU A 39 3.10 -4.69 -17.79
N GLY A 40 2.60 -5.36 -18.82
CA GLY A 40 3.20 -6.59 -19.26
C GLY A 40 2.33 -7.37 -20.22
N PRO A 41 2.69 -8.63 -20.52
CA PRO A 41 1.92 -9.49 -21.44
C PRO A 41 0.50 -9.75 -20.94
N ARG A 42 -0.44 -9.82 -21.88
CA ARG A 42 -1.85 -10.01 -21.53
C ARG A 42 -2.08 -11.31 -20.77
N GLY A 43 -1.25 -12.32 -21.04
CA GLY A 43 -1.39 -13.59 -20.37
C GLY A 43 -1.30 -13.47 -18.86
N VAL A 44 -0.28 -12.78 -18.38
CA VAL A 44 -0.09 -12.59 -16.95
C VAL A 44 -1.19 -11.72 -16.37
N LEU A 45 -1.58 -10.71 -17.13
CA LEU A 45 -2.62 -9.78 -16.71
C LEU A 45 -3.97 -10.47 -16.59
N THR A 46 -4.29 -11.32 -17.56
CA THR A 46 -5.57 -12.02 -17.56
C THR A 46 -5.65 -13.03 -16.41
N VAL A 47 -4.58 -13.76 -16.17
CA VAL A 47 -4.53 -14.68 -15.04
C VAL A 47 -4.69 -13.92 -13.73
N PHE A 48 -4.05 -12.74 -13.67
CA PHE A 48 -4.17 -11.87 -12.51
C PHE A 48 -5.60 -11.33 -12.38
N ARG A 49 -6.28 -11.19 -13.50
CA ARG A 49 -7.65 -10.73 -13.53
C ARG A 49 -8.59 -11.80 -13.00
N PHE A 50 -8.19 -13.06 -13.10
CA PHE A 50 -8.95 -14.16 -12.52
C PHE A 50 -8.68 -14.25 -11.03
N ALA A 51 -7.52 -13.76 -10.62
CA ALA A 51 -7.11 -13.80 -9.24
C ALA A 51 -7.83 -12.75 -8.42
N ARG A 52 -8.64 -13.21 -7.48
CA ARG A 52 -9.32 -12.33 -6.55
C ARG A 52 -8.30 -11.64 -5.67
N PRO A 53 -8.66 -10.52 -5.02
CA PRO A 53 -7.70 -9.72 -4.26
C PRO A 53 -6.92 -10.56 -3.26
N SER A 54 -5.61 -10.53 -3.42
CA SER A 54 -4.70 -11.21 -2.55
C SER A 54 -3.43 -10.37 -2.44
N TYR A 55 -3.54 -9.14 -2.89
CA TYR A 55 -2.43 -8.20 -2.89
C TYR A 55 -2.57 -7.24 -1.74
N GLU A 56 -1.47 -6.96 -1.07
CA GLU A 56 -1.50 -6.13 0.12
C GLU A 56 -0.30 -5.20 0.12
N VAL A 57 -0.49 -4.03 0.68
CA VAL A 57 0.57 -3.05 0.77
C VAL A 57 0.72 -2.62 2.24
N PHE A 58 1.91 -2.81 2.78
CA PHE A 58 2.11 -2.62 4.21
C PHE A 58 3.52 -2.16 4.51
N VAL A 59 3.66 -1.50 5.65
CA VAL A 59 4.97 -1.08 6.13
C VAL A 59 5.12 -1.47 7.59
N ASP A 60 6.27 -2.04 7.94
CA ASP A 60 6.57 -2.37 9.32
C ASP A 60 7.32 -1.24 9.98
N LEU A 61 6.63 -0.46 10.77
CA LEU A 61 7.23 0.69 11.43
C LEU A 61 7.17 0.51 12.93
N THR A 62 7.31 -0.75 13.36
CA THR A 62 7.29 -1.10 14.76
C THR A 62 8.41 -0.41 15.53
N GLU A 63 9.54 -0.21 14.87
CA GLU A 63 10.65 0.51 15.45
C GLU A 63 10.47 2.00 15.29
N ALA A 64 9.93 2.38 14.13
CA ALA A 64 9.71 3.79 13.79
C ALA A 64 11.04 4.54 13.75
N GLY A 65 10.98 5.85 13.87
CA GLY A 65 12.18 6.67 13.91
C GLY A 65 11.94 7.94 14.68
N GLU A 66 12.31 9.07 14.09
CA GLU A 66 12.02 10.36 14.67
C GLU A 66 10.90 11.04 13.91
N GLY A 67 10.03 11.73 14.65
CA GLY A 67 8.90 12.39 14.05
C GLY A 67 8.08 11.46 13.20
N SER A 68 7.89 11.84 11.97
CA SER A 68 7.33 10.97 10.95
C SER A 68 8.45 10.44 10.08
N HIS A 69 8.37 9.17 9.74
CA HIS A 69 9.43 8.52 9.00
C HIS A 69 8.95 8.16 7.60
N THR A 70 9.66 8.64 6.60
CA THR A 70 9.32 8.38 5.21
C THR A 70 10.17 7.23 4.66
N VAL A 71 9.51 6.19 4.19
CA VAL A 71 10.19 5.04 3.62
C VAL A 71 9.59 4.67 2.27
N ASP A 72 10.38 4.01 1.45
CA ASP A 72 9.87 3.46 0.20
C ASP A 72 9.11 2.17 0.50
N VAL A 73 7.93 2.05 -0.09
CA VAL A 73 7.03 0.95 0.24
C VAL A 73 7.23 -0.24 -0.69
N GLU A 74 7.48 -1.39 -0.10
CA GLU A 74 7.54 -2.63 -0.85
C GLU A 74 6.16 -3.28 -0.87
N HIS A 75 5.90 -4.06 -1.91
CA HIS A 75 4.56 -4.58 -2.16
C HIS A 75 4.58 -6.10 -2.31
N ARG A 76 3.49 -6.75 -1.94
CA ARG A 76 3.37 -8.19 -2.07
C ARG A 76 2.00 -8.57 -2.61
N GLY A 77 1.87 -9.80 -3.08
CA GLY A 77 0.61 -10.26 -3.63
C GLY A 77 0.67 -10.41 -5.13
N PHE A 78 0.84 -9.30 -5.82
CA PHE A 78 1.01 -9.34 -7.27
C PHE A 78 2.47 -9.55 -7.61
N PRO A 79 2.74 -10.31 -8.69
CA PRO A 79 4.11 -10.67 -9.09
C PRO A 79 4.92 -9.47 -9.57
N GLY A 80 6.14 -9.36 -9.09
CA GLY A 80 7.03 -8.29 -9.53
C GLY A 80 7.71 -8.61 -10.85
N ASP A 81 7.12 -9.56 -11.58
CA ASP A 81 7.65 -9.99 -12.86
C ASP A 81 7.29 -8.99 -13.96
N LEU A 82 6.27 -8.19 -13.70
CA LEU A 82 5.80 -7.21 -14.65
C LEU A 82 6.40 -5.85 -14.37
N ALA A 83 6.15 -4.90 -15.25
CA ALA A 83 6.59 -3.54 -15.03
C ALA A 83 5.58 -2.82 -14.15
N VAL A 84 5.97 -2.54 -12.92
CA VAL A 84 5.06 -1.98 -11.95
C VAL A 84 5.17 -0.46 -11.93
N THR A 85 4.03 0.20 -12.07
CA THR A 85 3.98 1.65 -12.03
C THR A 85 3.26 2.07 -10.77
N VAL A 86 3.85 2.97 -10.03
CA VAL A 86 3.32 3.37 -8.74
C VAL A 86 3.22 4.87 -8.62
N GLU A 87 2.20 5.33 -7.93
CA GLU A 87 2.09 6.71 -7.56
C GLU A 87 2.51 6.79 -6.12
N PRO A 88 3.09 7.94 -5.73
CA PRO A 88 4.22 8.03 -4.82
C PRO A 88 4.48 6.76 -4.00
N ARG A 89 5.72 6.32 -4.06
CA ARG A 89 6.13 5.08 -3.43
C ARG A 89 6.79 5.34 -2.09
N MET A 90 6.74 6.60 -1.68
CA MET A 90 7.31 7.01 -0.42
C MET A 90 6.19 7.27 0.56
N ALA A 91 6.23 6.59 1.70
CA ALA A 91 5.17 6.71 2.68
C ALA A 91 5.72 7.24 4.00
N ARG A 92 5.04 8.24 4.52
CA ARG A 92 5.40 8.84 5.79
C ARG A 92 4.37 8.45 6.83
N VAL A 93 4.82 7.96 7.97
CA VAL A 93 3.93 7.63 9.07
C VAL A 93 4.52 8.09 10.39
N GLN A 94 3.72 8.83 11.15
CA GLN A 94 4.14 9.28 12.46
C GLN A 94 3.47 8.42 13.53
N LEU A 95 4.29 7.76 14.33
CA LEU A 95 3.80 6.96 15.43
C LEU A 95 4.19 7.61 16.74
N GLU A 96 3.19 7.87 17.56
CA GLU A 96 3.41 8.56 18.83
C GLU A 96 2.75 7.76 19.95
N GLU A 97 3.39 7.76 21.11
CA GLU A 97 2.89 7.02 22.26
C GLU A 97 1.42 7.30 22.53
N ARG A 98 0.64 6.23 22.58
CA ARG A 98 -0.78 6.34 22.88
C ARG A 98 -0.96 6.92 24.28
N GLN A 99 -1.93 7.82 24.41
CA GLN A 99 -2.07 8.68 25.57
C GLN A 99 -2.17 7.93 26.90
N THR A 100 -3.37 7.55 27.28
CA THR A 100 -3.58 6.84 28.54
C THR A 100 -4.76 5.87 28.41
N VAL A 101 -5.23 5.71 27.18
CA VAL A 101 -6.35 4.84 26.90
C VAL A 101 -6.03 3.96 25.70
N SER A 102 -6.00 2.65 25.91
CA SER A 102 -5.73 1.72 24.84
C SER A 102 -6.98 1.49 23.99
N VAL A 103 -6.95 0.49 23.12
CA VAL A 103 -8.10 0.18 22.28
C VAL A 103 -9.32 -0.15 23.13
N PRO A 104 -10.47 0.48 22.82
CA PRO A 104 -11.71 0.33 23.59
C PRO A 104 -12.48 -0.92 23.24
N VAL A 105 -11.76 -1.92 22.74
CA VAL A 105 -12.35 -3.21 22.40
C VAL A 105 -12.98 -3.83 23.65
N THR A 106 -14.29 -3.71 23.75
CA THR A 106 -15.01 -4.15 24.93
C THR A 106 -15.31 -5.64 24.83
N VAL A 107 -15.05 -6.37 25.91
CA VAL A 107 -15.24 -7.81 25.92
C VAL A 107 -16.69 -8.16 26.22
N GLU A 108 -17.22 -9.14 25.48
CA GLU A 108 -18.58 -9.65 25.67
C GLU A 108 -19.64 -8.64 25.22
N MET A 109 -19.86 -7.62 26.03
CA MET A 109 -20.93 -6.66 25.76
C MET A 109 -20.43 -5.23 25.95
N ILE A 110 -20.70 -4.40 24.94
CA ILE A 110 -20.26 -3.01 24.96
C ILE A 110 -20.82 -2.24 26.16
N ASN A 111 -19.94 -1.52 26.84
CA ASN A 111 -20.33 -0.67 27.95
C ASN A 111 -20.86 0.66 27.43
N LEU A 112 -22.01 1.07 27.96
CA LEU A 112 -22.69 2.30 27.54
C LEU A 112 -23.14 2.20 26.08
N GLU A 113 -23.45 3.34 25.49
CA GLU A 113 -23.86 3.39 24.11
C GLU A 113 -22.90 4.26 23.31
N HIS A 114 -22.38 3.72 22.23
CA HIS A 114 -21.43 4.44 21.38
C HIS A 114 -22.06 4.67 20.01
N HIS A 115 -22.40 5.91 19.72
CA HIS A 115 -23.08 6.25 18.47
C HIS A 115 -22.06 6.48 17.37
N HIS A 116 -21.77 5.44 16.61
CA HIS A 116 -20.80 5.53 15.54
C HIS A 116 -21.30 4.80 14.29
N HIS A 117 -21.92 5.55 13.40
CA HIS A 117 -22.35 5.00 12.12
C HIS A 117 -21.84 5.88 10.99
N HIS A 118 -21.41 5.26 9.90
CA HIS A 118 -20.89 6.02 8.76
C HIS A 118 -21.31 5.37 7.46
N HIS A 119 -22.10 6.09 6.69
CA HIS A 119 -22.45 5.66 5.34
C HIS A 119 -21.78 6.58 4.33
N MET A 1 -8.15 0.18 -24.35
CA MET A 1 -7.70 0.02 -25.76
C MET A 1 -6.74 -1.16 -25.89
N PRO A 2 -6.90 -1.96 -26.96
CA PRO A 2 -5.95 -3.03 -27.28
C PRO A 2 -4.54 -2.48 -27.43
N THR A 3 -3.65 -2.89 -26.55
CA THR A 3 -2.30 -2.34 -26.50
C THR A 3 -1.33 -3.17 -27.34
N PHE A 4 -0.43 -2.49 -28.03
CA PHE A 4 0.53 -3.14 -28.88
C PHE A 4 1.87 -3.26 -28.18
N ASP A 5 2.48 -4.44 -28.26
CA ASP A 5 3.72 -4.74 -27.55
C ASP A 5 3.57 -4.45 -26.06
N HIS A 6 3.02 -5.42 -25.33
CA HIS A 6 2.75 -5.31 -23.90
C HIS A 6 1.55 -4.41 -23.64
N GLY A 7 0.77 -4.73 -22.62
CA GLY A 7 -0.41 -3.96 -22.32
C GLY A 7 -0.38 -3.40 -20.91
N ASN A 8 -1.47 -2.78 -20.50
CA ASN A 8 -1.57 -2.18 -19.17
C ASN A 8 -2.68 -2.85 -18.38
N LEU A 9 -2.58 -2.77 -17.07
CA LEU A 9 -3.61 -3.27 -16.17
C LEU A 9 -3.61 -2.46 -14.89
N SER A 10 -4.77 -1.98 -14.50
CA SER A 10 -4.88 -1.16 -13.29
C SER A 10 -5.39 -1.98 -12.11
N LEU A 11 -4.67 -1.91 -11.00
CA LEU A 11 -5.12 -2.56 -9.77
C LEU A 11 -6.00 -1.60 -8.98
N GLY A 12 -5.99 -0.34 -9.41
CA GLY A 12 -6.84 0.66 -8.79
C GLY A 12 -6.17 1.32 -7.61
N GLU A 13 -6.99 1.83 -6.70
CA GLU A 13 -6.49 2.47 -5.51
C GLU A 13 -6.58 1.52 -4.32
N LEU A 14 -5.43 1.06 -3.86
CA LEU A 14 -5.37 0.10 -2.76
C LEU A 14 -5.09 0.81 -1.45
N GLU A 15 -5.52 0.21 -0.35
CA GLU A 15 -5.36 0.82 0.96
C GLU A 15 -4.09 0.29 1.63
N LEU A 16 -3.39 1.20 2.30
CA LEU A 16 -2.13 0.87 2.96
C LEU A 16 -2.36 0.37 4.39
N THR A 17 -1.65 -0.68 4.76
CA THR A 17 -1.68 -1.18 6.12
C THR A 17 -0.34 -0.91 6.81
N VAL A 18 -0.37 -0.25 7.95
CA VAL A 18 0.86 0.11 8.65
C VAL A 18 1.04 -0.75 9.90
N LEU A 19 2.23 -1.32 10.05
CA LEU A 19 2.55 -2.11 11.23
C LEU A 19 3.38 -1.28 12.20
N TYR A 20 2.83 -1.05 13.39
CA TYR A 20 3.48 -0.22 14.39
C TYR A 20 3.18 -0.73 15.80
N ASP A 21 2.48 -1.87 15.85
CA ASP A 21 2.04 -2.49 17.11
C ASP A 21 1.11 -1.54 17.88
N GLU A 22 0.82 -1.90 19.11
CA GLU A 22 -0.07 -1.12 19.96
C GLU A 22 0.64 -0.74 21.26
N GLU A 23 1.96 -0.71 21.20
CA GLU A 23 2.78 -0.47 22.37
C GLU A 23 2.59 0.95 22.92
N ARG A 24 3.16 1.93 22.22
CA ARG A 24 3.10 3.31 22.69
C ARG A 24 2.98 4.31 21.55
N TYR A 25 2.71 3.82 20.36
CA TYR A 25 2.57 4.70 19.20
C TYR A 25 1.27 4.42 18.47
N ASP A 26 0.73 5.44 17.83
CA ASP A 26 -0.44 5.28 16.99
C ASP A 26 -0.33 6.20 15.78
N ILE A 27 -1.11 5.93 14.75
CA ILE A 27 -1.00 6.65 13.49
C ILE A 27 -1.70 8.00 13.55
N VAL A 28 -0.93 9.07 13.37
CA VAL A 28 -1.48 10.41 13.29
C VAL A 28 -1.83 10.75 11.86
N GLU A 29 -0.94 10.41 10.94
CA GLU A 29 -1.17 10.62 9.52
C GLU A 29 -0.43 9.56 8.72
N GLN A 30 -0.89 9.32 7.51
CA GLN A 30 -0.36 8.24 6.67
C GLN A 30 -0.72 8.48 5.20
N THR A 31 -0.40 7.52 4.35
CA THR A 31 -0.89 7.53 2.99
C THR A 31 -1.89 6.40 2.81
N GLU A 32 -3.16 6.71 3.06
CA GLU A 32 -4.19 5.70 3.20
C GLU A 32 -4.38 4.88 1.93
N THR A 33 -4.30 5.53 0.79
CA THR A 33 -4.54 4.85 -0.47
C THR A 33 -3.41 5.11 -1.46
N VAL A 34 -3.12 4.11 -2.28
CA VAL A 34 -2.11 4.21 -3.32
C VAL A 34 -2.61 3.66 -4.63
N GLN A 35 -2.16 4.23 -5.72
CA GLN A 35 -2.51 3.74 -7.05
C GLN A 35 -1.44 2.81 -7.58
N VAL A 36 -1.86 1.64 -8.01
CA VAL A 36 -0.96 0.63 -8.52
C VAL A 36 -1.38 0.19 -9.92
N ASP A 37 -0.49 0.36 -10.89
CA ASP A 37 -0.75 -0.03 -12.26
C ASP A 37 0.36 -0.95 -12.75
N LEU A 38 0.00 -1.96 -13.51
CA LEU A 38 0.97 -2.94 -13.97
C LEU A 38 1.09 -2.92 -15.49
N GLU A 39 2.28 -3.16 -15.99
CA GLU A 39 2.50 -3.30 -17.42
C GLU A 39 3.11 -4.65 -17.73
N GLY A 40 2.91 -5.11 -18.94
CA GLY A 40 3.47 -6.38 -19.37
C GLY A 40 2.53 -7.15 -20.28
N PRO A 41 2.74 -8.46 -20.43
CA PRO A 41 1.91 -9.32 -21.28
C PRO A 41 0.47 -9.41 -20.78
N ARG A 42 -0.47 -9.02 -21.63
CA ARG A 42 -1.88 -9.02 -21.27
C ARG A 42 -2.36 -10.43 -20.91
N GLY A 43 -1.73 -11.44 -21.52
CA GLY A 43 -2.06 -12.82 -21.18
C GLY A 43 -1.93 -13.07 -19.68
N VAL A 44 -0.80 -12.67 -19.11
CA VAL A 44 -0.58 -12.82 -17.67
C VAL A 44 -1.54 -11.94 -16.89
N LEU A 45 -1.72 -10.71 -17.38
CA LEU A 45 -2.61 -9.74 -16.76
C LEU A 45 -4.03 -10.28 -16.62
N THR A 46 -4.50 -10.95 -17.67
CA THR A 46 -5.86 -11.49 -17.70
C THR A 46 -6.02 -12.65 -16.71
N VAL A 47 -5.06 -13.57 -16.71
CA VAL A 47 -5.12 -14.73 -15.82
C VAL A 47 -5.14 -14.29 -14.35
N PHE A 48 -4.30 -13.32 -14.04
CA PHE A 48 -4.24 -12.77 -12.69
C PHE A 48 -5.56 -12.04 -12.36
N ARG A 49 -6.11 -11.39 -13.38
CA ARG A 49 -7.33 -10.62 -13.25
C ARG A 49 -8.53 -11.52 -12.91
N PHE A 50 -8.46 -12.79 -13.27
CA PHE A 50 -9.54 -13.74 -13.02
C PHE A 50 -9.67 -14.04 -11.53
N ALA A 51 -8.55 -14.00 -10.81
CA ALA A 51 -8.54 -14.33 -9.40
C ALA A 51 -8.92 -13.11 -8.57
N ARG A 52 -9.60 -13.36 -7.47
CA ARG A 52 -9.94 -12.30 -6.54
C ARG A 52 -8.67 -11.77 -5.87
N PRO A 53 -8.68 -10.51 -5.43
CA PRO A 53 -7.51 -9.88 -4.83
C PRO A 53 -6.79 -10.75 -3.81
N SER A 54 -5.52 -11.01 -4.07
CA SER A 54 -4.67 -11.76 -3.19
C SER A 54 -3.44 -10.94 -2.84
N TYR A 55 -3.52 -9.66 -3.17
CA TYR A 55 -2.41 -8.73 -2.96
C TYR A 55 -2.65 -7.84 -1.76
N GLU A 56 -1.57 -7.43 -1.13
CA GLU A 56 -1.63 -6.61 0.07
C GLU A 56 -0.50 -5.59 0.08
N VAL A 57 -0.77 -4.40 0.59
CA VAL A 57 0.24 -3.37 0.70
C VAL A 57 0.40 -2.96 2.16
N PHE A 58 1.62 -3.06 2.68
CA PHE A 58 1.85 -2.78 4.07
C PHE A 58 3.27 -2.28 4.31
N VAL A 59 3.46 -1.53 5.39
CA VAL A 59 4.78 -1.07 5.77
C VAL A 59 5.05 -1.43 7.23
N ASP A 60 6.23 -1.92 7.50
CA ASP A 60 6.62 -2.31 8.84
C ASP A 60 7.62 -1.32 9.43
N LEU A 61 7.20 -0.66 10.49
CA LEU A 61 8.03 0.33 11.17
C LEU A 61 7.85 0.18 12.68
N THR A 62 7.67 -1.05 13.10
CA THR A 62 7.38 -1.38 14.49
C THR A 62 8.49 -0.94 15.45
N GLU A 63 9.72 -0.85 14.96
CA GLU A 63 10.85 -0.48 15.80
C GLU A 63 11.20 1.00 15.66
N ALA A 64 10.38 1.74 14.91
CA ALA A 64 10.67 3.14 14.67
C ALA A 64 10.13 4.01 15.81
N GLY A 65 11.06 4.62 16.55
CA GLY A 65 10.69 5.51 17.62
C GLY A 65 11.27 6.88 17.39
N GLU A 66 10.52 7.71 16.71
CA GLU A 66 10.99 9.02 16.27
C GLU A 66 9.79 9.87 15.89
N GLY A 67 10.04 11.00 15.24
CA GLY A 67 8.95 11.82 14.73
C GLY A 67 8.43 11.26 13.44
N SER A 68 8.09 12.13 12.50
CA SER A 68 7.60 11.68 11.21
C SER A 68 8.74 11.04 10.45
N HIS A 69 8.45 9.89 9.89
CA HIS A 69 9.47 9.10 9.23
C HIS A 69 8.99 8.61 7.87
N THR A 70 9.87 8.68 6.89
CA THR A 70 9.51 8.35 5.52
C THR A 70 10.35 7.15 5.04
N VAL A 71 9.67 6.14 4.48
CA VAL A 71 10.35 4.94 3.99
C VAL A 71 9.78 4.48 2.64
N ASP A 72 10.49 3.56 2.01
CA ASP A 72 10.04 2.94 0.77
C ASP A 72 8.91 1.95 1.06
N VAL A 73 7.91 1.95 0.20
CA VAL A 73 6.73 1.11 0.42
C VAL A 73 6.89 -0.27 -0.23
N GLU A 74 6.91 -1.29 0.62
CA GLU A 74 7.02 -2.66 0.15
C GLU A 74 5.62 -3.25 -0.05
N HIS A 75 5.51 -4.21 -0.97
CA HIS A 75 4.21 -4.77 -1.33
C HIS A 75 4.24 -6.29 -1.36
N ARG A 76 3.10 -6.90 -1.09
CA ARG A 76 2.99 -8.35 -1.04
C ARG A 76 1.86 -8.84 -1.95
N GLY A 77 1.90 -10.10 -2.32
CA GLY A 77 0.84 -10.66 -3.13
C GLY A 77 1.31 -10.99 -4.53
N PHE A 78 1.26 -10.00 -5.42
CA PHE A 78 1.72 -10.18 -6.78
C PHE A 78 3.24 -10.12 -6.84
N PRO A 79 3.86 -10.92 -7.71
CA PRO A 79 5.31 -10.94 -7.88
C PRO A 79 5.79 -9.87 -8.85
N GLY A 80 7.10 -9.60 -8.82
CA GLY A 80 7.66 -8.59 -9.70
C GLY A 80 7.95 -9.14 -11.08
N ASP A 81 7.02 -9.93 -11.60
CA ASP A 81 7.15 -10.49 -12.95
C ASP A 81 6.76 -9.44 -13.97
N LEU A 82 5.76 -8.65 -13.62
CA LEU A 82 5.26 -7.60 -14.48
C LEU A 82 5.89 -6.28 -14.07
N ALA A 83 5.63 -5.22 -14.83
CA ALA A 83 6.14 -3.90 -14.48
C ALA A 83 5.24 -3.29 -13.41
N VAL A 84 5.80 -3.12 -12.22
CA VAL A 84 5.03 -2.67 -11.08
C VAL A 84 5.12 -1.16 -10.92
N THR A 85 3.99 -0.50 -11.07
CA THR A 85 3.94 0.94 -10.91
C THR A 85 3.06 1.30 -9.73
N VAL A 86 3.66 2.02 -8.81
CA VAL A 86 2.98 2.55 -7.64
C VAL A 86 3.32 4.00 -7.56
N GLU A 87 2.49 4.85 -7.00
CA GLU A 87 3.09 6.04 -6.51
C GLU A 87 2.51 6.64 -5.24
N PRO A 88 3.16 6.25 -4.16
CA PRO A 88 4.03 7.09 -3.40
C PRO A 88 5.42 6.48 -3.57
N ARG A 89 6.39 7.24 -3.94
CA ARG A 89 7.66 6.62 -4.28
C ARG A 89 8.51 6.53 -3.00
N MET A 90 8.08 7.31 -2.03
CA MET A 90 8.57 7.24 -0.67
C MET A 90 7.46 7.76 0.23
N ALA A 91 7.05 6.98 1.23
CA ALA A 91 5.85 7.33 1.98
C ALA A 91 6.14 7.55 3.45
N ARG A 92 5.42 8.50 4.03
CA ARG A 92 5.61 8.86 5.42
C ARG A 92 4.43 8.38 6.25
N VAL A 93 4.71 8.00 7.48
CA VAL A 93 3.68 7.69 8.45
C VAL A 93 4.07 8.29 9.80
N GLN A 94 3.14 9.00 10.42
CA GLN A 94 3.42 9.67 11.67
C GLN A 94 2.93 8.85 12.85
N LEU A 95 3.86 8.52 13.73
CA LEU A 95 3.54 7.78 14.93
C LEU A 95 3.78 8.67 16.14
N GLU A 96 2.76 8.82 16.96
CA GLU A 96 2.84 9.69 18.12
C GLU A 96 2.06 9.04 19.25
N GLU A 97 2.53 9.23 20.48
CA GLU A 97 1.85 8.71 21.66
C GLU A 97 0.42 9.27 21.72
N ARG A 98 -0.51 8.51 21.17
CA ARG A 98 -1.87 8.98 20.96
C ARG A 98 -2.78 7.79 20.72
N GLN A 99 -4.07 8.05 20.55
CA GLN A 99 -4.99 7.03 20.09
C GLN A 99 -6.03 7.65 19.17
N THR A 100 -6.09 7.16 17.95
CA THR A 100 -7.04 7.64 16.97
C THR A 100 -8.13 6.59 16.73
N VAL A 101 -8.93 6.77 15.68
CA VAL A 101 -9.96 5.81 15.34
C VAL A 101 -9.34 4.59 14.65
N SER A 102 -9.05 3.57 15.44
CA SER A 102 -8.47 2.35 14.91
C SER A 102 -9.54 1.53 14.19
N VAL A 103 -9.42 1.43 12.88
CA VAL A 103 -10.37 0.69 12.07
C VAL A 103 -9.83 -0.72 11.78
N PRO A 104 -10.52 -1.74 12.29
CA PRO A 104 -10.15 -3.14 12.06
C PRO A 104 -10.41 -3.56 10.61
N VAL A 105 -9.35 -3.67 9.83
CA VAL A 105 -9.45 -4.08 8.45
C VAL A 105 -8.81 -5.45 8.26
N THR A 106 -9.64 -6.45 7.96
CA THR A 106 -9.16 -7.80 7.79
C THR A 106 -10.19 -8.66 7.07
N VAL A 107 -9.68 -9.62 6.30
CA VAL A 107 -10.52 -10.61 5.63
C VAL A 107 -9.89 -11.99 5.80
N GLU A 108 -10.72 -13.01 5.94
CA GLU A 108 -10.21 -14.35 6.18
C GLU A 108 -9.99 -15.08 4.85
N MET A 109 -8.73 -15.38 4.58
CA MET A 109 -8.36 -16.07 3.36
C MET A 109 -8.14 -17.56 3.64
N ILE A 110 -9.11 -18.37 3.25
CA ILE A 110 -9.00 -19.80 3.43
C ILE A 110 -9.12 -20.52 2.10
N ASN A 111 -8.19 -21.44 1.86
CA ASN A 111 -8.19 -22.24 0.65
C ASN A 111 -7.51 -23.56 0.92
N LEU A 112 -8.13 -24.64 0.49
CA LEU A 112 -7.57 -25.97 0.69
C LEU A 112 -7.07 -26.57 -0.62
N GLU A 113 -7.25 -25.83 -1.71
CA GLU A 113 -6.79 -26.24 -3.04
C GLU A 113 -7.32 -27.62 -3.42
N HIS A 114 -6.63 -28.28 -4.33
CA HIS A 114 -7.02 -29.61 -4.74
C HIS A 114 -6.11 -30.64 -4.10
N HIS A 115 -6.69 -31.71 -3.59
CA HIS A 115 -5.93 -32.74 -2.89
C HIS A 115 -4.99 -33.47 -3.83
N HIS A 116 -3.86 -33.94 -3.29
CA HIS A 116 -2.84 -34.66 -4.05
C HIS A 116 -2.04 -33.66 -4.92
N HIS A 117 -2.33 -32.39 -4.72
CA HIS A 117 -1.59 -31.31 -5.36
C HIS A 117 -0.91 -30.47 -4.28
N HIS A 118 0.36 -30.78 -4.03
CA HIS A 118 1.09 -30.13 -2.95
C HIS A 118 2.58 -30.41 -3.11
N HIS A 119 3.40 -29.41 -2.80
CA HIS A 119 4.84 -29.59 -2.81
C HIS A 119 5.34 -29.75 -1.38
N MET A 1 -7.19 -12.00 -33.66
CA MET A 1 -6.62 -13.20 -33.00
C MET A 1 -5.21 -12.94 -32.45
N PRO A 2 -4.26 -12.41 -33.27
CA PRO A 2 -2.87 -12.18 -32.80
C PRO A 2 -2.79 -11.34 -31.53
N THR A 3 -3.16 -10.05 -31.64
CA THR A 3 -3.13 -9.07 -30.55
C THR A 3 -1.75 -8.97 -29.89
N PHE A 4 -1.14 -7.78 -29.97
CA PHE A 4 0.15 -7.53 -29.34
C PHE A 4 0.04 -7.81 -27.85
N ASP A 5 0.91 -8.69 -27.37
CA ASP A 5 0.78 -9.25 -26.03
C ASP A 5 1.43 -8.34 -24.99
N HIS A 6 0.99 -7.10 -24.96
CA HIS A 6 1.39 -6.15 -23.95
C HIS A 6 0.20 -5.29 -23.57
N GLY A 7 -0.13 -5.29 -22.30
CA GLY A 7 -1.30 -4.55 -21.86
C GLY A 7 -1.10 -3.96 -20.49
N ASN A 8 -2.18 -3.45 -19.92
CA ASN A 8 -2.15 -2.81 -18.62
C ASN A 8 -3.28 -3.35 -17.76
N LEU A 9 -3.08 -3.33 -16.46
CA LEU A 9 -4.09 -3.73 -15.51
C LEU A 9 -3.93 -2.92 -14.23
N SER A 10 -4.99 -2.25 -13.83
CA SER A 10 -4.93 -1.34 -12.69
C SER A 10 -5.48 -2.03 -11.45
N LEU A 11 -4.71 -2.00 -10.37
CA LEU A 11 -5.13 -2.63 -9.12
C LEU A 11 -6.01 -1.68 -8.31
N GLY A 12 -5.77 -0.38 -8.50
CA GLY A 12 -6.58 0.64 -7.84
C GLY A 12 -5.82 1.34 -6.72
N GLU A 13 -6.53 2.11 -5.92
CA GLU A 13 -5.93 2.78 -4.77
C GLU A 13 -5.84 1.82 -3.59
N LEU A 14 -4.62 1.50 -3.20
CA LEU A 14 -4.41 0.66 -2.05
C LEU A 14 -4.13 1.51 -0.82
N GLU A 15 -4.83 1.22 0.25
CA GLU A 15 -4.63 1.90 1.52
C GLU A 15 -3.40 1.33 2.21
N LEU A 16 -2.52 2.21 2.67
CA LEU A 16 -1.22 1.80 3.17
C LEU A 16 -1.32 1.33 4.62
N THR A 17 -1.03 0.07 4.84
CA THR A 17 -1.10 -0.51 6.17
C THR A 17 0.25 -0.36 6.88
N VAL A 18 0.23 0.29 8.04
CA VAL A 18 1.45 0.50 8.80
C VAL A 18 1.47 -0.40 10.03
N LEU A 19 2.52 -1.19 10.16
CA LEU A 19 2.68 -2.06 11.31
C LEU A 19 3.40 -1.32 12.42
N TYR A 20 2.74 -1.15 13.55
CA TYR A 20 3.30 -0.41 14.67
C TYR A 20 2.96 -1.09 15.99
N ASP A 21 2.14 -2.13 15.90
CA ASP A 21 1.71 -2.90 17.06
C ASP A 21 0.97 -2.01 18.07
N GLU A 22 0.97 -2.42 19.31
CA GLU A 22 0.33 -1.67 20.38
C GLU A 22 1.40 -1.24 21.37
N GLU A 23 2.60 -1.02 20.85
CA GLU A 23 3.77 -0.70 21.66
C GLU A 23 3.48 0.42 22.64
N ARG A 24 3.34 1.63 22.11
CA ARG A 24 3.06 2.80 22.93
C ARG A 24 2.67 4.00 22.06
N TYR A 25 2.43 3.73 20.80
CA TYR A 25 2.19 4.80 19.83
C TYR A 25 0.96 4.48 19.01
N ASP A 26 0.42 5.50 18.36
CA ASP A 26 -0.67 5.33 17.41
C ASP A 26 -0.44 6.20 16.19
N ILE A 27 -1.11 5.88 15.10
CA ILE A 27 -0.91 6.57 13.84
C ILE A 27 -1.68 7.88 13.78
N VAL A 28 -0.96 8.99 13.90
CA VAL A 28 -1.57 10.31 13.79
C VAL A 28 -1.72 10.69 12.33
N GLU A 29 -0.66 10.50 11.56
CA GLU A 29 -0.68 10.79 10.14
C GLU A 29 -0.07 9.64 9.36
N GLN A 30 -0.46 9.49 8.11
CA GLN A 30 0.02 8.39 7.29
C GLN A 30 -0.16 8.70 5.81
N THR A 31 0.13 7.72 4.97
CA THR A 31 -0.14 7.85 3.54
C THR A 31 -1.46 7.17 3.22
N GLU A 32 -2.47 7.98 2.88
CA GLU A 32 -3.83 7.49 2.67
C GLU A 32 -3.89 6.35 1.66
N THR A 33 -3.60 6.67 0.40
CA THR A 33 -3.67 5.67 -0.65
C THR A 33 -2.51 5.79 -1.63
N VAL A 34 -2.12 4.66 -2.21
CA VAL A 34 -1.12 4.64 -3.27
C VAL A 34 -1.70 3.95 -4.50
N GLN A 35 -1.23 4.37 -5.67
CA GLN A 35 -1.71 3.80 -6.92
C GLN A 35 -0.70 2.81 -7.46
N VAL A 36 -1.14 1.58 -7.65
CA VAL A 36 -0.30 0.56 -8.24
C VAL A 36 -0.92 0.06 -9.54
N ASP A 37 -0.14 0.10 -10.59
CA ASP A 37 -0.61 -0.26 -11.92
C ASP A 37 0.33 -1.29 -12.54
N LEU A 38 -0.22 -2.28 -13.22
CA LEU A 38 0.60 -3.38 -13.72
C LEU A 38 0.63 -3.40 -15.25
N GLU A 39 1.80 -3.69 -15.78
CA GLU A 39 1.97 -3.89 -17.22
C GLU A 39 2.54 -5.24 -17.49
N GLY A 40 2.50 -5.64 -18.75
CA GLY A 40 3.10 -6.89 -19.15
C GLY A 40 2.26 -7.65 -20.16
N PRO A 41 2.45 -8.97 -20.23
CA PRO A 41 1.72 -9.83 -21.18
C PRO A 41 0.24 -9.89 -20.88
N ARG A 42 -0.57 -9.64 -21.89
CA ARG A 42 -2.02 -9.63 -21.75
C ARG A 42 -2.53 -11.00 -21.33
N GLY A 43 -1.86 -12.04 -21.80
CA GLY A 43 -2.22 -13.40 -21.42
C GLY A 43 -2.09 -13.61 -19.92
N VAL A 44 -0.95 -13.22 -19.37
CA VAL A 44 -0.69 -13.36 -17.93
C VAL A 44 -1.68 -12.51 -17.14
N LEU A 45 -1.91 -11.29 -17.61
CA LEU A 45 -2.84 -10.38 -16.95
C LEU A 45 -4.23 -11.01 -16.87
N THR A 46 -4.63 -11.74 -17.90
CA THR A 46 -5.94 -12.38 -17.94
C THR A 46 -6.05 -13.46 -16.87
N VAL A 47 -4.97 -14.21 -16.65
CA VAL A 47 -4.93 -15.21 -15.60
C VAL A 47 -5.10 -14.54 -14.24
N PHE A 48 -4.49 -13.36 -14.10
CA PHE A 48 -4.57 -12.57 -12.88
C PHE A 48 -5.98 -12.00 -12.72
N ARG A 49 -6.65 -11.78 -13.84
CA ARG A 49 -8.00 -11.24 -13.85
C ARG A 49 -8.98 -12.17 -13.12
N PHE A 50 -8.80 -13.47 -13.31
CA PHE A 50 -9.68 -14.45 -12.71
C PHE A 50 -9.38 -14.63 -11.23
N ALA A 51 -8.12 -14.46 -10.86
CA ALA A 51 -7.72 -14.59 -9.48
C ALA A 51 -8.07 -13.31 -8.71
N ARG A 52 -8.93 -13.46 -7.70
CA ARG A 52 -9.38 -12.32 -6.92
C ARG A 52 -8.23 -11.63 -6.20
N PRO A 53 -8.40 -10.33 -5.91
CA PRO A 53 -7.35 -9.49 -5.32
C PRO A 53 -6.69 -10.09 -4.08
N SER A 54 -5.37 -10.21 -4.15
CA SER A 54 -4.57 -10.63 -3.04
C SER A 54 -3.38 -9.68 -2.87
N TYR A 55 -3.43 -8.56 -3.59
CA TYR A 55 -2.37 -7.58 -3.55
C TYR A 55 -2.47 -6.71 -2.31
N GLU A 56 -1.36 -6.53 -1.64
CA GLU A 56 -1.34 -5.85 -0.35
C GLU A 56 -0.07 -5.00 -0.23
N VAL A 57 -0.20 -3.85 0.42
CA VAL A 57 0.93 -2.95 0.65
C VAL A 57 1.02 -2.56 2.12
N PHE A 58 2.20 -2.68 2.70
CA PHE A 58 2.37 -2.41 4.12
C PHE A 58 3.81 -1.99 4.42
N VAL A 59 3.99 -1.35 5.56
CA VAL A 59 5.33 -0.99 6.04
C VAL A 59 5.45 -1.33 7.53
N ASP A 60 6.57 -1.95 7.90
CA ASP A 60 6.80 -2.30 9.31
C ASP A 60 7.68 -1.25 9.96
N LEU A 61 7.13 -0.56 10.94
CA LEU A 61 7.87 0.45 11.66
C LEU A 61 7.60 0.31 13.15
N THR A 62 7.52 -0.94 13.60
CA THR A 62 7.31 -1.28 15.00
C THR A 62 8.50 -0.82 15.85
N GLU A 63 9.64 -0.61 15.21
CA GLU A 63 10.85 -0.21 15.90
C GLU A 63 11.04 1.31 15.88
N ALA A 64 10.04 2.03 15.39
CA ALA A 64 10.10 3.48 15.36
C ALA A 64 9.62 4.07 16.69
N GLY A 65 9.80 5.37 16.86
CA GLY A 65 9.39 6.01 18.09
C GLY A 65 8.38 7.11 17.86
N GLU A 66 8.79 8.35 18.08
CA GLU A 66 7.91 9.49 17.89
C GLU A 66 8.25 10.21 16.59
N GLY A 67 7.24 10.85 16.01
CA GLY A 67 7.44 11.59 14.80
C GLY A 67 7.07 10.79 13.57
N SER A 68 7.18 11.42 12.42
CA SER A 68 6.90 10.76 11.17
C SER A 68 8.18 10.23 10.56
N HIS A 69 8.10 9.06 9.99
CA HIS A 69 9.26 8.43 9.34
C HIS A 69 8.87 7.91 7.97
N THR A 70 9.63 8.31 6.95
CA THR A 70 9.36 7.86 5.59
C THR A 70 10.21 6.65 5.24
N VAL A 71 9.57 5.61 4.73
CA VAL A 71 10.28 4.42 4.28
C VAL A 71 9.79 4.00 2.90
N ASP A 72 10.53 3.11 2.26
CA ASP A 72 10.16 2.63 0.92
C ASP A 72 9.10 1.55 1.04
N VAL A 73 8.13 1.57 0.15
CA VAL A 73 6.96 0.69 0.27
C VAL A 73 7.20 -0.64 -0.46
N GLU A 74 7.21 -1.72 0.32
CA GLU A 74 7.25 -3.07 -0.23
C GLU A 74 5.82 -3.57 -0.42
N HIS A 75 5.64 -4.45 -1.39
CA HIS A 75 4.29 -4.92 -1.74
C HIS A 75 4.34 -6.37 -2.19
N ARG A 76 3.25 -7.09 -1.95
CA ARG A 76 3.16 -8.49 -2.34
C ARG A 76 1.74 -8.80 -2.82
N GLY A 77 1.57 -9.93 -3.51
CA GLY A 77 0.28 -10.29 -4.05
C GLY A 77 0.36 -10.51 -5.55
N PHE A 78 1.24 -9.75 -6.18
CA PHE A 78 1.55 -9.94 -7.58
C PHE A 78 3.04 -10.26 -7.72
N PRO A 79 3.41 -11.14 -8.67
CA PRO A 79 4.80 -11.55 -8.85
C PRO A 79 5.64 -10.48 -9.56
N GLY A 80 6.96 -10.60 -9.46
CA GLY A 80 7.85 -9.65 -10.09
C GLY A 80 8.00 -9.91 -11.58
N ASP A 81 7.13 -10.75 -12.11
CA ASP A 81 7.11 -11.06 -13.52
C ASP A 81 6.50 -9.91 -14.30
N LEU A 82 5.58 -9.20 -13.66
CA LEU A 82 4.90 -8.09 -14.27
C LEU A 82 5.62 -6.77 -14.00
N ALA A 83 5.33 -5.77 -14.82
CA ALA A 83 5.93 -4.45 -14.63
C ALA A 83 5.03 -3.60 -13.74
N VAL A 84 5.60 -2.99 -12.72
CA VAL A 84 4.81 -2.26 -11.73
C VAL A 84 5.03 -0.76 -11.82
N THR A 85 3.94 -0.02 -11.96
CA THR A 85 3.98 1.43 -11.87
C THR A 85 3.47 1.84 -10.50
N VAL A 86 4.14 2.78 -9.86
CA VAL A 86 3.81 3.12 -8.49
C VAL A 86 3.60 4.62 -8.32
N GLU A 87 2.53 4.97 -7.64
CA GLU A 87 2.28 6.31 -7.20
C GLU A 87 2.57 6.35 -5.72
N PRO A 88 2.98 7.50 -5.20
CA PRO A 88 4.04 7.65 -4.22
C PRO A 88 4.60 6.34 -3.65
N ARG A 89 5.92 6.27 -3.70
CA ARG A 89 6.64 5.02 -3.52
C ARG A 89 7.21 4.91 -2.13
N MET A 90 7.36 6.05 -1.51
CA MET A 90 7.83 6.11 -0.14
C MET A 90 6.72 6.63 0.74
N ALA A 91 6.53 6.01 1.88
CA ALA A 91 5.39 6.33 2.73
C ALA A 91 5.85 6.83 4.08
N ARG A 92 5.28 7.94 4.51
CA ARG A 92 5.57 8.52 5.80
C ARG A 92 4.41 8.29 6.74
N VAL A 93 4.72 7.76 7.91
CA VAL A 93 3.73 7.59 8.95
C VAL A 93 4.20 8.30 10.21
N GLN A 94 3.30 8.97 10.90
CA GLN A 94 3.65 9.67 12.12
C GLN A 94 3.19 8.88 13.33
N LEU A 95 4.13 8.51 14.18
CA LEU A 95 3.81 7.81 15.39
C LEU A 95 3.95 8.74 16.58
N GLU A 96 2.96 8.72 17.45
CA GLU A 96 2.94 9.59 18.60
C GLU A 96 2.62 8.77 19.84
N GLU A 97 3.22 9.12 20.99
CA GLU A 97 3.00 8.39 22.23
C GLU A 97 1.60 8.71 22.80
N ARG A 98 0.66 8.87 21.90
CA ARG A 98 -0.72 9.13 22.24
C ARG A 98 -1.61 8.39 21.28
N GLN A 99 -2.71 7.88 21.78
CA GLN A 99 -3.59 7.06 20.98
C GLN A 99 -4.76 7.89 20.44
N THR A 100 -5.02 7.75 19.15
CA THR A 100 -6.11 8.46 18.52
C THR A 100 -7.30 7.53 18.31
N VAL A 101 -7.14 6.66 17.34
CA VAL A 101 -8.18 5.71 16.95
C VAL A 101 -7.75 4.98 15.67
N SER A 102 -7.98 3.67 15.65
CA SER A 102 -7.68 2.87 14.48
C SER A 102 -8.82 1.92 14.19
N VAL A 103 -9.47 2.12 13.05
CA VAL A 103 -10.61 1.28 12.67
C VAL A 103 -10.37 0.59 11.32
N PRO A 104 -10.09 -0.72 11.36
CA PRO A 104 -9.90 -1.53 10.18
C PRO A 104 -11.20 -2.22 9.75
N VAL A 105 -11.80 -1.70 8.69
CA VAL A 105 -13.02 -2.30 8.17
C VAL A 105 -12.70 -3.11 6.91
N THR A 106 -12.99 -4.41 6.97
CA THR A 106 -12.71 -5.29 5.86
C THR A 106 -13.85 -5.28 4.85
N VAL A 107 -13.62 -4.63 3.73
CA VAL A 107 -14.60 -4.51 2.66
C VAL A 107 -14.17 -5.37 1.47
N GLU A 108 -15.11 -6.03 0.83
CA GLU A 108 -14.80 -6.89 -0.30
C GLU A 108 -14.79 -6.09 -1.60
N MET A 109 -13.67 -6.15 -2.31
CA MET A 109 -13.51 -5.45 -3.57
C MET A 109 -13.62 -6.43 -4.74
N ILE A 110 -14.63 -6.26 -5.57
CA ILE A 110 -14.83 -7.11 -6.73
C ILE A 110 -14.02 -6.60 -7.92
N ASN A 111 -13.98 -7.38 -8.99
CA ASN A 111 -13.25 -6.99 -10.18
C ASN A 111 -14.21 -6.44 -11.24
N LEU A 112 -14.27 -5.13 -11.35
CA LEU A 112 -15.16 -4.49 -12.30
C LEU A 112 -14.35 -4.03 -13.52
N GLU A 113 -13.37 -3.16 -13.26
CA GLU A 113 -12.46 -2.66 -14.30
C GLU A 113 -13.13 -1.71 -15.29
N HIS A 114 -12.51 -0.55 -15.49
CA HIS A 114 -12.94 0.40 -16.50
C HIS A 114 -11.77 0.77 -17.38
N HIS A 115 -11.64 0.10 -18.53
CA HIS A 115 -10.53 0.36 -19.43
C HIS A 115 -10.97 1.32 -20.53
N HIS A 116 -10.86 2.61 -20.22
CA HIS A 116 -11.19 3.67 -21.16
C HIS A 116 -9.97 3.93 -22.05
N HIS A 117 -8.96 4.57 -21.45
CA HIS A 117 -7.65 4.71 -22.05
C HIS A 117 -6.63 4.80 -20.93
N HIS A 118 -5.43 4.31 -21.17
CA HIS A 118 -4.44 4.23 -20.11
C HIS A 118 -3.03 4.07 -20.69
N HIS A 119 -2.19 5.04 -20.44
CA HIS A 119 -0.79 4.98 -20.84
C HIS A 119 0.04 5.94 -19.99
#